data_5X2Z
#
_entry.id   5X2Z
#
_cell.length_a   154.045
_cell.length_b   153.290
_cell.length_c   80.584
_cell.angle_alpha   90.00
_cell.angle_beta   90.00
_cell.angle_gamma   90.00
#
_symmetry.space_group_name_H-M   'P 21 21 2'
#
loop_
_entity.id
_entity.type
_entity.pdbx_description
1 polymer 'L-methionine gamma-lyase'
2 non-polymer '(2E)-2-[({3-hydroxy-2-methyl-5-[(phosphonooxy)methyl]pyridin-4-yl}methyl)amino]-4-(methylsulfanyl)but-2-enoic acid'
3 water water
#
_entity_poly.entity_id   1
_entity_poly.type   'polypeptide(L)'
_entity_poly.pdbx_seq_one_letter_code
;MHGSNKLPGFATRAIHHGYDPQDHGGALVPPVYQTATFTFPTVEYGAACFAGEQAGHFYSRISNPTLNLLEARMASLEGG
EAGLALASGMGAITSTLWTLLRPGDEVLLGNTLYGHTFAFLHHGIGEFGVKLRHVDMADLQALEAAMTPATRVIYFESPA
NPNMHMADIAGVAKIARKHGATVVVDNTYCTPYLQRPLELGADLVVHSATKYLSGHGDITAGIVVGSQALVDRIRLQGLK
DMTGAVLSPHDAALLMRGIKTLNLRMDRHCANAQVLAEFLARQPQVELIHYPGLASFPQYTLARQQMSQPGGMIAFELKG
GIGAGRRFMNALQLFSRAVSLGDAESLAQHPASMTHSSYTPEERAHYGISEGLVRLSVGLEDIDDLLADVQQALKASA
;
_entity_poly.pdbx_strand_id   A,B,C,D
#
loop_
_chem_comp.id
_chem_comp.type
_chem_comp.name
_chem_comp.formula
3LM non-polymer '(2E)-2-[({3-hydroxy-2-methyl-5-[(phosphonooxy)methyl]pyridin-4-yl}methyl)amino]-4-(methylsulfanyl)but-2-enoic acid' 'C13 H19 N2 O7 P S'
#
# COMPACT_ATOMS: atom_id res chain seq x y z
N LEU A 7 -25.29 4.79 24.09
CA LEU A 7 -24.63 5.08 22.79
C LEU A 7 -23.18 5.53 23.02
N PRO A 8 -22.19 4.74 22.52
CA PRO A 8 -20.78 5.10 22.70
C PRO A 8 -20.45 6.50 22.17
N GLY A 9 -19.44 7.14 22.73
CA GLY A 9 -19.06 8.50 22.33
C GLY A 9 -18.46 8.54 20.94
N PHE A 10 -18.32 9.74 20.41
CA PHE A 10 -17.83 9.96 19.04
C PHE A 10 -16.46 9.30 18.80
N ALA A 11 -15.53 9.50 19.74
CA ALA A 11 -14.17 8.98 19.57
C ALA A 11 -14.19 7.45 19.59
N THR A 12 -15.02 6.88 20.46
CA THR A 12 -15.17 5.45 20.53
C THR A 12 -15.68 4.87 19.20
N ARG A 13 -16.67 5.53 18.62
CA ARG A 13 -17.29 5.05 17.40
C ARG A 13 -16.35 5.24 16.21
N ALA A 14 -15.59 6.33 16.21
CA ALA A 14 -14.62 6.60 15.13
C ALA A 14 -13.53 5.51 15.09
N ILE A 15 -13.29 4.86 16.23
CA ILE A 15 -12.28 3.83 16.36
C ILE A 15 -12.86 2.43 16.10
N HIS A 16 -14.06 2.16 16.61
CA HIS A 16 -14.60 0.81 16.70
C HIS A 16 -15.83 0.52 15.88
N HIS A 17 -16.60 1.52 15.47
CA HIS A 17 -17.97 1.22 15.02
C HIS A 17 -17.95 0.30 13.80
N GLY A 18 -18.75 -0.76 13.88
CA GLY A 18 -18.97 -1.68 12.79
C GLY A 18 -17.99 -2.83 12.68
N TYR A 19 -17.09 -2.99 13.65
CA TYR A 19 -16.04 -3.99 13.59
C TYR A 19 -15.75 -4.62 14.94
N ASP A 20 -15.81 -5.96 14.98
CA ASP A 20 -15.38 -6.76 16.11
C ASP A 20 -14.25 -7.67 15.62
N PRO A 21 -13.05 -7.58 16.22
CA PRO A 21 -11.91 -8.42 15.83
C PRO A 21 -12.22 -9.93 15.81
N GLN A 22 -13.07 -10.39 16.72
CA GLN A 22 -13.47 -11.79 16.83
C GLN A 22 -14.08 -12.39 15.55
N ASP A 23 -14.59 -11.55 14.63
CA ASP A 23 -15.16 -12.03 13.36
C ASP A 23 -14.16 -12.15 12.21
N HIS A 24 -12.92 -11.67 12.39
CA HIS A 24 -11.90 -11.72 11.34
C HIS A 24 -10.60 -12.29 11.90
N GLY A 25 -10.74 -13.41 12.62
CA GLY A 25 -9.61 -14.14 13.17
C GLY A 25 -8.85 -13.38 14.24
N GLY A 26 -9.53 -12.47 14.93
CA GLY A 26 -8.92 -11.64 15.95
C GLY A 26 -8.11 -10.46 15.44
N ALA A 27 -8.12 -10.18 14.13
CA ALA A 27 -7.28 -9.10 13.60
C ALA A 27 -7.75 -7.80 14.27
N LEU A 28 -6.84 -7.13 14.96
CA LEU A 28 -7.21 -5.89 15.64
C LEU A 28 -7.59 -4.81 14.62
N VAL A 29 -6.76 -4.67 13.58
CA VAL A 29 -7.02 -3.78 12.45
C VAL A 29 -7.70 -4.66 11.39
N PRO A 30 -8.84 -4.21 10.83
CA PRO A 30 -9.54 -5.04 9.84
C PRO A 30 -8.60 -5.28 8.61
N PRO A 31 -8.56 -6.50 8.05
CA PRO A 31 -7.74 -6.69 6.85
C PRO A 31 -8.24 -5.87 5.67
N VAL A 32 -7.34 -5.49 4.78
CA VAL A 32 -7.70 -4.65 3.62
C VAL A 32 -8.08 -5.53 2.45
N TYR A 33 -9.35 -5.44 2.02
CA TYR A 33 -9.86 -6.22 0.90
C TYR A 33 -9.51 -5.59 -0.44
N GLN A 34 -8.25 -5.73 -0.85
CA GLN A 34 -7.74 -5.19 -2.10
C GLN A 34 -7.95 -6.27 -3.15
N THR A 35 -9.21 -6.40 -3.57
CA THR A 35 -9.66 -7.39 -4.52
C THR A 35 -10.74 -6.70 -5.35
N ALA A 36 -10.66 -6.82 -6.67
CA ALA A 36 -11.65 -6.22 -7.55
C ALA A 36 -12.93 -7.02 -7.53
N THR A 37 -12.87 -8.30 -7.21
CA THR A 37 -14.09 -9.07 -7.25
C THR A 37 -14.16 -10.15 -6.19
N PHE A 38 -15.39 -10.62 -5.99
CA PHE A 38 -15.74 -11.66 -5.04
C PHE A 38 -16.43 -12.78 -5.81
N THR A 39 -16.19 -14.02 -5.38
CA THR A 39 -16.75 -15.22 -6.02
C THR A 39 -17.99 -15.69 -5.29
N PHE A 40 -18.75 -16.56 -5.95
CA PHE A 40 -20.03 -17.08 -5.42
C PHE A 40 -19.92 -18.57 -5.17
N PRO A 41 -20.55 -19.07 -4.09
CA PRO A 41 -20.59 -20.54 -3.90
C PRO A 41 -21.38 -21.27 -5.00
N THR A 42 -22.45 -20.63 -5.49
CA THR A 42 -23.25 -21.12 -6.61
C THR A 42 -23.63 -19.95 -7.48
N VAL A 43 -24.08 -20.21 -8.70
CA VAL A 43 -24.47 -19.13 -9.61
C VAL A 43 -25.86 -18.62 -9.24
N GLU A 44 -26.66 -19.48 -8.61
CA GLU A 44 -27.97 -19.06 -8.07
C GLU A 44 -27.77 -18.01 -6.98
N TYR A 45 -26.78 -18.25 -6.11
CA TYR A 45 -26.36 -17.24 -5.13
C TYR A 45 -25.92 -15.93 -5.82
N GLY A 46 -25.07 -16.04 -6.85
CA GLY A 46 -24.65 -14.87 -7.65
C GLY A 46 -25.80 -14.13 -8.33
N ALA A 47 -26.68 -14.88 -8.98
CA ALA A 47 -27.87 -14.33 -9.64
C ALA A 47 -28.75 -13.57 -8.65
N ALA A 48 -28.90 -14.12 -7.44
CA ALA A 48 -29.68 -13.49 -6.37
C ALA A 48 -29.11 -12.14 -5.95
N CYS A 49 -27.77 -12.04 -5.87
CA CYS A 49 -27.11 -10.75 -5.57
C CYS A 49 -27.42 -9.67 -6.62
N PHE A 50 -27.22 -10.00 -7.89
CA PHE A 50 -27.54 -9.06 -8.97
C PHE A 50 -29.05 -8.76 -9.10
N ALA A 51 -29.89 -9.75 -8.83
CA ALA A 51 -31.36 -9.56 -8.80
C ALA A 51 -31.77 -8.55 -7.72
N GLY A 52 -31.12 -8.62 -6.57
CA GLY A 52 -31.35 -7.66 -5.49
C GLY A 52 -31.15 -6.21 -5.91
N GLU A 53 -30.01 -5.92 -6.53
CA GLU A 53 -29.66 -4.54 -6.92
C GLU A 53 -30.43 -4.05 -8.16
N GLN A 54 -30.87 -4.96 -9.03
CA GLN A 54 -31.85 -4.59 -10.08
C GLN A 54 -33.19 -4.15 -9.49
N ALA A 55 -33.62 -4.81 -8.42
CA ALA A 55 -34.83 -4.43 -7.66
C ALA A 55 -34.65 -3.14 -6.82
N GLY A 56 -33.40 -2.68 -6.67
CA GLY A 56 -33.08 -1.42 -5.96
C GLY A 56 -32.36 -1.59 -4.62
N HIS A 57 -32.13 -2.84 -4.20
CA HIS A 57 -31.57 -3.15 -2.88
C HIS A 57 -30.06 -3.38 -2.95
N PHE A 58 -29.35 -2.94 -1.90
CA PHE A 58 -27.90 -3.14 -1.77
C PHE A 58 -27.66 -4.35 -0.84
N TYR A 59 -26.66 -5.18 -1.16
CA TYR A 59 -26.26 -6.34 -0.34
C TYR A 59 -24.77 -6.27 0.07
N SER A 60 -24.43 -6.83 1.22
CA SER A 60 -23.06 -6.79 1.77
C SER A 60 -22.07 -7.68 1.01
N ARG A 61 -22.48 -8.89 0.65
CA ARG A 61 -21.72 -9.71 -0.31
C ARG A 61 -21.92 -9.14 -1.71
N ILE A 62 -20.86 -9.22 -2.53
CA ILE A 62 -20.70 -8.50 -3.81
C ILE A 62 -20.43 -7.00 -3.59
N SER A 63 -20.14 -6.64 -2.33
CA SER A 63 -19.56 -5.34 -2.01
C SER A 63 -18.39 -5.55 -1.05
N ASN A 64 -17.49 -4.62 -1.12
CA ASN A 64 -16.21 -4.77 -0.48
C ASN A 64 -16.28 -4.49 1.03
N PRO A 65 -15.84 -5.42 1.90
CA PRO A 65 -15.93 -5.15 3.34
C PRO A 65 -15.14 -3.94 3.88
N THR A 66 -14.04 -3.58 3.25
CA THR A 66 -13.28 -2.39 3.65
C THR A 66 -14.10 -1.11 3.39
N LEU A 67 -14.69 -1.04 2.21
CA LEU A 67 -15.54 0.08 1.81
C LEU A 67 -16.79 0.12 2.69
N ASN A 68 -17.38 -1.04 2.89
CA ASN A 68 -18.59 -1.12 3.71
C ASN A 68 -18.36 -0.67 5.15
N LEU A 69 -17.20 -1.01 5.72
CA LEU A 69 -16.90 -0.57 7.08
C LEU A 69 -16.73 0.96 7.16
N LEU A 70 -16.00 1.53 6.20
CA LEU A 70 -15.80 2.96 6.13
C LEU A 70 -17.17 3.66 6.03
N GLU A 71 -18.03 3.09 5.21
CA GLU A 71 -19.38 3.65 5.00
C GLU A 71 -20.21 3.63 6.28
N ALA A 72 -20.18 2.49 6.96
CA ALA A 72 -20.94 2.31 8.20
C ALA A 72 -20.43 3.25 9.28
N ARG A 73 -19.13 3.44 9.33
CA ARG A 73 -18.53 4.27 10.32
C ARG A 73 -18.85 5.75 10.05
N MET A 74 -18.74 6.18 8.80
CA MET A 74 -19.13 7.53 8.45
C MET A 74 -20.63 7.79 8.70
N ALA A 75 -21.48 6.82 8.39
CA ALA A 75 -22.92 6.92 8.67
C ALA A 75 -23.19 7.13 10.18
N SER A 76 -22.50 6.35 11.02
CA SER A 76 -22.56 6.53 12.46
C SER A 76 -22.12 7.91 12.94
N LEU A 77 -21.00 8.42 12.42
CA LEU A 77 -20.51 9.70 12.86
C LEU A 77 -21.44 10.85 12.43
N GLU A 78 -22.00 10.80 11.23
CA GLU A 78 -22.97 11.83 10.80
C GLU A 78 -24.40 11.60 11.34
N GLY A 79 -24.67 10.45 11.94
CA GLY A 79 -26.00 10.13 12.45
C GLY A 79 -26.96 9.80 11.34
N GLY A 80 -26.47 9.25 10.23
CA GLY A 80 -27.29 8.83 9.10
C GLY A 80 -27.49 7.33 9.05
N GLU A 81 -28.42 6.90 8.21
CA GLU A 81 -28.73 5.48 8.04
C GLU A 81 -27.67 4.74 7.22
N ALA A 82 -27.13 5.40 6.21
CA ALA A 82 -26.31 4.71 5.22
C ALA A 82 -25.23 5.61 4.67
N GLY A 83 -24.11 4.99 4.31
CA GLY A 83 -22.98 5.71 3.76
C GLY A 83 -22.51 5.11 2.45
N LEU A 84 -21.83 5.92 1.65
CA LEU A 84 -21.27 5.51 0.38
C LEU A 84 -19.89 6.17 0.23
N ALA A 85 -18.89 5.37 -0.17
CA ALA A 85 -17.53 5.86 -0.35
C ALA A 85 -17.25 5.92 -1.83
N LEU A 86 -16.62 7.01 -2.25
CA LEU A 86 -16.30 7.29 -3.65
C LEU A 86 -14.86 7.78 -3.82
N ALA A 87 -14.42 7.86 -5.07
CA ALA A 87 -13.01 8.17 -5.38
C ALA A 87 -12.59 9.59 -5.06
N SER A 88 -13.55 10.50 -4.87
CA SER A 88 -13.24 11.90 -4.58
C SER A 88 -14.48 12.61 -4.08
N GLY A 89 -14.27 13.79 -3.52
CA GLY A 89 -15.39 14.68 -3.20
C GLY A 89 -16.27 14.98 -4.40
N MET A 90 -15.65 15.28 -5.55
CA MET A 90 -16.42 15.51 -6.77
C MET A 90 -17.17 14.26 -7.20
N GLY A 91 -16.59 13.09 -6.97
CA GLY A 91 -17.33 11.85 -7.15
C GLY A 91 -18.61 11.73 -6.31
N ALA A 92 -18.52 12.16 -5.06
CA ALA A 92 -19.68 12.18 -4.15
C ALA A 92 -20.78 13.12 -4.67
N ILE A 93 -20.35 14.31 -5.06
CA ILE A 93 -21.23 15.39 -5.50
C ILE A 93 -21.90 15.03 -6.82
N THR A 94 -21.10 14.61 -7.80
CA THR A 94 -21.65 14.25 -9.11
C THR A 94 -22.54 13.01 -9.07
N SER A 95 -22.08 11.94 -8.38
CA SER A 95 -22.90 10.76 -8.25
C SER A 95 -24.26 11.08 -7.62
N THR A 96 -24.25 11.99 -6.67
CA THR A 96 -25.47 12.38 -5.96
C THR A 96 -26.42 13.14 -6.90
N LEU A 97 -25.91 14.19 -7.54
CA LEU A 97 -26.75 15.08 -8.35
C LEU A 97 -27.18 14.45 -9.67
N TRP A 98 -26.32 13.62 -10.28
CA TRP A 98 -26.71 12.84 -11.45
C TRP A 98 -27.84 11.88 -11.15
N THR A 99 -27.91 11.34 -9.94
CA THR A 99 -28.98 10.43 -9.55
C THR A 99 -30.29 11.18 -9.33
N LEU A 100 -30.22 12.32 -8.64
CA LEU A 100 -31.41 13.02 -8.13
C LEU A 100 -32.07 13.95 -9.13
N LEU A 101 -31.35 14.35 -10.19
CA LEU A 101 -31.86 15.32 -11.16
C LEU A 101 -32.05 14.77 -12.57
N ARG A 102 -33.03 15.33 -13.27
CA ARG A 102 -33.33 15.01 -14.66
C ARG A 102 -33.75 16.30 -15.41
N PRO A 103 -33.74 16.27 -16.75
CA PRO A 103 -34.08 17.49 -17.49
C PRO A 103 -35.44 18.08 -17.08
N GLY A 104 -35.49 19.38 -16.84
CA GLY A 104 -36.73 20.01 -16.36
C GLY A 104 -36.82 20.15 -14.85
N ASP A 105 -36.00 19.40 -14.10
CA ASP A 105 -35.88 19.65 -12.67
C ASP A 105 -35.08 20.91 -12.48
N GLU A 106 -35.30 21.55 -11.34
CA GLU A 106 -34.51 22.68 -10.90
C GLU A 106 -33.77 22.29 -9.64
N VAL A 107 -32.58 22.86 -9.46
CA VAL A 107 -31.81 22.74 -8.25
C VAL A 107 -31.52 24.14 -7.76
N LEU A 108 -31.76 24.38 -6.47
CA LEU A 108 -31.43 25.66 -5.84
C LEU A 108 -30.10 25.53 -5.14
N LEU A 109 -29.21 26.49 -5.40
CA LEU A 109 -27.83 26.44 -4.96
C LEU A 109 -27.48 27.60 -4.05
N GLY A 110 -26.61 27.35 -3.07
CA GLY A 110 -25.99 28.41 -2.29
C GLY A 110 -25.26 29.37 -3.19
N ASN A 111 -25.14 30.63 -2.76
CA ASN A 111 -24.57 31.69 -3.61
C ASN A 111 -23.11 31.47 -4.00
N THR A 112 -22.32 30.83 -3.13
CA THR A 112 -20.93 30.53 -3.44
C THR A 112 -20.66 29.04 -3.27
N LEU A 113 -19.96 28.47 -4.24
CA LEU A 113 -19.63 27.05 -4.26
C LEU A 113 -18.17 26.87 -4.58
N TYR A 114 -17.67 25.70 -4.21
CA TYR A 114 -16.38 25.23 -4.62
C TYR A 114 -16.32 25.26 -6.16
N GLY A 115 -15.20 25.71 -6.73
CA GLY A 115 -15.03 25.90 -8.16
C GLY A 115 -15.48 24.77 -9.06
N HIS A 116 -15.08 23.54 -8.76
CA HIS A 116 -15.50 22.42 -9.62
C HIS A 116 -16.95 22.03 -9.46
N THR A 117 -17.51 22.25 -8.28
CA THR A 117 -18.95 22.08 -8.09
C THR A 117 -19.70 23.10 -8.99
N PHE A 118 -19.29 24.35 -8.89
CA PHE A 118 -19.80 25.42 -9.76
C PHE A 118 -19.74 25.05 -11.23
N ALA A 119 -18.56 24.61 -11.67
CA ALA A 119 -18.34 24.20 -13.07
C ALA A 119 -19.18 23.00 -13.46
N PHE A 120 -19.24 21.98 -12.61
CA PHE A 120 -20.14 20.85 -12.84
C PHE A 120 -21.58 21.33 -13.06
N LEU A 121 -22.05 22.19 -12.17
CA LEU A 121 -23.43 22.62 -12.23
C LEU A 121 -23.67 23.44 -13.51
N HIS A 122 -22.85 24.46 -13.72
CA HIS A 122 -23.04 25.37 -14.87
C HIS A 122 -22.62 24.85 -16.23
N HIS A 123 -21.48 24.16 -16.30
CA HIS A 123 -20.95 23.66 -17.56
C HIS A 123 -21.15 22.16 -17.80
N GLY A 124 -21.71 21.45 -16.82
CA GLY A 124 -21.94 20.01 -16.88
C GLY A 124 -23.42 19.68 -16.88
N ILE A 125 -23.97 19.30 -15.73
CA ILE A 125 -25.37 18.89 -15.64
C ILE A 125 -26.37 19.98 -16.09
N GLY A 126 -25.99 21.24 -15.92
CA GLY A 126 -26.79 22.36 -16.38
C GLY A 126 -26.91 22.51 -17.88
N GLU A 127 -25.97 21.93 -18.64
CA GLU A 127 -26.02 21.93 -20.08
C GLU A 127 -26.77 20.72 -20.61
N PHE A 128 -27.30 19.89 -19.70
CA PHE A 128 -28.16 18.77 -20.02
C PHE A 128 -29.63 18.97 -19.63
N GLY A 129 -30.07 20.21 -19.51
CA GLY A 129 -31.50 20.53 -19.30
C GLY A 129 -31.98 20.68 -17.87
N VAL A 130 -31.05 20.70 -16.91
CA VAL A 130 -31.38 20.89 -15.51
C VAL A 130 -31.23 22.38 -15.22
N LYS A 131 -32.24 22.99 -14.59
CA LYS A 131 -32.21 24.43 -14.27
C LYS A 131 -31.54 24.71 -12.93
N LEU A 132 -30.72 25.76 -12.91
CA LEU A 132 -29.99 26.17 -11.73
C LEU A 132 -30.50 27.55 -11.33
N ARG A 133 -30.55 27.80 -10.02
CA ARG A 133 -30.73 29.14 -9.52
C ARG A 133 -29.99 29.29 -8.20
N HIS A 134 -29.18 30.33 -8.07
CA HIS A 134 -28.48 30.63 -6.81
C HIS A 134 -29.35 31.46 -5.87
N VAL A 135 -29.43 31.02 -4.61
CA VAL A 135 -30.20 31.70 -3.56
C VAL A 135 -29.36 31.79 -2.28
N ASP A 136 -29.50 32.89 -1.54
CA ASP A 136 -28.89 32.99 -0.21
C ASP A 136 -29.58 32.03 0.75
N MET A 137 -28.82 31.02 1.22
CA MET A 137 -29.41 29.95 2.05
C MET A 137 -29.48 30.32 3.54
N ALA A 138 -29.07 31.54 3.86
CA ALA A 138 -29.39 32.16 5.15
C ALA A 138 -30.64 33.04 5.10
N ASP A 139 -31.18 33.31 3.91
CA ASP A 139 -32.41 34.11 3.71
C ASP A 139 -33.60 33.22 3.40
N LEU A 140 -34.34 32.83 4.44
CA LEU A 140 -35.46 31.89 4.28
C LEU A 140 -36.61 32.43 3.41
N GLN A 141 -36.81 33.75 3.37
CA GLN A 141 -37.89 34.33 2.55
C GLN A 141 -37.53 34.30 1.06
N ALA A 142 -36.32 34.73 0.73
CA ALA A 142 -35.79 34.55 -0.62
C ALA A 142 -35.84 33.08 -1.08
N LEU A 143 -35.44 32.15 -0.22
CA LEU A 143 -35.51 30.72 -0.56
C LEU A 143 -36.94 30.30 -0.80
N GLU A 144 -37.84 30.63 0.12
CA GLU A 144 -39.27 30.30 -0.03
C GLU A 144 -39.85 30.86 -1.34
N ALA A 145 -39.44 32.08 -1.68
CA ALA A 145 -39.87 32.75 -2.89
C ALA A 145 -39.37 32.04 -4.14
N ALA A 146 -38.12 31.57 -4.10
CA ALA A 146 -37.50 30.88 -5.25
C ALA A 146 -38.01 29.46 -5.49
N MET A 147 -38.75 28.86 -4.56
CA MET A 147 -39.29 27.50 -4.77
C MET A 147 -40.32 27.48 -5.90
N THR A 148 -40.25 26.45 -6.74
CA THR A 148 -41.22 26.19 -7.81
C THR A 148 -41.64 24.72 -7.72
N PRO A 149 -42.70 24.31 -8.44
CA PRO A 149 -43.04 22.87 -8.47
C PRO A 149 -41.92 21.96 -9.06
N ALA A 150 -41.05 22.52 -9.90
CA ALA A 150 -39.91 21.80 -10.45
C ALA A 150 -38.74 21.64 -9.48
N THR A 151 -38.71 22.39 -8.38
CA THR A 151 -37.59 22.35 -7.43
C THR A 151 -37.44 20.96 -6.79
N ARG A 152 -36.34 20.29 -7.15
CA ARG A 152 -36.09 18.90 -6.73
C ARG A 152 -34.97 18.80 -5.68
N VAL A 153 -33.94 19.63 -5.81
CA VAL A 153 -32.79 19.56 -4.90
C VAL A 153 -32.41 20.94 -4.45
N ILE A 154 -32.02 21.02 -3.19
CA ILE A 154 -31.41 22.21 -2.63
C ILE A 154 -29.99 21.82 -2.17
N TYR A 155 -28.98 22.48 -2.71
CA TYR A 155 -27.59 22.10 -2.50
C TYR A 155 -26.78 23.29 -2.05
N PHE A 156 -26.04 23.12 -0.97
CA PHE A 156 -25.14 24.17 -0.53
C PHE A 156 -24.04 23.65 0.37
N GLU A 157 -23.01 24.48 0.52
CA GLU A 157 -21.96 24.33 1.52
C GLU A 157 -22.24 25.25 2.69
N SER A 158 -21.94 24.80 3.90
CA SER A 158 -21.96 25.66 5.08
C SER A 158 -20.93 25.20 6.12
N PRO A 159 -19.96 26.02 6.49
CA PRO A 159 -19.70 27.34 5.92
C PRO A 159 -19.23 27.26 4.49
N ALA A 160 -19.54 28.30 3.70
CA ALA A 160 -19.23 28.29 2.27
C ALA A 160 -17.92 29.02 2.02
N ASN A 161 -17.08 28.45 1.17
CA ASN A 161 -15.75 29.04 0.92
C ASN A 161 -15.75 30.26 -0.03
N PRO A 162 -14.86 31.23 0.17
CA PRO A 162 -14.03 31.40 1.38
C PRO A 162 -14.44 32.65 2.17
N ASN A 163 -15.74 32.94 2.15
CA ASN A 163 -16.34 33.96 3.00
C ASN A 163 -16.81 33.38 4.34
N MET A 164 -16.97 32.05 4.40
CA MET A 164 -17.50 31.32 5.57
C MET A 164 -18.98 31.60 5.85
N HIS A 165 -19.73 31.96 4.81
CA HIS A 165 -21.13 32.30 4.94
C HIS A 165 -21.90 31.05 5.35
N MET A 166 -22.69 31.18 6.41
CA MET A 166 -23.44 30.11 7.01
C MET A 166 -24.84 30.03 6.44
N ALA A 167 -25.34 28.83 6.21
CA ALA A 167 -26.74 28.59 5.88
C ALA A 167 -27.51 28.23 7.14
N ASP A 168 -28.81 28.50 7.14
CA ASP A 168 -29.67 28.11 8.24
C ASP A 168 -30.22 26.75 7.88
N ILE A 169 -29.51 25.70 8.29
CA ILE A 169 -29.81 24.37 7.76
C ILE A 169 -31.22 23.92 8.16
N ALA A 170 -31.58 24.11 9.43
CA ALA A 170 -32.92 23.68 9.89
C ALA A 170 -34.04 24.47 9.22
N GLY A 171 -33.82 25.77 9.02
CA GLY A 171 -34.77 26.64 8.32
C GLY A 171 -34.96 26.24 6.88
N VAL A 172 -33.85 25.97 6.19
CA VAL A 172 -33.88 25.51 4.80
C VAL A 172 -34.62 24.18 4.71
N ALA A 173 -34.37 23.27 5.64
CA ALA A 173 -34.98 21.93 5.60
C ALA A 173 -36.48 21.96 5.85
N LYS A 174 -36.93 22.86 6.72
CA LYS A 174 -38.37 23.05 6.99
C LYS A 174 -39.04 23.37 5.67
N ILE A 175 -38.49 24.35 4.96
CA ILE A 175 -39.00 24.74 3.66
C ILE A 175 -38.98 23.57 2.69
N ALA A 176 -37.86 22.85 2.63
CA ALA A 176 -37.73 21.73 1.72
C ALA A 176 -38.76 20.63 1.96
N ARG A 177 -38.99 20.29 3.22
CA ARG A 177 -40.02 19.29 3.56
C ARG A 177 -41.41 19.70 3.05
N LYS A 178 -41.75 20.98 3.19
CA LYS A 178 -43.03 21.51 2.71
C LYS A 178 -43.21 21.29 1.19
N HIS A 179 -42.17 21.62 0.42
CA HIS A 179 -42.25 21.56 -1.04
C HIS A 179 -41.84 20.22 -1.65
N GLY A 180 -41.35 19.30 -0.82
CA GLY A 180 -40.94 17.97 -1.28
C GLY A 180 -39.58 17.95 -1.96
N ALA A 181 -38.67 18.80 -1.53
CA ALA A 181 -37.31 18.87 -2.11
C ALA A 181 -36.30 18.11 -1.22
N THR A 182 -35.23 17.63 -1.86
CA THR A 182 -34.11 16.94 -1.14
C THR A 182 -33.00 17.93 -0.85
N VAL A 183 -32.57 18.00 0.42
CA VAL A 183 -31.56 18.93 0.86
C VAL A 183 -30.23 18.19 0.96
N VAL A 184 -29.22 18.69 0.23
CA VAL A 184 -27.88 18.08 0.20
C VAL A 184 -26.89 19.11 0.73
N VAL A 185 -26.14 18.78 1.76
CA VAL A 185 -25.18 19.70 2.36
C VAL A 185 -23.75 19.15 2.22
N ASP A 186 -22.88 19.95 1.64
CA ASP A 186 -21.45 19.64 1.58
C ASP A 186 -20.88 20.06 2.92
N ASN A 187 -20.57 19.05 3.74
CA ASN A 187 -20.09 19.23 5.12
C ASN A 187 -18.58 19.04 5.27
N THR A 188 -17.85 19.25 4.18
CA THR A 188 -16.39 19.07 4.15
C THR A 188 -15.65 19.86 5.23
N TYR A 189 -15.97 21.15 5.34
CA TYR A 189 -15.25 22.05 6.24
C TYR A 189 -15.36 21.67 7.71
N CYS A 190 -16.54 21.27 8.16
CA CYS A 190 -16.77 21.01 9.56
C CYS A 190 -16.41 19.60 9.98
N THR A 191 -16.71 18.62 9.11
CA THR A 191 -16.71 17.19 9.43
C THR A 191 -17.87 16.87 10.41
N PRO A 192 -18.28 15.60 10.48
CA PRO A 192 -19.28 15.22 11.50
C PRO A 192 -18.91 15.53 12.95
N TYR A 193 -17.63 15.75 13.24
CA TYR A 193 -17.21 16.04 14.59
C TYR A 193 -17.70 17.46 15.02
N LEU A 194 -17.78 18.40 14.09
CA LEU A 194 -18.20 19.79 14.39
C LEU A 194 -19.66 20.11 14.03
N GLN A 195 -20.21 19.44 13.02
CA GLN A 195 -21.53 19.75 12.49
C GLN A 195 -22.12 18.50 11.86
N ARG A 196 -23.39 18.23 12.17
CA ARG A 196 -24.12 17.08 11.64
C ARG A 196 -25.42 17.57 10.99
N PRO A 197 -25.32 17.97 9.70
CA PRO A 197 -26.48 18.51 9.00
C PRO A 197 -27.71 17.61 8.92
N LEU A 198 -27.53 16.27 8.97
CA LEU A 198 -28.67 15.34 9.04
C LEU A 198 -29.53 15.49 10.31
N GLU A 199 -28.88 15.86 11.42
CA GLU A 199 -29.57 16.15 12.69
C GLU A 199 -30.33 17.50 12.66
N LEU A 200 -29.95 18.37 11.72
CA LEU A 200 -30.64 19.63 11.46
C LEU A 200 -31.68 19.53 10.34
N GLY A 201 -31.93 18.35 9.81
CA GLY A 201 -32.96 18.15 8.77
C GLY A 201 -32.49 17.93 7.34
N ALA A 202 -31.19 18.03 7.07
CA ALA A 202 -30.69 17.63 5.77
C ALA A 202 -31.02 16.18 5.46
N ASP A 203 -31.19 15.88 4.18
CA ASP A 203 -31.45 14.51 3.71
C ASP A 203 -30.12 13.77 3.39
N LEU A 204 -29.15 14.49 2.83
CA LEU A 204 -27.87 13.91 2.42
C LEU A 204 -26.74 14.86 2.80
N VAL A 205 -25.60 14.30 3.24
CA VAL A 205 -24.38 15.08 3.41
C VAL A 205 -23.32 14.50 2.48
N VAL A 206 -22.52 15.36 1.88
CA VAL A 206 -21.38 14.96 1.04
C VAL A 206 -20.12 15.54 1.63
N HIS A 207 -19.00 14.82 1.45
CA HIS A 207 -17.68 15.29 1.91
C HIS A 207 -16.65 15.06 0.85
N SER A 208 -15.71 16.00 0.76
CA SER A 208 -14.39 15.69 0.26
C SER A 208 -13.61 15.13 1.45
N ALA A 209 -13.54 13.81 1.53
CA ALA A 209 -12.79 13.12 2.58
C ALA A 209 -11.29 13.25 2.35
N THR A 210 -10.91 13.72 1.17
CA THR A 210 -9.56 14.22 0.87
C THR A 210 -9.04 15.20 1.90
N LYS A 211 -9.96 15.94 2.55
CA LYS A 211 -9.58 17.00 3.46
C LYS A 211 -9.39 16.53 4.92
N TYR A 212 -10.17 17.08 5.85
CA TYR A 212 -10.01 16.76 7.28
C TYR A 212 -10.25 15.30 7.62
N LEU A 213 -11.15 14.62 6.94
CA LEU A 213 -11.44 13.24 7.36
C LEU A 213 -10.18 12.37 7.23
N SER A 214 -9.49 12.50 6.10
CA SER A 214 -8.17 11.88 5.90
C SER A 214 -7.18 12.51 6.83
N GLY A 215 -7.13 13.83 6.77
CA GLY A 215 -6.29 14.62 7.63
C GLY A 215 -4.83 14.72 7.25
N HIS A 216 -4.33 13.88 6.36
CA HIS A 216 -2.88 13.78 6.14
C HIS A 216 -2.46 13.98 4.68
N GLY A 217 -3.40 14.41 3.83
CA GLY A 217 -3.09 14.84 2.48
C GLY A 217 -2.59 13.76 1.52
N ASP A 218 -2.83 12.48 1.81
CA ASP A 218 -2.26 11.37 1.01
C ASP A 218 -3.30 10.53 0.26
N ILE A 219 -4.58 10.85 0.39
CA ILE A 219 -5.57 10.18 -0.38
C ILE A 219 -6.53 11.20 -0.96
N THR A 220 -7.24 10.75 -1.98
CA THR A 220 -8.39 11.47 -2.51
C THR A 220 -9.58 10.55 -2.28
N ALA A 221 -10.68 11.12 -1.77
CA ALA A 221 -11.85 10.32 -1.46
C ALA A 221 -13.07 11.20 -1.19
N GLY A 222 -14.23 10.60 -1.40
CA GLY A 222 -15.52 11.24 -1.20
C GLY A 222 -16.43 10.36 -0.36
N ILE A 223 -17.36 10.98 0.37
CA ILE A 223 -18.34 10.24 1.14
C ILE A 223 -19.72 10.85 0.93
N VAL A 224 -20.74 10.00 0.82
CA VAL A 224 -22.13 10.44 0.96
C VAL A 224 -22.75 9.71 2.14
N VAL A 225 -23.52 10.44 2.96
CA VAL A 225 -24.33 9.82 4.01
C VAL A 225 -25.78 10.33 3.96
N GLY A 226 -26.72 9.43 4.18
CA GLY A 226 -28.12 9.83 4.25
C GLY A 226 -28.97 8.62 4.47
N SER A 227 -30.22 8.71 4.01
CA SER A 227 -31.17 7.64 4.21
C SER A 227 -30.76 6.46 3.35
N GLN A 228 -31.13 5.27 3.79
CA GLN A 228 -30.91 4.07 3.02
C GLN A 228 -31.49 4.19 1.61
N ALA A 229 -32.72 4.71 1.52
CA ALA A 229 -33.39 4.76 0.23
C ALA A 229 -32.63 5.67 -0.75
N LEU A 230 -32.17 6.82 -0.29
CA LEU A 230 -31.44 7.74 -1.17
C LEU A 230 -30.02 7.20 -1.52
N VAL A 231 -29.30 6.75 -0.51
CA VAL A 231 -27.93 6.27 -0.72
C VAL A 231 -27.90 5.05 -1.66
N ASP A 232 -28.85 4.13 -1.51
CA ASP A 232 -28.99 2.97 -2.43
C ASP A 232 -29.15 3.41 -3.89
N ARG A 233 -29.96 4.44 -4.14
CA ARG A 233 -30.13 4.98 -5.50
C ARG A 233 -28.85 5.59 -6.03
N ILE A 234 -28.15 6.34 -5.17
CA ILE A 234 -26.92 6.98 -5.56
C ILE A 234 -25.85 5.91 -5.88
N ARG A 235 -25.74 4.89 -5.03
CA ARG A 235 -24.81 3.77 -5.28
C ARG A 235 -25.12 3.06 -6.63
N LEU A 236 -26.40 2.70 -6.83
CA LEU A 236 -26.75 1.80 -7.91
C LEU A 236 -26.90 2.51 -9.27
N GLN A 237 -27.06 3.83 -9.26
CA GLN A 237 -27.24 4.61 -10.49
C GLN A 237 -26.09 5.59 -10.67
N GLY A 238 -25.96 6.55 -9.76
CA GLY A 238 -24.91 7.58 -9.85
C GLY A 238 -23.49 7.03 -9.92
N LEU A 239 -23.15 6.17 -8.97
CA LEU A 239 -21.82 5.57 -8.91
C LEU A 239 -21.64 4.47 -9.97
N LYS A 240 -22.49 3.46 -9.94
CA LYS A 240 -22.27 2.29 -10.81
C LYS A 240 -22.40 2.59 -12.31
N ASP A 241 -23.33 3.49 -12.68
CA ASP A 241 -23.60 3.81 -14.09
C ASP A 241 -23.08 5.17 -14.54
N MET A 242 -23.15 6.21 -13.70
CA MET A 242 -22.94 7.56 -14.23
C MET A 242 -21.57 8.22 -13.98
N THR A 243 -20.84 7.73 -12.98
CA THR A 243 -19.52 8.27 -12.72
C THR A 243 -18.42 7.22 -12.69
N GLY A 244 -18.70 6.02 -12.19
CA GLY A 244 -17.65 5.02 -11.95
C GLY A 244 -16.55 5.50 -11.01
N ALA A 245 -16.90 6.37 -10.05
CA ALA A 245 -15.93 6.98 -9.13
C ALA A 245 -15.71 6.06 -7.89
N VAL A 246 -15.05 4.94 -8.14
CA VAL A 246 -14.81 3.83 -7.22
C VAL A 246 -13.59 4.14 -6.34
N LEU A 247 -13.75 4.03 -5.02
CA LEU A 247 -12.64 4.28 -4.08
C LEU A 247 -11.79 3.01 -3.93
N SER A 248 -10.46 3.14 -4.04
CA SER A 248 -9.55 2.04 -3.71
C SER A 248 -9.66 1.54 -2.28
N PRO A 249 -9.70 0.21 -2.05
CA PRO A 249 -9.71 -0.26 -0.67
C PRO A 249 -8.48 0.19 0.11
N HIS A 250 -7.34 0.28 -0.55
CA HIS A 250 -6.14 0.82 0.07
C HIS A 250 -6.39 2.25 0.62
N ASP A 251 -6.95 3.13 -0.21
CA ASP A 251 -7.24 4.48 0.24
C ASP A 251 -8.37 4.54 1.30
N ALA A 252 -9.35 3.65 1.20
CA ALA A 252 -10.41 3.56 2.19
C ALA A 252 -9.86 3.18 3.55
N ALA A 253 -8.92 2.25 3.58
CA ALA A 253 -8.24 1.86 4.82
C ALA A 253 -7.44 3.01 5.43
N LEU A 254 -6.72 3.77 4.60
CA LEU A 254 -6.04 4.97 5.06
C LEU A 254 -7.00 6.04 5.60
N LEU A 255 -8.16 6.16 4.96
CA LEU A 255 -9.15 7.15 5.37
C LEU A 255 -9.66 6.73 6.75
N MET A 256 -9.95 5.45 6.94
CA MET A 256 -10.33 4.97 8.27
C MET A 256 -9.25 5.22 9.32
N ARG A 257 -7.97 5.08 8.94
CA ARG A 257 -6.84 5.36 9.83
C ARG A 257 -6.89 6.83 10.25
N GLY A 258 -7.11 7.72 9.29
CA GLY A 258 -7.28 9.13 9.57
C GLY A 258 -8.46 9.45 10.50
N ILE A 259 -9.60 8.82 10.26
CA ILE A 259 -10.80 9.07 11.06
C ILE A 259 -10.58 8.73 12.54
N LYS A 260 -9.72 7.77 12.82
CA LYS A 260 -9.39 7.42 14.20
C LYS A 260 -8.85 8.57 15.07
N THR A 261 -8.25 9.60 14.47
CA THR A 261 -7.78 10.78 15.20
C THR A 261 -8.54 12.09 14.87
N LEU A 262 -9.66 11.98 14.18
CA LEU A 262 -10.43 13.14 13.74
C LEU A 262 -10.74 14.12 14.87
N ASN A 263 -11.27 13.59 15.97
CA ASN A 263 -11.59 14.42 17.15
C ASN A 263 -10.38 15.18 17.67
N LEU A 264 -9.24 14.51 17.78
CA LEU A 264 -8.02 15.11 18.31
C LEU A 264 -7.47 16.14 17.34
N ARG A 265 -7.47 15.80 16.07
CA ARG A 265 -6.96 16.73 15.05
C ARG A 265 -7.84 17.98 14.94
N MET A 266 -9.14 17.79 14.85
CA MET A 266 -10.06 18.95 14.77
C MET A 266 -9.94 19.85 16.01
N ASP A 267 -9.80 19.27 17.22
CA ASP A 267 -9.56 20.10 18.42
C ASP A 267 -8.34 21.01 18.23
N ARG A 268 -7.28 20.46 17.68
CA ARG A 268 -6.05 21.22 17.49
C ARG A 268 -6.17 22.22 16.34
N HIS A 269 -6.74 21.82 15.21
CA HIS A 269 -6.98 22.74 14.09
C HIS A 269 -7.74 23.99 14.58
N CYS A 270 -8.77 23.74 15.40
CA CYS A 270 -9.64 24.83 15.91
C CYS A 270 -8.92 25.69 16.90
N ALA A 271 -8.19 25.08 17.82
CA ALA A 271 -7.46 25.82 18.83
C ALA A 271 -6.44 26.74 18.12
N ASN A 272 -5.72 26.18 17.15
CA ASN A 272 -4.71 26.97 16.44
C ASN A 272 -5.34 28.10 15.64
N ALA A 273 -6.43 27.77 14.95
CA ALA A 273 -7.12 28.73 14.11
C ALA A 273 -7.68 29.91 14.93
N GLN A 274 -8.20 29.61 16.12
CA GLN A 274 -8.68 30.67 17.02
C GLN A 274 -7.59 31.66 17.43
N VAL A 275 -6.42 31.15 17.81
CA VAL A 275 -5.29 32.00 18.17
C VAL A 275 -4.88 32.88 16.96
N LEU A 276 -4.77 32.29 15.77
CA LEU A 276 -4.39 33.08 14.59
C LEU A 276 -5.45 34.09 14.17
N ALA A 277 -6.73 33.72 14.26
CA ALA A 277 -7.81 34.64 13.94
C ALA A 277 -7.78 35.85 14.92
N GLU A 278 -7.68 35.56 16.22
CA GLU A 278 -7.59 36.59 17.25
C GLU A 278 -6.37 37.48 17.02
N PHE A 279 -5.23 36.87 16.68
CA PHE A 279 -4.01 37.61 16.31
C PHE A 279 -4.21 38.49 15.08
N LEU A 280 -4.79 37.94 14.03
CA LEU A 280 -5.03 38.69 12.79
C LEU A 280 -5.97 39.88 12.98
N ALA A 281 -6.93 39.73 13.90
CA ALA A 281 -7.90 40.79 14.17
C ALA A 281 -7.23 42.03 14.78
N ARG A 282 -6.24 41.82 15.64
CA ARG A 282 -5.46 42.92 16.26
C ARG A 282 -4.36 43.57 15.38
N GLN A 283 -4.21 43.16 14.10
CA GLN A 283 -3.12 43.70 13.25
C GLN A 283 -3.59 44.78 12.27
N PRO A 284 -2.74 45.83 12.06
CA PRO A 284 -3.11 46.95 11.17
C PRO A 284 -3.23 46.62 9.68
N GLN A 285 -2.46 45.64 9.17
CA GLN A 285 -2.53 45.27 7.74
C GLN A 285 -3.88 44.63 7.34
N VAL A 286 -4.62 44.09 8.31
CA VAL A 286 -5.86 43.35 8.04
C VAL A 286 -7.08 44.29 7.93
N GLU A 287 -7.68 44.30 6.75
CA GLU A 287 -8.89 45.09 6.47
C GLU A 287 -10.09 44.46 7.15
N LEU A 288 -10.28 43.16 6.87
CA LEU A 288 -11.45 42.40 7.29
C LEU A 288 -11.07 40.92 7.46
N ILE A 289 -11.74 40.25 8.39
CA ILE A 289 -11.48 38.84 8.71
C ILE A 289 -12.80 38.07 8.86
N HIS A 290 -12.89 36.94 8.15
CA HIS A 290 -14.01 36.01 8.28
C HIS A 290 -13.55 34.79 9.10
N TYR A 291 -13.83 34.77 10.40
CA TYR A 291 -13.64 33.57 11.25
C TYR A 291 -14.85 33.38 12.17
N PRO A 292 -15.52 32.21 12.09
CA PRO A 292 -16.74 32.02 12.90
C PRO A 292 -16.60 32.20 14.41
N GLY A 293 -15.41 32.02 14.97
CA GLY A 293 -15.17 32.11 16.41
C GLY A 293 -14.94 33.51 17.00
N LEU A 294 -14.81 34.53 16.17
CA LEU A 294 -14.74 35.93 16.64
C LEU A 294 -16.14 36.45 16.88
N ALA A 295 -16.36 37.13 18.01
CA ALA A 295 -17.67 37.72 18.35
C ALA A 295 -18.21 38.61 17.22
N SER A 296 -17.31 39.30 16.54
CA SER A 296 -17.66 40.19 15.44
C SER A 296 -18.08 39.48 14.14
N PHE A 297 -18.00 38.15 14.07
CA PHE A 297 -18.48 37.43 12.89
C PHE A 297 -19.99 37.65 12.74
N PRO A 298 -20.46 38.08 11.54
CA PRO A 298 -21.87 38.45 11.33
C PRO A 298 -22.89 37.39 11.70
N GLN A 299 -22.57 36.12 11.45
CA GLN A 299 -23.46 35.01 11.79
C GLN A 299 -22.97 34.20 13.01
N TYR A 300 -22.38 34.87 13.99
CA TYR A 300 -21.81 34.21 15.16
C TYR A 300 -22.77 33.25 15.86
N THR A 301 -24.03 33.66 15.98
CA THR A 301 -25.04 32.89 16.71
C THR A 301 -25.50 31.68 15.94
N LEU A 302 -25.82 31.87 14.66
CA LEU A 302 -26.20 30.76 13.78
C LEU A 302 -25.07 29.72 13.70
N ALA A 303 -23.83 30.19 13.65
CA ALA A 303 -22.66 29.31 13.58
C ALA A 303 -22.50 28.46 14.84
N ARG A 304 -22.63 29.09 16.00
CA ARG A 304 -22.61 28.39 17.29
C ARG A 304 -23.74 27.38 17.47
N GLN A 305 -24.91 27.65 16.88
CA GLN A 305 -26.03 26.72 16.92
C GLN A 305 -25.78 25.47 16.05
N GLN A 306 -25.05 25.64 14.95
CA GLN A 306 -24.79 24.53 14.01
C GLN A 306 -23.43 23.81 14.18
N MET A 307 -22.43 24.54 14.69
CA MET A 307 -21.06 24.04 14.84
C MET A 307 -20.63 24.02 16.30
N SER A 308 -20.10 22.89 16.77
CA SER A 308 -19.62 22.78 18.14
C SER A 308 -18.33 23.57 18.38
N GLN A 309 -17.58 23.83 17.31
CA GLN A 309 -16.35 24.64 17.38
C GLN A 309 -16.23 25.41 16.07
N PRO A 310 -15.52 26.54 16.08
CA PRO A 310 -15.53 27.42 14.91
C PRO A 310 -14.64 27.04 13.71
N GLY A 311 -13.89 25.95 13.81
CA GLY A 311 -13.24 25.40 12.63
C GLY A 311 -11.81 25.82 12.43
N GLY A 312 -11.21 25.25 11.39
CA GLY A 312 -9.78 25.37 11.14
C GLY A 312 -9.44 26.30 10.00
N MET A 313 -10.45 26.85 9.35
CA MET A 313 -10.30 27.70 8.17
C MET A 313 -10.50 29.18 8.53
N ILE A 314 -9.58 30.03 8.07
CA ILE A 314 -9.66 31.48 8.23
C ILE A 314 -9.58 32.10 6.83
N ALA A 315 -10.42 33.11 6.56
CA ALA A 315 -10.26 33.93 5.38
C ALA A 315 -10.18 35.40 5.79
N PHE A 316 -9.40 36.18 5.04
CA PHE A 316 -9.20 37.60 5.38
C PHE A 316 -8.69 38.41 4.19
N GLU A 317 -8.95 39.72 4.24
CA GLU A 317 -8.45 40.66 3.23
C GLU A 317 -7.38 41.53 3.86
N LEU A 318 -6.29 41.73 3.13
CA LEU A 318 -5.26 42.71 3.50
C LEU A 318 -5.60 44.06 2.87
N LYS A 319 -5.19 45.15 3.54
CA LYS A 319 -5.12 46.45 2.89
C LYS A 319 -3.89 46.39 2.00
N GLY A 320 -4.01 46.92 0.79
CA GLY A 320 -3.02 46.70 -0.26
C GLY A 320 -3.56 45.80 -1.35
N GLY A 321 -4.72 45.19 -1.12
CA GLY A 321 -5.42 44.41 -2.13
C GLY A 321 -4.60 43.23 -2.61
N ILE A 322 -4.55 43.05 -3.93
CA ILE A 322 -3.91 41.89 -4.54
C ILE A 322 -2.38 41.91 -4.37
N GLY A 323 -1.78 43.09 -4.52
CA GLY A 323 -0.33 43.22 -4.39
C GLY A 323 0.20 42.84 -3.02
N ALA A 324 -0.51 43.28 -1.98
CA ALA A 324 -0.20 42.88 -0.60
C ALA A 324 -0.44 41.38 -0.37
N GLY A 325 -1.54 40.87 -0.91
CA GLY A 325 -1.83 39.44 -0.90
C GLY A 325 -0.68 38.59 -1.45
N ARG A 326 -0.12 39.00 -2.58
CA ARG A 326 1.02 38.30 -3.21
C ARG A 326 2.26 38.35 -2.34
N ARG A 327 2.54 39.54 -1.83
CA ARG A 327 3.70 39.75 -0.97
C ARG A 327 3.58 38.92 0.30
N PHE A 328 2.38 38.83 0.86
CA PHE A 328 2.15 38.03 2.09
C PHE A 328 2.44 36.55 1.78
N MET A 329 1.77 36.04 0.75
CA MET A 329 1.88 34.65 0.36
C MET A 329 3.30 34.22 0.02
N ASN A 330 3.98 35.05 -0.77
CA ASN A 330 5.33 34.72 -1.21
C ASN A 330 6.34 34.75 -0.06
N ALA A 331 6.06 35.49 1.01
CA ALA A 331 6.94 35.51 2.20
C ALA A 331 6.75 34.33 3.18
N LEU A 332 5.66 33.58 3.08
CA LEU A 332 5.40 32.46 4.02
C LEU A 332 6.53 31.41 3.93
N GLN A 333 7.11 31.05 5.08
CA GLN A 333 8.16 30.02 5.15
C GLN A 333 7.71 28.70 5.80
N LEU A 334 6.65 28.71 6.61
CA LEU A 334 6.14 27.50 7.27
C LEU A 334 4.82 27.07 6.65
N PHE A 335 3.84 27.99 6.52
CA PHE A 335 2.65 27.73 5.67
C PHE A 335 3.14 27.43 4.25
N SER A 336 2.46 26.53 3.53
CA SER A 336 2.78 26.26 2.13
C SER A 336 1.75 26.92 1.24
N ARG A 337 2.21 27.42 0.10
CA ARG A 337 1.32 27.96 -0.93
C ARG A 337 0.70 26.80 -1.68
N ALA A 338 -0.55 26.51 -1.38
CA ALA A 338 -1.21 25.39 -2.04
C ALA A 338 -2.69 25.54 -1.86
N VAL A 339 -3.43 24.86 -2.72
CA VAL A 339 -4.84 24.71 -2.58
C VAL A 339 -4.97 23.45 -1.71
N SER A 340 -6.19 23.03 -1.45
CA SER A 340 -6.50 22.01 -0.47
C SER A 340 -6.60 22.58 0.93
N LEU A 341 -7.08 21.73 1.83
CA LEU A 341 -7.22 22.11 3.21
C LEU A 341 -7.34 20.85 4.05
N GLY A 342 -7.37 21.04 5.36
CA GLY A 342 -7.54 19.95 6.28
C GLY A 342 -6.36 19.01 6.36
N ASP A 343 -5.17 19.47 6.02
CA ASP A 343 -3.95 18.69 6.22
C ASP A 343 -3.31 19.00 7.55
N ALA A 344 -2.45 18.10 8.01
CA ALA A 344 -1.58 18.38 9.14
C ALA A 344 -0.72 19.62 8.91
N GLU A 345 -0.32 19.81 7.64
CA GLU A 345 0.47 20.97 7.20
C GLU A 345 -0.44 22.18 6.97
N SER A 346 -0.03 23.33 7.48
CA SER A 346 -0.75 24.56 7.28
C SER A 346 -0.60 25.04 5.84
N LEU A 347 -1.72 25.42 5.21
CA LEU A 347 -1.75 25.85 3.81
C LEU A 347 -2.35 27.26 3.66
N ALA A 348 -1.90 27.99 2.64
CA ALA A 348 -2.42 29.31 2.30
C ALA A 348 -2.62 29.44 0.78
N GLN A 349 -3.70 30.11 0.37
CA GLN A 349 -3.96 30.38 -1.06
C GLN A 349 -4.70 31.71 -1.35
N HIS A 350 -4.72 32.07 -2.65
CA HIS A 350 -5.53 33.19 -3.24
C HIS A 350 -6.68 32.58 -4.10
N PRO A 351 -7.93 32.55 -3.57
CA PRO A 351 -8.99 31.73 -4.22
C PRO A 351 -9.46 32.08 -5.65
N ALA A 352 -9.33 33.34 -6.06
CA ALA A 352 -9.82 33.81 -7.38
C ALA A 352 -9.03 33.25 -8.58
N SER A 353 -7.70 33.12 -8.41
CA SER A 353 -6.80 32.60 -9.44
C SER A 353 -6.48 31.11 -9.28
N MET A 354 -7.04 30.44 -8.27
CA MET A 354 -6.69 29.05 -7.95
C MET A 354 -7.92 28.13 -7.79
N THR A 355 -8.54 28.10 -6.60
CA THR A 355 -9.59 27.12 -6.30
C THR A 355 -10.97 27.49 -6.89
N HIS A 356 -11.19 28.79 -7.12
CA HIS A 356 -12.35 29.31 -7.85
C HIS A 356 -11.91 29.96 -9.19
N SER A 357 -11.03 29.25 -9.90
CA SER A 357 -10.59 29.64 -11.24
C SER A 357 -11.65 29.27 -12.29
N SER A 358 -12.58 28.36 -11.94
CA SER A 358 -13.73 28.00 -12.80
C SER A 358 -14.75 29.12 -13.04
N TYR A 359 -14.79 30.10 -12.12
CA TYR A 359 -15.61 31.30 -12.28
C TYR A 359 -14.90 32.26 -13.28
N THR A 360 -15.69 33.01 -14.07
CA THR A 360 -15.18 34.13 -14.90
C THR A 360 -15.01 35.38 -13.97
N PRO A 361 -14.20 36.41 -14.38
CA PRO A 361 -14.04 37.60 -13.50
C PRO A 361 -15.35 38.31 -13.05
N GLU A 362 -16.33 38.40 -13.95
CA GLU A 362 -17.70 38.84 -13.60
C GLU A 362 -18.32 37.99 -12.49
N GLU A 363 -18.18 36.67 -12.60
CA GLU A 363 -18.79 35.70 -11.67
C GLU A 363 -18.07 35.58 -10.31
N ARG A 364 -16.76 35.85 -10.27
CA ARG A 364 -16.04 36.00 -8.97
C ARG A 364 -16.65 37.16 -8.16
N ALA A 365 -16.82 38.31 -8.82
CA ALA A 365 -17.48 39.46 -8.20
C ALA A 365 -19.00 39.22 -8.00
N HIS A 366 -19.66 38.57 -8.97
CA HIS A 366 -21.11 38.23 -8.91
C HIS A 366 -21.45 37.42 -7.65
N TYR A 367 -20.68 36.35 -7.41
CA TYR A 367 -20.92 35.39 -6.32
C TYR A 367 -19.90 35.54 -5.19
N GLY A 368 -19.89 36.70 -4.55
CA GLY A 368 -19.05 37.01 -3.37
C GLY A 368 -17.68 36.34 -3.24
N ILE A 369 -16.84 36.43 -4.27
CA ILE A 369 -15.44 35.98 -4.21
C ILE A 369 -14.49 37.14 -4.51
N SER A 370 -13.96 37.74 -3.45
CA SER A 370 -13.12 38.95 -3.53
C SER A 370 -11.76 38.73 -4.20
N GLU A 371 -11.21 39.83 -4.68
CA GLU A 371 -9.79 39.97 -5.01
C GLU A 371 -9.15 40.50 -3.71
N GLY A 372 -7.96 40.01 -3.37
CA GLY A 372 -7.32 40.37 -2.09
C GLY A 372 -7.64 39.45 -0.91
N LEU A 373 -8.55 38.49 -1.10
CA LEU A 373 -8.87 37.52 -0.04
C LEU A 373 -7.78 36.45 0.05
N VAL A 374 -7.26 36.21 1.24
CA VAL A 374 -6.35 35.07 1.51
C VAL A 374 -7.08 34.07 2.44
N ARG A 375 -7.05 32.79 2.07
CA ARG A 375 -7.64 31.71 2.86
C ARG A 375 -6.50 30.91 3.52
N LEU A 376 -6.60 30.69 4.82
CA LEU A 376 -5.66 29.87 5.57
C LEU A 376 -6.35 28.58 5.98
N SER A 377 -5.71 27.44 5.72
CA SER A 377 -6.09 26.17 6.35
C SER A 377 -5.08 25.97 7.45
N VAL A 378 -5.50 26.16 8.70
CA VAL A 378 -4.58 26.18 9.80
C VAL A 378 -4.32 24.74 10.18
N GLY A 379 -3.05 24.36 10.18
CA GLY A 379 -2.64 22.97 10.41
C GLY A 379 -2.39 22.67 11.88
N LEU A 380 -1.61 21.62 12.12
CA LEU A 380 -1.37 21.08 13.44
C LEU A 380 -0.02 21.46 14.02
N GLU A 381 0.74 22.33 13.35
CA GLU A 381 2.06 22.72 13.88
C GLU A 381 1.92 23.51 15.20
N ASP A 382 3.02 23.66 15.91
CA ASP A 382 3.10 24.50 17.12
C ASP A 382 2.61 25.92 16.77
N ILE A 383 1.61 26.40 17.52
CA ILE A 383 1.04 27.72 17.27
C ILE A 383 2.05 28.88 17.33
N ASP A 384 3.05 28.81 18.19
CA ASP A 384 4.09 29.86 18.24
C ASP A 384 4.88 29.93 16.93
N ASP A 385 5.09 28.78 16.28
CA ASP A 385 5.76 28.76 14.98
C ASP A 385 4.86 29.33 13.91
N LEU A 386 3.57 29.03 13.99
CA LEU A 386 2.64 29.54 13.02
C LEU A 386 2.42 31.06 13.18
N LEU A 387 2.30 31.53 14.44
CA LEU A 387 2.26 32.97 14.73
C LEU A 387 3.47 33.73 14.17
N ALA A 388 4.67 33.20 14.41
CA ALA A 388 5.91 33.80 13.90
C ALA A 388 5.93 33.92 12.39
N ASP A 389 5.47 32.89 11.68
CA ASP A 389 5.46 32.91 10.20
C ASP A 389 4.45 33.94 9.65
N VAL A 390 3.24 33.94 10.19
CA VAL A 390 2.21 34.90 9.81
C VAL A 390 2.70 36.34 10.10
N GLN A 391 3.29 36.54 11.28
CA GLN A 391 3.83 37.85 11.71
C GLN A 391 4.87 38.40 10.73
N GLN A 392 5.89 37.61 10.41
CA GLN A 392 6.93 38.08 9.48
C GLN A 392 6.38 38.29 8.08
N ALA A 393 5.42 37.47 7.65
CA ALA A 393 4.80 37.65 6.34
C ALA A 393 3.92 38.89 6.25
N LEU A 394 3.29 39.29 7.35
CA LEU A 394 2.55 40.57 7.38
C LEU A 394 3.49 41.76 7.23
N LYS A 395 4.63 41.71 7.91
CA LYS A 395 5.68 42.73 7.76
C LYS A 395 6.16 42.85 6.32
N ALA A 396 6.35 41.71 5.65
CA ALA A 396 6.72 41.67 4.23
C ALA A 396 5.60 42.13 3.31
N SER A 397 4.34 42.01 3.73
CA SER A 397 3.20 42.48 2.93
C SER A 397 3.14 44.01 2.82
N ALA A 398 3.47 44.71 3.91
CA ALA A 398 3.41 46.18 3.98
C ALA A 398 4.18 46.82 2.83
N LEU B 7 11.76 2.58 -32.89
CA LEU B 7 10.81 2.34 -31.74
C LEU B 7 11.22 1.08 -31.01
N PRO B 8 11.56 1.18 -29.70
CA PRO B 8 11.77 -0.08 -28.99
C PRO B 8 10.54 -1.01 -29.02
N GLY B 9 10.75 -2.28 -28.74
CA GLY B 9 9.69 -3.29 -28.74
C GLY B 9 8.64 -3.10 -27.66
N PHE B 10 7.48 -3.71 -27.87
CA PHE B 10 6.37 -3.57 -26.90
C PHE B 10 6.81 -3.86 -25.44
N ALA B 11 7.47 -5.00 -25.23
CA ALA B 11 7.90 -5.39 -23.89
C ALA B 11 8.85 -4.36 -23.30
N THR B 12 9.74 -3.84 -24.13
CA THR B 12 10.67 -2.83 -23.65
C THR B 12 9.90 -1.59 -23.17
N ARG B 13 8.95 -1.12 -23.99
CA ARG B 13 8.21 0.07 -23.68
C ARG B 13 7.32 -0.15 -22.44
N ALA B 14 6.74 -1.35 -22.31
CA ALA B 14 5.87 -1.64 -21.14
C ALA B 14 6.62 -1.60 -19.82
N ILE B 15 7.94 -1.84 -19.87
CA ILE B 15 8.80 -1.78 -18.72
C ILE B 15 9.42 -0.42 -18.47
N HIS B 16 9.81 0.27 -19.55
CA HIS B 16 10.65 1.46 -19.46
C HIS B 16 10.03 2.80 -19.90
N HIS B 17 9.01 2.80 -20.75
CA HIS B 17 8.69 4.04 -21.46
C HIS B 17 8.33 5.14 -20.47
N GLY B 18 8.93 6.31 -20.70
CA GLY B 18 8.61 7.53 -19.98
C GLY B 18 9.33 7.73 -18.67
N TYR B 19 10.22 6.80 -18.32
CA TYR B 19 10.91 6.87 -17.04
C TYR B 19 12.39 6.63 -17.23
N ASP B 20 13.19 7.58 -16.77
CA ASP B 20 14.63 7.42 -16.66
C ASP B 20 14.97 7.48 -15.17
N PRO B 21 15.53 6.40 -14.61
CA PRO B 21 15.92 6.37 -13.20
C PRO B 21 16.80 7.57 -12.74
N GLN B 22 17.68 8.03 -13.62
CA GLN B 22 18.60 9.12 -13.32
C GLN B 22 17.93 10.43 -12.90
N ASP B 23 16.67 10.64 -13.31
CA ASP B 23 15.93 11.85 -12.95
C ASP B 23 15.18 11.75 -11.63
N HIS B 24 15.34 10.64 -10.90
CA HIS B 24 14.66 10.44 -9.61
C HIS B 24 15.64 9.77 -8.63
N GLY B 25 16.86 10.30 -8.63
CA GLY B 25 17.94 9.82 -7.77
C GLY B 25 18.35 8.38 -7.99
N GLY B 26 18.13 7.90 -9.22
CA GLY B 26 18.49 6.53 -9.58
C GLY B 26 17.51 5.48 -9.17
N ALA B 27 16.37 5.84 -8.59
CA ALA B 27 15.36 4.89 -8.22
C ALA B 27 15.00 4.05 -9.45
N LEU B 28 15.21 2.74 -9.37
CA LEU B 28 14.92 1.87 -10.51
C LEU B 28 13.41 1.79 -10.74
N VAL B 29 12.64 1.59 -9.67
CA VAL B 29 11.16 1.72 -9.67
C VAL B 29 10.81 3.20 -9.35
N PRO B 30 9.94 3.85 -10.13
CA PRO B 30 9.56 5.25 -9.80
C PRO B 30 8.90 5.34 -8.41
N PRO B 31 9.21 6.37 -7.59
CA PRO B 31 8.51 6.50 -6.31
C PRO B 31 7.02 6.76 -6.47
N VAL B 32 6.23 6.35 -5.49
CA VAL B 32 4.78 6.47 -5.60
C VAL B 32 4.37 7.81 -4.98
N TYR B 33 3.85 8.72 -5.80
CA TYR B 33 3.36 10.03 -5.34
C TYR B 33 1.98 9.94 -4.71
N GLN B 34 1.94 9.47 -3.47
CA GLN B 34 0.68 9.29 -2.74
C GLN B 34 0.47 10.57 -1.96
N THR B 35 0.08 11.61 -2.70
CA THR B 35 -0.11 12.97 -2.22
C THR B 35 -1.30 13.55 -2.96
N ALA B 36 -2.26 14.11 -2.22
CA ALA B 36 -3.44 14.74 -2.82
C ALA B 36 -3.11 16.09 -3.43
N THR B 37 -2.12 16.82 -2.90
CA THR B 37 -1.79 18.14 -3.45
C THR B 37 -0.29 18.44 -3.61
N PHE B 38 -0.01 19.46 -4.41
CA PHE B 38 1.34 19.93 -4.70
C PHE B 38 1.40 21.43 -4.40
N THR B 39 2.53 21.90 -3.91
CA THR B 39 2.72 23.30 -3.48
C THR B 39 3.43 24.11 -4.54
N PHE B 40 3.47 25.42 -4.36
CA PHE B 40 4.00 26.37 -5.33
C PHE B 40 5.12 27.20 -4.73
N PRO B 41 6.14 27.56 -5.55
CA PRO B 41 7.19 28.48 -5.08
C PRO B 41 6.73 29.95 -5.00
N THR B 42 5.76 30.34 -5.83
CA THR B 42 5.06 31.63 -5.71
C THR B 42 3.59 31.49 -6.14
N VAL B 43 2.77 32.47 -5.79
CA VAL B 43 1.36 32.49 -6.20
C VAL B 43 1.16 32.71 -7.71
N GLU B 44 2.00 33.56 -8.32
CA GLU B 44 1.94 33.82 -9.77
C GLU B 44 2.34 32.59 -10.59
N TYR B 45 3.22 31.76 -10.02
CA TYR B 45 3.49 30.41 -10.54
C TYR B 45 2.23 29.54 -10.47
N GLY B 46 1.59 29.52 -9.29
CA GLY B 46 0.34 28.81 -9.08
C GLY B 46 -0.79 29.24 -9.99
N ALA B 47 -0.99 30.55 -10.12
CA ALA B 47 -2.03 31.13 -11.00
C ALA B 47 -1.78 30.84 -12.49
N ALA B 48 -0.51 30.71 -12.89
CA ALA B 48 -0.13 30.31 -14.25
C ALA B 48 -0.63 28.90 -14.60
N CYS B 49 -0.55 27.99 -13.63
CA CYS B 49 -1.02 26.62 -13.79
C CYS B 49 -2.55 26.54 -13.97
N PHE B 50 -3.29 27.32 -13.17
CA PHE B 50 -4.77 27.34 -13.23
C PHE B 50 -5.34 28.28 -14.32
N ALA B 51 -4.52 29.23 -14.79
CA ALA B 51 -4.79 29.95 -16.03
C ALA B 51 -4.71 28.97 -17.21
N GLY B 52 -3.64 28.19 -17.24
CA GLY B 52 -3.42 27.14 -18.24
C GLY B 52 -4.56 26.16 -18.38
N GLU B 53 -5.10 25.68 -17.25
CA GLU B 53 -6.26 24.77 -17.24
C GLU B 53 -7.57 25.43 -17.73
N GLN B 54 -7.77 26.72 -17.46
CA GLN B 54 -8.93 27.47 -18.01
C GLN B 54 -8.84 27.77 -19.52
N ALA B 55 -7.63 27.73 -20.08
CA ALA B 55 -7.42 27.77 -21.54
C ALA B 55 -7.43 26.37 -22.20
N GLY B 56 -7.86 25.33 -21.48
CA GLY B 56 -7.90 23.96 -21.99
C GLY B 56 -6.56 23.21 -22.04
N HIS B 57 -5.49 23.75 -21.44
CA HIS B 57 -4.15 23.13 -21.47
C HIS B 57 -3.80 22.40 -20.16
N PHE B 58 -3.31 21.18 -20.31
CA PHE B 58 -2.93 20.31 -19.18
C PHE B 58 -1.44 20.52 -18.79
N TYR B 59 -1.18 20.72 -17.50
CA TYR B 59 0.17 20.99 -16.95
C TYR B 59 0.69 19.82 -16.08
N SER B 60 2.01 19.61 -16.07
CA SER B 60 2.63 18.55 -15.24
C SER B 60 2.60 18.88 -13.74
N ARG B 61 2.92 20.12 -13.39
CA ARG B 61 2.73 20.63 -12.02
C ARG B 61 1.24 20.77 -11.74
N ILE B 62 0.85 20.64 -10.47
CA ILE B 62 -0.52 20.23 -10.03
C ILE B 62 -1.07 19.04 -10.84
N SER B 63 -0.19 18.09 -11.16
CA SER B 63 -0.58 16.80 -11.69
C SER B 63 0.32 15.71 -11.15
N ASN B 64 -0.26 14.54 -10.93
CA ASN B 64 0.39 13.50 -10.20
C ASN B 64 1.36 12.72 -11.09
N PRO B 65 2.69 12.77 -10.81
CA PRO B 65 3.67 12.07 -11.65
C PRO B 65 3.49 10.55 -11.80
N THR B 66 2.99 9.89 -10.76
CA THR B 66 2.65 8.49 -10.87
C THR B 66 1.56 8.25 -11.93
N LEU B 67 0.46 8.99 -11.85
CA LEU B 67 -0.61 8.91 -12.84
C LEU B 67 -0.10 9.30 -14.24
N ASN B 68 0.71 10.36 -14.30
CA ASN B 68 1.25 10.81 -15.58
C ASN B 68 2.10 9.76 -16.28
N LEU B 69 2.91 9.02 -15.51
CA LEU B 69 3.75 7.97 -16.07
C LEU B 69 2.89 6.82 -16.61
N LEU B 70 1.92 6.37 -15.81
CA LEU B 70 0.94 5.38 -16.28
C LEU B 70 0.29 5.79 -17.61
N GLU B 71 -0.16 7.04 -17.66
CA GLU B 71 -0.83 7.57 -18.85
C GLU B 71 0.11 7.57 -20.07
N ALA B 72 1.34 8.02 -19.86
CA ALA B 72 2.33 8.07 -20.96
C ALA B 72 2.64 6.67 -21.45
N ARG B 73 2.70 5.72 -20.51
CA ARG B 73 3.04 4.36 -20.86
C ARG B 73 1.88 3.72 -21.63
N MET B 74 0.65 3.95 -21.18
CA MET B 74 -0.50 3.40 -21.86
C MET B 74 -0.62 4.01 -23.25
N ALA B 75 -0.35 5.31 -23.36
CA ALA B 75 -0.40 5.97 -24.65
C ALA B 75 0.61 5.37 -25.61
N SER B 76 1.84 5.15 -25.15
CA SER B 76 2.85 4.47 -25.95
C SER B 76 2.40 3.09 -26.45
N LEU B 77 1.84 2.28 -25.56
CA LEU B 77 1.45 0.92 -25.96
C LEU B 77 0.30 0.91 -26.96
N GLU B 78 -0.61 1.88 -26.88
CA GLU B 78 -1.71 1.98 -27.84
C GLU B 78 -1.30 2.73 -29.12
N GLY B 79 -0.12 3.34 -29.11
CA GLY B 79 0.34 4.18 -30.21
C GLY B 79 -0.31 5.55 -30.27
N GLY B 80 -0.92 5.99 -29.18
CA GLY B 80 -1.65 7.25 -29.11
C GLY B 80 -0.82 8.38 -28.56
N GLU B 81 -1.37 9.58 -28.65
CA GLU B 81 -0.63 10.79 -28.23
C GLU B 81 -0.67 11.02 -26.71
N ALA B 82 -1.81 10.71 -26.07
CA ALA B 82 -2.03 11.09 -24.70
C ALA B 82 -2.88 10.06 -23.99
N GLY B 83 -2.60 9.90 -22.71
CA GLY B 83 -3.43 9.04 -21.86
C GLY B 83 -4.04 9.74 -20.68
N LEU B 84 -5.11 9.12 -20.14
CA LEU B 84 -5.78 9.56 -18.93
C LEU B 84 -6.14 8.33 -18.10
N ALA B 85 -5.79 8.39 -16.82
CA ALA B 85 -6.06 7.33 -15.85
C ALA B 85 -7.22 7.71 -14.96
N LEU B 86 -8.15 6.77 -14.74
CA LEU B 86 -9.37 7.01 -13.94
C LEU B 86 -9.63 5.84 -13.00
N ALA B 87 -10.58 6.01 -12.09
CA ALA B 87 -10.84 5.06 -11.01
C ALA B 87 -11.43 3.70 -11.44
N SER B 88 -11.97 3.61 -12.65
CA SER B 88 -12.61 2.40 -13.15
C SER B 88 -12.80 2.52 -14.65
N GLY B 89 -13.05 1.39 -15.32
CA GLY B 89 -13.52 1.39 -16.71
C GLY B 89 -14.76 2.25 -16.95
N MET B 90 -15.72 2.16 -16.02
CA MET B 90 -16.92 3.02 -16.11
C MET B 90 -16.56 4.49 -15.96
N GLY B 91 -15.61 4.79 -15.10
CA GLY B 91 -15.03 6.13 -15.03
C GLY B 91 -14.47 6.62 -16.35
N ALA B 92 -13.76 5.77 -17.08
CA ALA B 92 -13.24 6.12 -18.43
C ALA B 92 -14.37 6.38 -19.42
N ILE B 93 -15.38 5.50 -19.40
CA ILE B 93 -16.46 5.53 -20.37
C ILE B 93 -17.32 6.78 -20.15
N THR B 94 -17.75 6.94 -18.91
CA THR B 94 -18.57 8.08 -18.54
C THR B 94 -17.87 9.41 -18.72
N SER B 95 -16.62 9.51 -18.26
CA SER B 95 -15.88 10.76 -18.38
C SER B 95 -15.75 11.17 -19.86
N THR B 96 -15.55 10.16 -20.72
CA THR B 96 -15.43 10.38 -22.15
C THR B 96 -16.75 10.87 -22.75
N LEU B 97 -17.82 10.11 -22.54
CA LEU B 97 -19.09 10.39 -23.18
C LEU B 97 -19.78 11.65 -22.63
N TRP B 98 -19.70 11.89 -21.31
CA TRP B 98 -20.19 13.16 -20.73
C TRP B 98 -19.48 14.38 -21.35
N THR B 99 -18.23 14.22 -21.73
CA THR B 99 -17.48 15.29 -22.37
C THR B 99 -17.92 15.51 -23.81
N LEU B 100 -18.09 14.44 -24.55
CA LEU B 100 -18.24 14.55 -26.00
C LEU B 100 -19.67 14.78 -26.46
N LEU B 101 -20.65 14.52 -25.60
CA LEU B 101 -22.06 14.53 -26.00
C LEU B 101 -22.87 15.60 -25.26
N ARG B 102 -23.88 16.11 -25.97
CA ARG B 102 -24.81 17.08 -25.42
C ARG B 102 -26.22 16.80 -25.97
N PRO B 103 -27.26 17.32 -25.30
CA PRO B 103 -28.61 16.98 -25.79
C PRO B 103 -28.78 17.39 -27.27
N GLY B 104 -29.47 16.56 -28.03
CA GLY B 104 -29.55 16.70 -29.48
C GLY B 104 -28.54 15.87 -30.26
N ASP B 105 -27.39 15.56 -29.68
CA ASP B 105 -26.41 14.67 -30.32
C ASP B 105 -26.93 13.26 -30.39
N GLU B 106 -26.53 12.55 -31.45
CA GLU B 106 -26.83 11.14 -31.62
C GLU B 106 -25.54 10.35 -31.36
N VAL B 107 -25.68 9.21 -30.68
CA VAL B 107 -24.59 8.26 -30.56
C VAL B 107 -25.03 6.95 -31.19
N LEU B 108 -24.20 6.40 -32.05
CA LEU B 108 -24.46 5.08 -32.64
C LEU B 108 -23.69 4.01 -31.85
N LEU B 109 -24.37 2.94 -31.46
CA LEU B 109 -23.83 1.96 -30.53
C LEU B 109 -23.73 0.58 -31.15
N GLY B 110 -22.68 -0.15 -30.80
CA GLY B 110 -22.61 -1.59 -31.10
C GLY B 110 -23.85 -2.25 -30.54
N ASN B 111 -24.30 -3.32 -31.17
CA ASN B 111 -25.52 -4.02 -30.71
C ASN B 111 -25.42 -4.63 -29.34
N THR B 112 -24.22 -4.97 -28.88
CA THR B 112 -24.04 -5.64 -27.61
C THR B 112 -22.97 -4.92 -26.83
N LEU B 113 -23.30 -4.53 -25.62
CA LEU B 113 -22.42 -3.82 -24.75
C LEU B 113 -22.41 -4.46 -23.37
N TYR B 114 -21.30 -4.26 -22.66
CA TYR B 114 -21.20 -4.50 -21.22
C TYR B 114 -22.43 -3.90 -20.51
N GLY B 115 -23.01 -4.63 -19.56
CA GLY B 115 -24.24 -4.22 -18.88
C GLY B 115 -24.27 -2.81 -18.31
N HIS B 116 -23.26 -2.40 -17.54
CA HIS B 116 -23.31 -1.03 -16.99
C HIS B 116 -23.06 0.05 -18.04
N THR B 117 -22.39 -0.28 -19.14
CA THR B 117 -22.24 0.66 -20.25
C THR B 117 -23.63 0.89 -20.87
N PHE B 118 -24.33 -0.22 -21.10
CA PHE B 118 -25.70 -0.20 -21.60
C PHE B 118 -26.60 0.61 -20.66
N ALA B 119 -26.50 0.37 -19.36
CA ALA B 119 -27.33 1.10 -18.38
C ALA B 119 -27.00 2.59 -18.30
N PHE B 120 -25.71 2.92 -18.37
CA PHE B 120 -25.30 4.32 -18.44
C PHE B 120 -25.93 5.00 -19.67
N LEU B 121 -25.88 4.33 -20.80
CA LEU B 121 -26.41 4.91 -22.05
C LEU B 121 -27.93 5.07 -21.98
N HIS B 122 -28.65 4.01 -21.69
CA HIS B 122 -30.12 4.05 -21.72
C HIS B 122 -30.80 4.70 -20.53
N HIS B 123 -30.24 4.50 -19.34
CA HIS B 123 -30.82 5.02 -18.11
C HIS B 123 -30.07 6.21 -17.51
N GLY B 124 -28.93 6.58 -18.08
CA GLY B 124 -28.18 7.75 -17.61
C GLY B 124 -28.17 8.84 -18.66
N ILE B 125 -27.08 8.94 -19.42
CA ILE B 125 -26.91 10.03 -20.40
C ILE B 125 -28.06 10.12 -21.42
N GLY B 126 -28.63 8.96 -21.78
CA GLY B 126 -29.80 8.89 -22.66
C GLY B 126 -31.10 9.45 -22.11
N GLU B 127 -31.19 9.61 -20.77
CA GLU B 127 -32.28 10.35 -20.14
C GLU B 127 -31.97 11.85 -19.97
N PHE B 128 -30.82 12.31 -20.46
CA PHE B 128 -30.49 13.73 -20.47
C PHE B 128 -30.50 14.33 -21.88
N GLY B 129 -31.28 13.73 -22.79
CA GLY B 129 -31.55 14.28 -24.11
C GLY B 129 -30.63 13.83 -25.24
N VAL B 130 -29.71 12.92 -24.91
CA VAL B 130 -28.81 12.36 -25.91
C VAL B 130 -29.54 11.19 -26.55
N LYS B 131 -29.54 11.14 -27.88
CA LYS B 131 -30.26 10.11 -28.63
C LYS B 131 -29.32 8.94 -28.89
N LEU B 132 -29.90 7.74 -28.81
CA LEU B 132 -29.18 6.48 -28.90
C LEU B 132 -29.75 5.66 -30.02
N ARG B 133 -28.88 5.04 -30.81
CA ARG B 133 -29.32 3.99 -31.70
C ARG B 133 -28.28 2.89 -31.77
N HIS B 134 -28.74 1.65 -31.76
CA HIS B 134 -27.87 0.48 -31.88
C HIS B 134 -27.83 0.02 -33.31
N VAL B 135 -26.64 -0.32 -33.79
CA VAL B 135 -26.42 -0.86 -35.14
C VAL B 135 -25.40 -2.00 -35.07
N ASP B 136 -25.46 -2.90 -36.05
CA ASP B 136 -24.45 -3.93 -36.20
C ASP B 136 -23.23 -3.31 -36.84
N MET B 137 -22.17 -3.11 -36.04
CA MET B 137 -20.94 -2.47 -36.52
C MET B 137 -20.13 -3.34 -37.50
N ALA B 138 -20.49 -4.61 -37.65
CA ALA B 138 -19.91 -5.46 -38.71
C ALA B 138 -20.62 -5.25 -40.06
N ASP B 139 -21.83 -4.71 -40.05
CA ASP B 139 -22.57 -4.41 -41.28
C ASP B 139 -22.36 -2.94 -41.68
N LEU B 140 -21.34 -2.72 -42.49
CA LEU B 140 -20.91 -1.36 -42.88
C LEU B 140 -21.96 -0.62 -43.71
N GLN B 141 -22.69 -1.36 -44.55
CA GLN B 141 -23.87 -0.84 -45.25
C GLN B 141 -24.89 -0.28 -44.26
N ALA B 142 -25.22 -1.06 -43.22
CA ALA B 142 -26.20 -0.63 -42.23
C ALA B 142 -25.69 0.55 -41.40
N LEU B 143 -24.40 0.56 -41.06
CA LEU B 143 -23.84 1.68 -40.31
C LEU B 143 -23.93 2.98 -41.14
N GLU B 144 -23.46 2.91 -42.38
CA GLU B 144 -23.55 4.04 -43.34
C GLU B 144 -24.97 4.56 -43.42
N ALA B 145 -25.93 3.65 -43.57
CA ALA B 145 -27.36 4.01 -43.65
C ALA B 145 -27.91 4.64 -42.39
N ALA B 146 -27.34 4.31 -41.23
CA ALA B 146 -27.77 4.88 -39.95
C ALA B 146 -27.14 6.24 -39.64
N MET B 147 -26.09 6.63 -40.36
CA MET B 147 -25.42 7.90 -40.11
C MET B 147 -26.29 9.11 -40.45
N THR B 148 -26.24 10.11 -39.56
CA THR B 148 -26.88 11.41 -39.76
C THR B 148 -25.83 12.47 -39.46
N PRO B 149 -26.09 13.74 -39.87
CA PRO B 149 -25.22 14.84 -39.42
C PRO B 149 -25.19 15.08 -37.90
N ALA B 150 -26.26 14.70 -37.20
CA ALA B 150 -26.32 14.76 -35.73
C ALA B 150 -25.54 13.63 -35.00
N THR B 151 -25.12 12.61 -35.74
CA THR B 151 -24.27 11.53 -35.19
C THR B 151 -22.90 12.06 -34.80
N ARG B 152 -22.71 12.23 -33.50
CA ARG B 152 -21.48 12.79 -32.94
C ARG B 152 -20.48 11.69 -32.60
N VAL B 153 -20.96 10.57 -32.07
CA VAL B 153 -20.08 9.49 -31.56
C VAL B 153 -20.56 8.12 -32.04
N ILE B 154 -19.61 7.28 -32.46
CA ILE B 154 -19.82 5.85 -32.71
C ILE B 154 -19.01 5.15 -31.61
N TYR B 155 -19.69 4.32 -30.82
CA TYR B 155 -19.09 3.65 -29.64
C TYR B 155 -19.35 2.15 -29.75
N PHE B 156 -18.30 1.34 -29.65
CA PHE B 156 -18.49 -0.11 -29.59
C PHE B 156 -17.33 -0.80 -28.88
N GLU B 157 -17.57 -2.05 -28.47
CA GLU B 157 -16.52 -2.97 -28.01
C GLU B 157 -16.21 -3.88 -29.16
N SER B 158 -14.96 -4.27 -29.34
CA SER B 158 -14.58 -5.35 -30.25
C SER B 158 -13.41 -6.15 -29.73
N PRO B 159 -13.55 -7.47 -29.52
CA PRO B 159 -14.80 -8.25 -29.54
C PRO B 159 -15.79 -7.79 -28.47
N ALA B 160 -17.07 -8.03 -28.66
CA ALA B 160 -18.10 -7.55 -27.74
C ALA B 160 -18.39 -8.48 -26.55
N ASN B 161 -18.54 -7.87 -25.38
CA ASN B 161 -18.85 -8.57 -24.13
C ASN B 161 -20.37 -8.80 -24.20
N PRO B 162 -20.86 -10.04 -24.39
CA PRO B 162 -20.14 -11.29 -24.09
C PRO B 162 -20.05 -12.34 -25.22
N ASN B 163 -20.65 -12.06 -26.39
CA ASN B 163 -20.73 -13.04 -27.51
C ASN B 163 -19.56 -13.06 -28.52
N MET B 164 -18.60 -12.13 -28.35
CA MET B 164 -17.35 -12.03 -29.14
C MET B 164 -17.51 -11.46 -30.58
N HIS B 165 -18.67 -10.87 -30.86
CA HIS B 165 -18.94 -10.27 -32.18
C HIS B 165 -17.95 -9.09 -32.36
N MET B 166 -17.48 -8.96 -33.58
CA MET B 166 -16.43 -8.05 -33.93
C MET B 166 -16.97 -6.95 -34.83
N ALA B 167 -16.25 -5.84 -34.85
CA ALA B 167 -16.46 -4.78 -35.84
C ALA B 167 -15.16 -4.57 -36.60
N ASP B 168 -15.26 -4.16 -37.86
CA ASP B 168 -14.12 -3.81 -38.70
C ASP B 168 -13.84 -2.35 -38.37
N ILE B 169 -12.89 -2.14 -37.50
CA ILE B 169 -12.61 -0.81 -36.97
C ILE B 169 -12.23 0.19 -38.08
N ALA B 170 -11.32 -0.21 -38.98
CA ALA B 170 -10.90 0.68 -40.10
C ALA B 170 -12.06 1.03 -41.02
N GLY B 171 -12.94 0.06 -41.24
CA GLY B 171 -14.14 0.29 -42.03
C GLY B 171 -15.12 1.23 -41.37
N VAL B 172 -15.28 1.09 -40.05
CA VAL B 172 -16.12 2.01 -39.29
C VAL B 172 -15.50 3.40 -39.32
N ALA B 173 -14.17 3.46 -39.13
CA ALA B 173 -13.43 4.71 -39.14
C ALA B 173 -13.63 5.47 -40.44
N LYS B 174 -13.61 4.75 -41.56
CA LYS B 174 -13.83 5.37 -42.89
C LYS B 174 -15.18 6.10 -42.96
N ILE B 175 -16.22 5.41 -42.51
CA ILE B 175 -17.55 5.96 -42.43
C ILE B 175 -17.63 7.17 -41.49
N ALA B 176 -17.01 7.07 -40.32
CA ALA B 176 -16.93 8.18 -39.40
C ALA B 176 -16.25 9.43 -40.00
N ARG B 177 -15.12 9.23 -40.69
CA ARG B 177 -14.40 10.33 -41.35
C ARG B 177 -15.23 11.01 -42.45
N LYS B 178 -15.94 10.21 -43.23
CA LYS B 178 -16.83 10.76 -44.28
C LYS B 178 -17.93 11.65 -43.69
N HIS B 179 -18.51 11.22 -42.58
CA HIS B 179 -19.64 11.91 -41.96
C HIS B 179 -19.29 12.92 -40.89
N GLY B 180 -18.08 12.85 -40.34
CA GLY B 180 -17.63 13.76 -39.28
C GLY B 180 -17.93 13.31 -37.84
N ALA B 181 -17.89 12.00 -37.58
CA ALA B 181 -18.17 11.47 -36.23
C ALA B 181 -16.87 11.04 -35.53
N THR B 182 -16.92 11.04 -34.20
CA THR B 182 -15.81 10.55 -33.36
C THR B 182 -16.02 9.06 -33.01
N VAL B 183 -14.98 8.24 -33.20
CA VAL B 183 -15.05 6.77 -32.99
C VAL B 183 -14.38 6.45 -31.67
N VAL B 184 -15.13 5.82 -30.78
CA VAL B 184 -14.64 5.41 -29.45
C VAL B 184 -14.72 3.87 -29.37
N VAL B 185 -13.59 3.21 -29.10
CA VAL B 185 -13.55 1.76 -29.03
C VAL B 185 -13.12 1.33 -27.61
N ASP B 186 -13.94 0.46 -27.03
CA ASP B 186 -13.61 -0.23 -25.79
C ASP B 186 -12.71 -1.44 -26.13
N ASN B 187 -11.43 -1.33 -25.79
CA ASN B 187 -10.42 -2.29 -26.14
C ASN B 187 -9.98 -3.16 -24.94
N THR B 188 -10.86 -3.29 -23.95
CA THR B 188 -10.61 -4.01 -22.71
C THR B 188 -10.18 -5.46 -22.96
N TYR B 189 -10.93 -6.17 -23.77
CA TYR B 189 -10.65 -7.58 -24.03
C TYR B 189 -9.31 -7.82 -24.68
N CYS B 190 -8.93 -7.01 -25.66
CA CYS B 190 -7.70 -7.28 -26.38
C CYS B 190 -6.44 -6.79 -25.70
N THR B 191 -6.52 -5.60 -25.08
CA THR B 191 -5.39 -4.80 -24.66
C THR B 191 -4.62 -4.29 -25.87
N PRO B 192 -3.79 -3.24 -25.69
CA PRO B 192 -2.93 -2.82 -26.80
C PRO B 192 -1.96 -3.85 -27.33
N TYR B 193 -1.68 -4.88 -26.53
CA TYR B 193 -0.80 -5.93 -26.97
C TYR B 193 -1.39 -6.73 -28.14
N LEU B 194 -2.70 -6.89 -28.17
CA LEU B 194 -3.36 -7.66 -29.25
C LEU B 194 -4.06 -6.82 -30.33
N GLN B 195 -4.49 -5.60 -30.01
CA GLN B 195 -5.28 -4.80 -30.94
C GLN B 195 -5.07 -3.33 -30.61
N ARG B 196 -4.81 -2.52 -31.64
CA ARG B 196 -4.57 -1.10 -31.41
C ARG B 196 -5.52 -0.25 -32.27
N PRO B 197 -6.73 -0.02 -31.76
CA PRO B 197 -7.74 0.66 -32.58
C PRO B 197 -7.33 2.04 -33.07
N LEU B 198 -6.47 2.75 -32.34
CA LEU B 198 -6.03 4.08 -32.81
C LEU B 198 -5.24 3.98 -34.11
N GLU B 199 -4.53 2.87 -34.30
CA GLU B 199 -3.78 2.63 -35.53
C GLU B 199 -4.68 2.20 -36.71
N LEU B 200 -5.97 1.98 -36.42
CA LEU B 200 -6.98 1.61 -37.41
C LEU B 200 -8.01 2.71 -37.59
N GLY B 201 -7.70 3.92 -37.13
CA GLY B 201 -8.55 5.09 -37.38
C GLY B 201 -9.51 5.50 -36.29
N ALA B 202 -9.56 4.78 -35.17
CA ALA B 202 -10.37 5.21 -34.03
C ALA B 202 -9.76 6.47 -33.46
N ASP B 203 -10.61 7.31 -32.89
CA ASP B 203 -10.16 8.56 -32.22
C ASP B 203 -9.77 8.32 -30.75
N LEU B 204 -10.51 7.46 -30.08
CA LEU B 204 -10.31 7.21 -28.65
C LEU B 204 -10.42 5.72 -28.35
N VAL B 205 -9.63 5.27 -27.39
CA VAL B 205 -9.82 3.91 -26.84
C VAL B 205 -10.02 4.03 -25.35
N VAL B 206 -10.92 3.19 -24.82
CA VAL B 206 -11.15 3.10 -23.41
C VAL B 206 -10.87 1.65 -22.95
N HIS B 207 -10.46 1.54 -21.69
CA HIS B 207 -10.20 0.24 -21.03
C HIS B 207 -10.73 0.20 -19.63
N SER B 208 -11.27 -0.96 -19.25
CA SER B 208 -11.28 -1.35 -17.87
C SER B 208 -9.92 -1.99 -17.57
N ALA B 209 -9.00 -1.17 -17.04
CA ALA B 209 -7.66 -1.64 -16.69
C ALA B 209 -7.69 -2.58 -15.46
N THR B 210 -8.84 -2.64 -14.79
CA THR B 210 -9.17 -3.69 -13.82
C THR B 210 -8.91 -5.13 -14.32
N LYS B 211 -9.00 -5.33 -15.64
CA LYS B 211 -8.97 -6.64 -16.24
C LYS B 211 -7.51 -7.00 -16.63
N TYR B 212 -7.24 -7.27 -17.91
CA TYR B 212 -5.92 -7.75 -18.32
C TYR B 212 -4.76 -6.84 -18.02
N LEU B 213 -4.97 -5.53 -18.08
CA LEU B 213 -3.82 -4.63 -17.89
C LEU B 213 -3.22 -4.79 -16.49
N SER B 214 -4.07 -4.75 -15.48
CA SER B 214 -3.68 -5.10 -14.11
C SER B 214 -3.19 -6.55 -14.07
N GLY B 215 -4.06 -7.43 -14.57
CA GLY B 215 -3.81 -8.85 -14.65
C GLY B 215 -3.94 -9.69 -13.40
N HIS B 216 -4.04 -9.05 -12.24
CA HIS B 216 -3.99 -9.75 -10.96
C HIS B 216 -5.18 -9.54 -10.05
N GLY B 217 -6.20 -8.82 -10.53
CA GLY B 217 -7.52 -8.80 -9.86
C GLY B 217 -7.54 -7.99 -8.59
N ASP B 218 -6.55 -7.14 -8.39
CA ASP B 218 -6.41 -6.44 -7.11
C ASP B 218 -6.60 -4.94 -7.15
N ILE B 219 -6.82 -4.36 -8.33
CA ILE B 219 -7.14 -2.93 -8.43
C ILE B 219 -8.33 -2.73 -9.33
N THR B 220 -8.92 -1.53 -9.21
CA THR B 220 -9.96 -1.08 -10.14
C THR B 220 -9.39 0.17 -10.80
N ALA B 221 -9.51 0.24 -12.13
CA ALA B 221 -8.91 1.36 -12.90
C ALA B 221 -9.43 1.41 -14.30
N GLY B 222 -9.42 2.62 -14.86
CA GLY B 222 -9.74 2.86 -16.24
C GLY B 222 -8.67 3.70 -16.93
N ILE B 223 -8.64 3.57 -18.25
CA ILE B 223 -7.70 4.30 -19.07
C ILE B 223 -8.44 4.83 -20.31
N VAL B 224 -8.15 6.07 -20.70
CA VAL B 224 -8.53 6.62 -22.00
C VAL B 224 -7.22 6.97 -22.71
N VAL B 225 -7.14 6.65 -24.01
CA VAL B 225 -6.01 7.07 -24.85
C VAL B 225 -6.55 7.67 -26.15
N GLY B 226 -5.92 8.74 -26.59
CA GLY B 226 -6.26 9.34 -27.87
C GLY B 226 -5.43 10.58 -28.09
N SER B 227 -5.93 11.50 -28.92
CA SER B 227 -5.21 12.75 -29.16
C SER B 227 -5.15 13.61 -27.90
N GLN B 228 -4.08 14.41 -27.80
CA GLN B 228 -3.96 15.40 -26.74
C GLN B 228 -5.20 16.31 -26.63
N ALA B 229 -5.73 16.75 -27.78
CA ALA B 229 -6.93 17.61 -27.80
C ALA B 229 -8.12 16.98 -27.10
N LEU B 230 -8.47 15.74 -27.48
CA LEU B 230 -9.62 15.08 -26.88
C LEU B 230 -9.35 14.69 -25.43
N VAL B 231 -8.16 14.14 -25.19
CA VAL B 231 -7.85 13.67 -23.84
C VAL B 231 -7.84 14.84 -22.85
N ASP B 232 -7.25 15.99 -23.25
CA ASP B 232 -7.31 17.19 -22.40
C ASP B 232 -8.74 17.58 -22.03
N ARG B 233 -9.66 17.54 -22.99
CA ARG B 233 -11.06 17.88 -22.71
C ARG B 233 -11.69 16.90 -21.74
N ILE B 234 -11.44 15.62 -21.96
CA ILE B 234 -12.00 14.60 -21.07
C ILE B 234 -11.43 14.74 -19.64
N ARG B 235 -10.15 15.05 -19.53
CA ARG B 235 -9.53 15.30 -18.22
C ARG B 235 -10.15 16.50 -17.48
N LEU B 236 -10.21 17.62 -18.20
CA LEU B 236 -10.55 18.93 -17.61
C LEU B 236 -12.06 19.12 -17.42
N GLN B 237 -12.89 18.34 -18.12
CA GLN B 237 -14.35 18.41 -17.97
C GLN B 237 -14.91 17.10 -17.43
N GLY B 238 -14.80 16.02 -18.21
CA GLY B 238 -15.36 14.72 -17.82
C GLY B 238 -14.90 14.29 -16.44
N LEU B 239 -13.59 14.25 -16.23
CA LEU B 239 -13.03 13.80 -14.97
C LEU B 239 -13.15 14.87 -13.86
N LYS B 240 -12.61 16.05 -14.14
CA LYS B 240 -12.52 17.12 -13.13
C LYS B 240 -13.89 17.56 -12.61
N ASP B 241 -14.85 17.69 -13.51
CA ASP B 241 -16.17 18.26 -13.19
C ASP B 241 -17.31 17.25 -13.17
N MET B 242 -17.31 16.26 -14.05
CA MET B 242 -18.54 15.46 -14.25
C MET B 242 -18.58 14.06 -13.60
N THR B 243 -17.42 13.51 -13.23
CA THR B 243 -17.39 12.18 -12.58
C THR B 243 -16.55 12.14 -11.30
N GLY B 244 -15.45 12.88 -11.23
CA GLY B 244 -14.52 12.80 -10.12
C GLY B 244 -13.96 11.38 -9.95
N ALA B 245 -13.85 10.65 -11.05
CA ALA B 245 -13.37 9.26 -11.02
C ALA B 245 -11.83 9.22 -10.98
N VAL B 246 -11.28 9.68 -9.86
CA VAL B 246 -9.84 9.85 -9.65
C VAL B 246 -9.20 8.51 -9.26
N LEU B 247 -8.12 8.14 -9.95
CA LEU B 247 -7.37 6.90 -9.64
C LEU B 247 -6.36 7.12 -8.53
N SER B 248 -6.33 6.22 -7.55
CA SER B 248 -5.34 6.25 -6.47
C SER B 248 -3.94 6.04 -7.05
N PRO B 249 -2.96 6.85 -6.63
CA PRO B 249 -1.56 6.58 -7.01
C PRO B 249 -1.08 5.18 -6.63
N HIS B 250 -1.54 4.67 -5.49
CA HIS B 250 -1.23 3.30 -5.08
C HIS B 250 -1.68 2.28 -6.16
N ASP B 251 -2.92 2.41 -6.62
CA ASP B 251 -3.47 1.53 -7.64
C ASP B 251 -2.81 1.76 -9.00
N ALA B 252 -2.55 3.03 -9.35
CA ALA B 252 -1.76 3.35 -10.57
C ALA B 252 -0.40 2.64 -10.57
N ALA B 253 0.31 2.68 -9.46
CA ALA B 253 1.61 1.99 -9.34
C ALA B 253 1.48 0.48 -9.52
N LEU B 254 0.45 -0.12 -8.93
CA LEU B 254 0.18 -1.54 -9.11
C LEU B 254 -0.21 -1.94 -10.53
N LEU B 255 -0.99 -1.08 -11.19
CA LEU B 255 -1.32 -1.25 -12.60
C LEU B 255 -0.05 -1.23 -13.47
N MET B 256 0.84 -0.27 -13.25
CA MET B 256 2.12 -0.26 -13.95
C MET B 256 2.93 -1.52 -13.66
N ARG B 257 2.85 -2.04 -12.43
CA ARG B 257 3.50 -3.30 -12.13
C ARG B 257 2.93 -4.41 -13.03
N GLY B 258 1.60 -4.47 -13.13
CA GLY B 258 0.93 -5.45 -14.00
C GLY B 258 1.31 -5.34 -15.46
N ILE B 259 1.38 -4.11 -15.93
CA ILE B 259 1.72 -3.85 -17.31
C ILE B 259 3.09 -4.38 -17.70
N LYS B 260 4.03 -4.40 -16.76
CA LYS B 260 5.36 -4.94 -17.03
C LYS B 260 5.38 -6.42 -17.51
N THR B 261 4.36 -7.19 -17.18
CA THR B 261 4.25 -8.58 -17.66
C THR B 261 3.09 -8.81 -18.63
N LEU B 262 2.49 -7.73 -19.15
CA LEU B 262 1.35 -7.87 -20.05
C LEU B 262 1.61 -8.79 -21.23
N ASN B 263 2.72 -8.62 -21.93
CA ASN B 263 3.00 -9.47 -23.10
C ASN B 263 3.09 -10.96 -22.72
N LEU B 264 3.75 -11.25 -21.60
CA LEU B 264 3.90 -12.64 -21.17
C LEU B 264 2.57 -13.27 -20.74
N ARG B 265 1.78 -12.50 -19.99
CA ARG B 265 0.48 -12.97 -19.52
C ARG B 265 -0.47 -13.19 -20.68
N MET B 266 -0.58 -12.22 -21.61
CA MET B 266 -1.48 -12.39 -22.74
C MET B 266 -1.07 -13.59 -23.59
N ASP B 267 0.23 -13.80 -23.79
CA ASP B 267 0.69 -14.96 -24.55
C ASP B 267 0.16 -16.27 -23.91
N ARG B 268 0.25 -16.36 -22.59
CA ARG B 268 -0.25 -17.52 -21.87
C ARG B 268 -1.76 -17.64 -21.85
N HIS B 269 -2.48 -16.53 -21.60
CA HIS B 269 -3.95 -16.51 -21.67
C HIS B 269 -4.43 -17.06 -23.03
N CYS B 270 -3.80 -16.58 -24.10
CA CYS B 270 -4.22 -16.93 -25.47
C CYS B 270 -3.87 -18.37 -25.76
N ALA B 271 -2.69 -18.81 -25.34
CA ALA B 271 -2.29 -20.21 -25.58
C ALA B 271 -3.23 -21.17 -24.84
N ASN B 272 -3.53 -20.88 -23.58
CA ASN B 272 -4.48 -21.70 -22.82
C ASN B 272 -5.88 -21.69 -23.42
N ALA B 273 -6.36 -20.51 -23.79
CA ALA B 273 -7.70 -20.39 -24.35
C ALA B 273 -7.86 -21.14 -25.68
N GLN B 274 -6.84 -21.12 -26.52
CA GLN B 274 -6.87 -21.85 -27.79
C GLN B 274 -7.06 -23.35 -27.55
N VAL B 275 -6.29 -23.90 -26.60
CA VAL B 275 -6.38 -25.32 -26.25
C VAL B 275 -7.76 -25.62 -25.66
N LEU B 276 -8.22 -24.78 -24.74
CA LEU B 276 -9.56 -24.99 -24.17
C LEU B 276 -10.69 -24.89 -25.19
N ALA B 277 -10.60 -23.90 -26.07
CA ALA B 277 -11.62 -23.72 -27.12
C ALA B 277 -11.66 -24.93 -28.05
N GLU B 278 -10.49 -25.39 -28.49
CA GLU B 278 -10.40 -26.58 -29.32
C GLU B 278 -10.98 -27.83 -28.62
N PHE B 279 -10.72 -27.95 -27.32
CA PHE B 279 -11.29 -29.03 -26.51
C PHE B 279 -12.81 -28.93 -26.49
N LEU B 280 -13.33 -27.74 -26.15
CA LEU B 280 -14.78 -27.53 -26.05
C LEU B 280 -15.51 -27.83 -27.35
N ALA B 281 -14.90 -27.45 -28.47
CA ALA B 281 -15.46 -27.71 -29.81
C ALA B 281 -15.74 -29.20 -30.08
N ARG B 282 -14.99 -30.11 -29.46
CA ARG B 282 -15.12 -31.57 -29.63
C ARG B 282 -16.05 -32.25 -28.60
N GLN B 283 -16.62 -31.52 -27.66
CA GLN B 283 -17.39 -32.15 -26.60
C GLN B 283 -18.86 -32.28 -26.92
N PRO B 284 -19.47 -33.42 -26.56
CA PRO B 284 -20.89 -33.65 -26.86
C PRO B 284 -21.90 -32.74 -26.14
N GLN B 285 -21.53 -32.14 -25.00
CA GLN B 285 -22.42 -31.30 -24.25
C GLN B 285 -22.53 -29.89 -24.86
N VAL B 286 -21.61 -29.53 -25.73
CA VAL B 286 -21.49 -28.15 -26.25
C VAL B 286 -22.24 -28.01 -27.60
N GLU B 287 -23.17 -27.07 -27.64
CA GLU B 287 -24.02 -26.78 -28.81
C GLU B 287 -23.26 -25.86 -29.77
N LEU B 288 -22.74 -24.74 -29.25
CA LEU B 288 -22.01 -23.75 -30.04
C LEU B 288 -20.89 -23.15 -29.21
N ILE B 289 -19.84 -22.69 -29.88
CA ILE B 289 -18.75 -21.96 -29.22
C ILE B 289 -18.37 -20.69 -30.02
N HIS B 290 -18.12 -19.60 -29.31
CA HIS B 290 -17.61 -18.36 -29.86
C HIS B 290 -16.17 -18.16 -29.33
N TYR B 291 -15.20 -18.51 -30.16
CA TYR B 291 -13.81 -18.16 -29.90
C TYR B 291 -13.15 -17.72 -31.20
N PRO B 292 -12.53 -16.52 -31.20
CA PRO B 292 -11.94 -16.00 -32.45
C PRO B 292 -10.87 -16.86 -33.09
N GLY B 293 -10.19 -17.67 -32.29
CA GLY B 293 -9.15 -18.54 -32.76
C GLY B 293 -9.57 -19.85 -33.41
N LEU B 294 -10.85 -20.17 -33.42
CA LEU B 294 -11.35 -21.35 -34.13
C LEU B 294 -11.67 -20.94 -35.59
N ALA B 295 -11.26 -21.77 -36.55
CA ALA B 295 -11.54 -21.54 -37.99
C ALA B 295 -13.04 -21.40 -38.29
N SER B 296 -13.87 -22.05 -37.49
CA SER B 296 -15.32 -21.93 -37.58
C SER B 296 -15.91 -20.59 -37.08
N PHE B 297 -15.12 -19.75 -36.42
CA PHE B 297 -15.62 -18.45 -35.93
C PHE B 297 -16.15 -17.66 -37.13
N PRO B 298 -17.38 -17.15 -37.07
CA PRO B 298 -17.93 -16.48 -38.28
C PRO B 298 -17.05 -15.38 -38.84
N GLN B 299 -16.37 -14.63 -37.97
CA GLN B 299 -15.50 -13.54 -38.38
C GLN B 299 -14.03 -13.84 -38.22
N TYR B 300 -13.67 -15.10 -38.51
CA TYR B 300 -12.30 -15.58 -38.37
C TYR B 300 -11.30 -14.71 -39.13
N THR B 301 -11.61 -14.40 -40.40
CA THR B 301 -10.75 -13.59 -41.24
C THR B 301 -10.52 -12.20 -40.66
N LEU B 302 -11.59 -11.53 -40.24
CA LEU B 302 -11.46 -10.22 -39.62
C LEU B 302 -10.68 -10.28 -38.27
N ALA B 303 -10.93 -11.31 -37.44
CA ALA B 303 -10.12 -11.53 -36.21
C ALA B 303 -8.64 -11.60 -36.48
N ARG B 304 -8.25 -12.36 -37.50
CA ARG B 304 -6.84 -12.52 -37.84
C ARG B 304 -6.19 -11.27 -38.41
N GLN B 305 -6.98 -10.46 -39.10
CA GLN B 305 -6.52 -9.18 -39.64
C GLN B 305 -6.23 -8.17 -38.53
N GLN B 306 -7.12 -8.12 -37.56
CA GLN B 306 -7.22 -7.00 -36.63
C GLN B 306 -6.66 -7.27 -35.22
N MET B 307 -6.57 -8.55 -34.85
CA MET B 307 -6.03 -8.94 -33.52
C MET B 307 -4.85 -9.83 -33.78
N SER B 308 -3.74 -9.60 -33.06
CA SER B 308 -2.54 -10.39 -33.32
C SER B 308 -2.62 -11.81 -32.72
N GLN B 309 -3.49 -12.00 -31.72
CA GLN B 309 -3.82 -13.32 -31.18
C GLN B 309 -5.29 -13.33 -30.80
N PRO B 310 -5.91 -14.52 -30.72
CA PRO B 310 -7.36 -14.60 -30.53
C PRO B 310 -7.94 -14.35 -29.13
N GLY B 311 -7.08 -14.06 -28.14
CA GLY B 311 -7.56 -13.60 -26.84
C GLY B 311 -7.77 -14.71 -25.81
N GLY B 312 -8.09 -14.30 -24.59
CA GLY B 312 -8.26 -15.21 -23.45
C GLY B 312 -9.69 -15.52 -23.06
N MET B 313 -10.65 -15.02 -23.84
CA MET B 313 -12.06 -15.12 -23.53
C MET B 313 -12.75 -16.12 -24.46
N ILE B 314 -13.57 -16.99 -23.87
CA ILE B 314 -14.38 -17.96 -24.61
C ILE B 314 -15.84 -17.81 -24.18
N ALA B 315 -16.76 -17.84 -25.15
CA ALA B 315 -18.17 -17.98 -24.83
C ALA B 315 -18.71 -19.22 -25.52
N PHE B 316 -19.59 -19.96 -24.84
CA PHE B 316 -20.17 -21.17 -25.43
C PHE B 316 -21.52 -21.45 -24.84
N GLU B 317 -22.28 -22.28 -25.54
CA GLU B 317 -23.59 -22.69 -25.07
C GLU B 317 -23.64 -24.18 -24.95
N LEU B 318 -24.24 -24.64 -23.86
CA LEU B 318 -24.46 -26.06 -23.62
C LEU B 318 -25.78 -26.48 -24.20
N LYS B 319 -25.86 -27.69 -24.73
CA LYS B 319 -27.11 -28.17 -25.34
C LYS B 319 -28.30 -28.11 -24.37
N GLY B 320 -28.06 -28.43 -23.10
CA GLY B 320 -29.13 -28.42 -22.08
C GLY B 320 -29.58 -27.06 -21.57
N GLY B 321 -29.20 -25.96 -22.23
CA GLY B 321 -29.70 -24.63 -21.89
C GLY B 321 -29.25 -24.13 -20.52
N ILE B 322 -30.11 -23.34 -19.89
CA ILE B 322 -29.76 -22.67 -18.63
C ILE B 322 -29.58 -23.63 -17.46
N GLY B 323 -30.35 -24.73 -17.45
CA GLY B 323 -30.22 -25.78 -16.44
C GLY B 323 -28.83 -26.38 -16.46
N ALA B 324 -28.38 -26.77 -17.65
CA ALA B 324 -27.02 -27.34 -17.84
C ALA B 324 -25.91 -26.30 -17.56
N GLY B 325 -26.12 -25.07 -18.02
CA GLY B 325 -25.24 -23.95 -17.68
C GLY B 325 -25.02 -23.80 -16.20
N ARG B 326 -26.10 -23.82 -15.43
CA ARG B 326 -26.02 -23.73 -13.98
C ARG B 326 -25.24 -24.88 -13.36
N ARG B 327 -25.56 -26.10 -13.80
CA ARG B 327 -24.92 -27.28 -13.26
C ARG B 327 -23.43 -27.27 -13.60
N PHE B 328 -23.09 -26.87 -14.84
CA PHE B 328 -21.69 -26.73 -15.25
C PHE B 328 -20.95 -25.80 -14.29
N MET B 329 -21.51 -24.62 -14.11
CA MET B 329 -20.90 -23.59 -13.27
C MET B 329 -20.66 -23.99 -11.85
N ASN B 330 -21.69 -24.63 -11.28
CA ASN B 330 -21.66 -25.09 -9.90
C ASN B 330 -20.66 -26.21 -9.67
N ALA B 331 -20.35 -26.96 -10.72
CA ALA B 331 -19.41 -28.06 -10.65
C ALA B 331 -17.94 -27.66 -10.67
N LEU B 332 -17.63 -26.48 -11.20
CA LEU B 332 -16.24 -26.07 -11.35
C LEU B 332 -15.56 -25.93 -10.00
N GLN B 333 -14.35 -26.48 -9.91
CA GLN B 333 -13.58 -26.48 -8.69
C GLN B 333 -12.31 -25.64 -8.78
N LEU B 334 -11.79 -25.40 -9.98
CA LEU B 334 -10.56 -24.65 -10.15
C LEU B 334 -10.89 -23.29 -10.73
N PHE B 335 -11.68 -23.25 -11.81
CA PHE B 335 -12.35 -22.01 -12.23
C PHE B 335 -13.18 -21.48 -11.06
N SER B 336 -13.20 -20.18 -10.87
CA SER B 336 -14.08 -19.58 -9.86
C SER B 336 -15.32 -19.01 -10.52
N ARG B 337 -16.42 -19.06 -9.81
CA ARG B 337 -17.66 -18.42 -10.29
C ARG B 337 -17.56 -16.96 -9.91
N ALA B 338 -17.39 -16.10 -10.90
CA ALA B 338 -17.19 -14.70 -10.65
C ALA B 338 -17.37 -13.97 -11.94
N VAL B 339 -17.80 -12.73 -11.82
CA VAL B 339 -17.72 -11.83 -12.92
C VAL B 339 -16.25 -11.34 -12.86
N SER B 340 -15.93 -10.45 -13.74
CA SER B 340 -14.56 -10.02 -14.02
C SER B 340 -13.88 -11.00 -14.96
N LEU B 341 -12.72 -10.57 -15.41
CA LEU B 341 -11.99 -11.27 -16.42
C LEU B 341 -10.58 -10.71 -16.41
N GLY B 342 -9.70 -11.40 -17.10
CA GLY B 342 -8.34 -10.99 -17.24
C GLY B 342 -7.48 -11.13 -16.02
N ASP B 343 -7.84 -12.05 -15.13
CA ASP B 343 -7.07 -12.30 -13.90
C ASP B 343 -6.15 -13.51 -14.12
N ALA B 344 -5.15 -13.66 -13.25
CA ALA B 344 -4.35 -14.88 -13.26
C ALA B 344 -5.20 -16.11 -13.01
N GLU B 345 -6.22 -15.95 -12.17
CA GLU B 345 -7.17 -17.01 -11.84
C GLU B 345 -8.21 -17.12 -12.94
N SER B 346 -8.51 -18.35 -13.34
CA SER B 346 -9.54 -18.60 -14.35
C SER B 346 -10.92 -18.34 -13.74
N LEU B 347 -11.80 -17.68 -14.50
CA LEU B 347 -13.14 -17.31 -14.05
C LEU B 347 -14.25 -17.74 -15.03
N ALA B 348 -15.42 -18.01 -14.49
CA ALA B 348 -16.60 -18.34 -15.30
C ALA B 348 -17.84 -17.61 -14.80
N GLN B 349 -18.72 -17.23 -15.73
CA GLN B 349 -20.01 -16.62 -15.36
C GLN B 349 -21.13 -16.86 -16.36
N HIS B 350 -22.37 -16.51 -15.93
CA HIS B 350 -23.65 -16.50 -16.72
C HIS B 350 -24.03 -15.03 -17.02
N PRO B 351 -23.71 -14.52 -18.23
CA PRO B 351 -23.92 -13.09 -18.51
C PRO B 351 -25.35 -12.58 -18.26
N ALA B 352 -26.36 -13.37 -18.65
CA ALA B 352 -27.76 -12.92 -18.52
C ALA B 352 -28.19 -12.54 -17.09
N SER B 353 -27.68 -13.26 -16.08
CA SER B 353 -28.01 -13.00 -14.66
C SER B 353 -26.96 -12.19 -13.89
N MET B 354 -25.87 -11.77 -14.53
CA MET B 354 -24.73 -11.17 -13.81
C MET B 354 -24.26 -9.88 -14.51
N THR B 355 -23.24 -9.98 -15.39
CA THR B 355 -22.69 -8.79 -16.09
C THR B 355 -23.67 -8.04 -17.01
N HIS B 356 -24.71 -8.74 -17.50
CA HIS B 356 -25.76 -8.15 -18.34
C HIS B 356 -27.18 -8.22 -17.71
N SER B 357 -27.22 -8.15 -16.38
CA SER B 357 -28.48 -8.12 -15.61
C SER B 357 -29.16 -6.75 -15.65
N SER B 358 -28.42 -5.69 -16.03
CA SER B 358 -29.00 -4.36 -16.30
C SER B 358 -29.95 -4.34 -17.52
N TYR B 359 -29.81 -5.32 -18.42
CA TYR B 359 -30.77 -5.52 -19.52
C TYR B 359 -32.04 -6.21 -18.97
N THR B 360 -33.19 -5.93 -19.59
CA THR B 360 -34.41 -6.73 -19.38
C THR B 360 -34.30 -8.06 -20.20
N PRO B 361 -35.14 -9.07 -19.89
CA PRO B 361 -35.22 -10.29 -20.73
C PRO B 361 -35.33 -10.05 -22.24
N GLU B 362 -36.23 -9.16 -22.66
CA GLU B 362 -36.43 -8.85 -24.10
C GLU B 362 -35.26 -8.08 -24.74
N GLU B 363 -34.58 -7.22 -23.98
CA GLU B 363 -33.39 -6.50 -24.46
C GLU B 363 -32.17 -7.43 -24.67
N ARG B 364 -32.01 -8.41 -23.77
CA ARG B 364 -31.02 -9.47 -23.96
C ARG B 364 -31.27 -10.27 -25.24
N ALA B 365 -32.53 -10.69 -25.44
CA ALA B 365 -32.93 -11.42 -26.64
C ALA B 365 -32.63 -10.61 -27.90
N HIS B 366 -33.02 -9.33 -27.87
CA HIS B 366 -32.78 -8.39 -28.99
C HIS B 366 -31.27 -8.15 -29.25
N TYR B 367 -30.48 -7.98 -28.19
CA TYR B 367 -29.07 -7.59 -28.33
C TYR B 367 -28.06 -8.74 -28.18
N GLY B 368 -28.49 -9.98 -28.45
CA GLY B 368 -27.57 -11.12 -28.58
C GLY B 368 -26.92 -11.62 -27.29
N ILE B 369 -27.69 -11.64 -26.20
CA ILE B 369 -27.22 -12.17 -24.91
C ILE B 369 -28.16 -13.32 -24.55
N SER B 370 -27.76 -14.53 -24.91
CA SER B 370 -28.53 -15.75 -24.69
C SER B 370 -28.71 -16.02 -23.21
N GLU B 371 -29.82 -16.71 -22.88
CA GLU B 371 -30.02 -17.31 -21.56
C GLU B 371 -29.05 -18.49 -21.31
N GLY B 372 -28.68 -19.24 -22.35
CA GLY B 372 -27.78 -20.43 -22.20
C GLY B 372 -26.26 -20.14 -22.24
N LEU B 373 -25.86 -18.89 -22.47
CA LEU B 373 -24.44 -18.58 -22.69
C LEU B 373 -23.63 -18.75 -21.38
N VAL B 374 -22.49 -19.44 -21.47
CA VAL B 374 -21.44 -19.43 -20.44
C VAL B 374 -20.24 -18.68 -21.00
N ARG B 375 -19.67 -17.79 -20.20
CA ARG B 375 -18.42 -17.08 -20.53
C ARG B 375 -17.27 -17.53 -19.60
N LEU B 376 -16.13 -17.86 -20.21
CA LEU B 376 -14.88 -18.20 -19.48
C LEU B 376 -13.86 -17.15 -19.73
N SER B 377 -13.20 -16.70 -18.66
CA SER B 377 -11.96 -15.95 -18.73
C SER B 377 -10.88 -16.95 -18.38
N VAL B 378 -10.12 -17.34 -19.38
CA VAL B 378 -9.11 -18.38 -19.24
C VAL B 378 -7.86 -17.76 -18.62
N GLY B 379 -7.48 -18.32 -17.47
CA GLY B 379 -6.36 -17.85 -16.69
C GLY B 379 -5.02 -18.43 -17.06
N LEU B 380 -4.10 -18.31 -16.11
CA LEU B 380 -2.70 -18.63 -16.31
C LEU B 380 -2.32 -19.97 -15.68
N GLU B 381 -3.30 -20.71 -15.16
CA GLU B 381 -3.00 -21.99 -14.54
C GLU B 381 -2.52 -22.99 -15.60
N ASP B 382 -1.98 -24.11 -15.13
N ASP B 382 -1.92 -24.10 -15.15
CA ASP B 382 -1.56 -25.22 -16.00
CA ASP B 382 -1.44 -25.13 -16.08
C ASP B 382 -2.74 -25.68 -16.81
C ASP B 382 -2.68 -25.68 -16.81
N ILE B 383 -2.58 -25.72 -18.13
CA ILE B 383 -3.69 -26.11 -19.02
C ILE B 383 -4.25 -27.52 -18.74
N ASP B 384 -3.43 -28.46 -18.31
CA ASP B 384 -3.96 -29.79 -17.99
C ASP B 384 -4.91 -29.76 -16.79
N ASP B 385 -4.62 -28.88 -15.83
CA ASP B 385 -5.48 -28.71 -14.67
C ASP B 385 -6.82 -28.05 -15.06
N LEU B 386 -6.76 -27.06 -15.94
CA LEU B 386 -7.96 -26.41 -16.44
C LEU B 386 -8.82 -27.36 -17.30
N LEU B 387 -8.19 -28.15 -18.16
CA LEU B 387 -8.91 -29.15 -18.95
C LEU B 387 -9.61 -30.17 -18.07
N ALA B 388 -8.92 -30.65 -17.03
CA ALA B 388 -9.53 -31.61 -16.10
C ALA B 388 -10.76 -31.03 -15.40
N ASP B 389 -10.67 -29.78 -14.93
CA ASP B 389 -11.80 -29.13 -14.29
C ASP B 389 -12.99 -28.96 -15.27
N VAL B 390 -12.71 -28.45 -16.46
CA VAL B 390 -13.78 -28.28 -17.46
C VAL B 390 -14.42 -29.64 -17.83
N GLN B 391 -13.60 -30.66 -17.98
CA GLN B 391 -14.07 -31.99 -18.41
C GLN B 391 -15.06 -32.55 -17.39
N GLN B 392 -14.70 -32.51 -16.11
CA GLN B 392 -15.61 -33.00 -15.07
C GLN B 392 -16.89 -32.14 -14.94
N ALA B 393 -16.77 -30.83 -15.11
CA ALA B 393 -17.91 -29.96 -15.01
C ALA B 393 -18.86 -30.21 -16.17
N LEU B 394 -18.32 -30.52 -17.37
CA LEU B 394 -19.17 -30.92 -18.50
C LEU B 394 -19.95 -32.21 -18.18
N LYS B 395 -19.33 -33.17 -17.50
CA LYS B 395 -20.03 -34.40 -17.14
C LYS B 395 -21.16 -34.08 -16.19
N ALA B 396 -20.85 -33.21 -15.23
CA ALA B 396 -21.80 -32.81 -14.25
C ALA B 396 -22.93 -31.95 -14.82
N SER B 397 -22.75 -31.38 -16.01
CA SER B 397 -23.74 -30.46 -16.56
C SER B 397 -25.04 -31.19 -16.98
N ALA B 398 -24.96 -32.50 -17.22
CA ALA B 398 -26.11 -33.29 -17.67
C ALA B 398 -27.17 -33.43 -16.60
N LEU C 7 14.75 24.41 17.26
CA LEU C 7 14.09 25.76 17.34
C LEU C 7 12.56 25.62 17.11
N PRO C 8 12.10 25.14 15.91
CA PRO C 8 10.65 24.85 15.79
C PRO C 8 10.19 23.84 16.86
N GLY C 9 8.93 23.91 17.23
CA GLY C 9 8.38 23.08 18.29
C GLY C 9 8.28 21.63 17.87
N PHE C 10 8.04 20.77 18.85
CA PHE C 10 7.95 19.34 18.63
C PHE C 10 6.93 18.99 17.55
N ALA C 11 5.70 19.52 17.65
CA ALA C 11 4.65 19.21 16.67
C ALA C 11 5.03 19.67 15.25
N THR C 12 5.66 20.84 15.16
CA THR C 12 6.16 21.35 13.88
C THR C 12 7.20 20.40 13.29
N ARG C 13 8.15 19.97 14.10
CA ARG C 13 9.21 19.06 13.63
C ARG C 13 8.67 17.68 13.22
N ALA C 14 7.69 17.18 13.99
CA ALA C 14 7.06 15.88 13.71
C ALA C 14 6.32 15.87 12.37
N ILE C 15 5.91 17.03 11.89
CA ILE C 15 5.22 17.19 10.61
C ILE C 15 6.16 17.51 9.45
N HIS C 16 7.15 18.37 9.71
CA HIS C 16 7.97 18.98 8.68
C HIS C 16 9.44 18.60 8.65
N HIS C 17 10.02 18.11 9.73
CA HIS C 17 11.48 18.09 9.78
C HIS C 17 12.09 17.25 8.65
N GLY C 18 13.07 17.83 7.95
CA GLY C 18 13.84 17.14 6.92
C GLY C 18 13.25 17.09 5.54
N TYR C 19 12.11 17.74 5.33
CA TYR C 19 11.41 17.71 4.05
C TYR C 19 10.91 19.09 3.60
N ASP C 20 11.32 19.50 2.41
CA ASP C 20 10.77 20.69 1.77
C ASP C 20 10.09 20.25 0.47
N PRO C 21 8.76 20.46 0.36
CA PRO C 21 8.03 20.05 -0.85
C PRO C 21 8.63 20.56 -2.16
N GLN C 22 9.15 21.79 -2.14
CA GLN C 22 9.74 22.41 -3.33
C GLN C 22 10.92 21.63 -3.96
N ASP C 23 11.51 20.67 -3.24
CA ASP C 23 12.56 19.80 -3.77
C ASP C 23 12.05 18.53 -4.42
N HIS C 24 10.76 18.22 -4.27
CA HIS C 24 10.17 17.01 -4.85
C HIS C 24 8.95 17.37 -5.70
N GLY C 25 9.13 18.37 -6.56
CA GLY C 25 8.07 18.81 -7.48
C GLY C 25 6.85 19.41 -6.80
N GLY C 26 7.06 19.92 -5.58
CA GLY C 26 6.00 20.46 -4.78
C GLY C 26 5.17 19.44 -4.03
N ALA C 27 5.52 18.16 -4.07
CA ALA C 27 4.71 17.13 -3.42
C ALA C 27 4.59 17.46 -1.94
N LEU C 28 3.37 17.68 -1.45
CA LEU C 28 3.21 18.03 -0.03
C LEU C 28 3.61 16.87 0.88
N VAL C 29 3.16 15.66 0.55
CA VAL C 29 3.56 14.42 1.25
C VAL C 29 4.68 13.85 0.39
N PRO C 30 5.79 13.44 1.02
CA PRO C 30 6.93 12.94 0.25
C PRO C 30 6.55 11.65 -0.50
N PRO C 31 7.01 11.48 -1.76
CA PRO C 31 6.70 10.24 -2.47
C PRO C 31 7.33 9.02 -1.78
N VAL C 32 6.68 7.87 -1.91
CA VAL C 32 7.16 6.63 -1.26
C VAL C 32 8.13 5.89 -2.19
N TYR C 33 9.40 5.79 -1.78
CA TYR C 33 10.42 5.10 -2.57
C TYR C 33 10.36 3.58 -2.38
N GLN C 34 9.36 2.97 -2.98
CA GLN C 34 9.17 1.51 -2.90
C GLN C 34 9.98 0.93 -4.03
N THR C 35 11.30 0.86 -3.81
CA THR C 35 12.26 0.35 -4.78
C THR C 35 13.34 -0.36 -3.97
N ALA C 36 13.68 -1.60 -4.37
CA ALA C 36 14.79 -2.34 -3.73
C ALA C 36 16.15 -1.80 -4.16
N THR C 37 16.24 -1.16 -5.32
CA THR C 37 17.56 -0.69 -5.82
C THR C 37 17.61 0.65 -6.53
N PHE C 38 18.82 1.22 -6.57
CA PHE C 38 19.10 2.52 -7.14
C PHE C 38 20.22 2.37 -8.17
N THR C 39 20.12 3.04 -9.32
CA THR C 39 21.09 2.93 -10.43
C THR C 39 22.14 4.02 -10.41
N PHE C 40 23.18 3.87 -11.25
CA PHE C 40 24.30 4.84 -11.33
C PHE C 40 24.51 5.46 -12.71
N PRO C 41 24.95 6.74 -12.77
CA PRO C 41 25.31 7.37 -14.05
C PRO C 41 26.60 6.84 -14.68
N THR C 42 27.56 6.41 -13.84
CA THR C 42 28.76 5.65 -14.28
C THR C 42 29.12 4.57 -13.20
N VAL C 43 29.80 3.51 -13.61
CA VAL C 43 30.35 2.51 -12.67
C VAL C 43 31.36 3.09 -11.67
N GLU C 44 32.11 4.11 -12.09
CA GLU C 44 33.08 4.80 -11.20
C GLU C 44 32.36 5.45 -10.00
N TYR C 45 31.27 6.16 -10.30
CA TYR C 45 30.35 6.74 -9.32
C TYR C 45 29.74 5.64 -8.41
N GLY C 46 29.34 4.52 -9.02
CA GLY C 46 28.84 3.35 -8.29
C GLY C 46 29.83 2.77 -7.30
N ALA C 47 31.05 2.54 -7.77
CA ALA C 47 32.15 2.07 -6.90
C ALA C 47 32.47 3.04 -5.74
N ALA C 48 32.40 4.34 -5.99
CA ALA C 48 32.61 5.34 -4.94
C ALA C 48 31.57 5.22 -3.81
N CYS C 49 30.32 4.88 -4.15
CA CYS C 49 29.26 4.67 -3.15
C CYS C 49 29.54 3.48 -2.23
N PHE C 50 29.92 2.35 -2.82
CA PHE C 50 30.30 1.14 -2.05
C PHE C 50 31.66 1.25 -1.34
N ALA C 51 32.64 1.93 -1.94
CA ALA C 51 33.94 2.16 -1.29
C ALA C 51 33.81 3.05 -0.05
N GLY C 52 32.91 4.04 -0.11
CA GLY C 52 32.54 4.83 1.06
C GLY C 52 31.98 3.99 2.19
N GLU C 53 30.98 3.15 1.87
CA GLU C 53 30.37 2.23 2.85
C GLU C 53 31.35 1.17 3.36
N GLN C 54 32.19 0.65 2.46
CA GLN C 54 33.24 -0.32 2.81
C GLN C 54 34.26 0.26 3.81
N ALA C 55 34.49 1.58 3.74
CA ALA C 55 35.29 2.32 4.75
C ALA C 55 34.39 3.11 5.73
N GLY C 56 33.29 2.48 6.18
CA GLY C 56 32.47 2.97 7.31
C GLY C 56 31.63 4.24 7.16
N HIS C 57 31.48 4.74 5.93
CA HIS C 57 30.78 6.02 5.65
C HIS C 57 29.38 5.76 5.06
N PHE C 58 28.36 6.39 5.65
CA PHE C 58 26.96 6.31 5.17
C PHE C 58 26.67 7.45 4.17
N TYR C 59 26.24 7.10 2.95
CA TYR C 59 26.28 8.02 1.79
C TYR C 59 24.98 8.78 1.43
N SER C 60 23.81 8.19 1.69
CA SER C 60 22.51 8.72 1.24
C SER C 60 22.37 8.77 -0.30
N ARG C 61 22.72 7.67 -0.96
CA ARG C 61 22.57 7.50 -2.42
C ARG C 61 22.12 6.07 -2.75
N ILE C 62 22.88 5.10 -2.22
CA ILE C 62 22.42 3.70 -2.08
C ILE C 62 21.70 3.50 -0.73
N SER C 63 20.91 4.50 -0.32
CA SER C 63 19.92 4.31 0.73
C SER C 63 18.59 4.94 0.35
N ASN C 64 17.56 4.46 1.00
CA ASN C 64 16.21 4.75 0.60
C ASN C 64 15.76 6.11 1.17
N PRO C 65 15.35 7.06 0.31
CA PRO C 65 15.00 8.38 0.85
C PRO C 65 13.78 8.43 1.79
N THR C 66 12.84 7.51 1.64
CA THR C 66 11.74 7.39 2.60
C THR C 66 12.26 6.97 3.99
N LEU C 67 13.09 5.92 4.05
CA LEU C 67 13.73 5.54 5.32
C LEU C 67 14.61 6.66 5.89
N ASN C 68 15.36 7.34 5.02
CA ASN C 68 16.22 8.43 5.47
C ASN C 68 15.42 9.55 6.14
N LEU C 69 14.29 9.91 5.54
CA LEU C 69 13.48 10.98 6.10
C LEU C 69 12.91 10.58 7.46
N LEU C 70 12.44 9.34 7.59
CA LEU C 70 11.94 8.83 8.87
C LEU C 70 13.03 8.89 9.95
N GLU C 71 14.24 8.51 9.56
CA GLU C 71 15.38 8.50 10.44
C GLU C 71 15.75 9.91 10.92
N ALA C 72 15.82 10.83 9.99
CA ALA C 72 16.14 12.22 10.33
C ALA C 72 15.08 12.83 11.26
N ARG C 73 13.82 12.56 10.96
CA ARG C 73 12.72 13.02 11.79
C ARG C 73 12.79 12.43 13.18
N MET C 74 12.99 11.12 13.30
CA MET C 74 13.12 10.53 14.64
C MET C 74 14.33 11.07 15.41
N ALA C 75 15.46 11.30 14.70
CA ALA C 75 16.65 11.86 15.33
C ALA C 75 16.33 13.25 15.90
N SER C 76 15.64 14.05 15.12
CA SER C 76 15.21 15.38 15.57
C SER C 76 14.32 15.30 16.81
N LEU C 77 13.30 14.47 16.79
CA LEU C 77 12.42 14.34 17.95
C LEU C 77 13.11 13.86 19.25
N GLU C 78 14.02 12.88 19.15
CA GLU C 78 14.83 12.44 20.29
C GLU C 78 16.04 13.34 20.61
N GLY C 79 16.35 14.31 19.78
CA GLY C 79 17.53 15.16 20.00
C GLY C 79 18.87 14.45 19.84
N GLY C 80 18.91 13.48 18.91
CA GLY C 80 20.11 12.72 18.59
C GLY C 80 20.71 13.14 17.25
N GLU C 81 21.92 12.70 16.99
CA GLU C 81 22.62 13.04 15.74
C GLU C 81 22.08 12.28 14.52
N ALA C 82 21.68 11.03 14.72
CA ALA C 82 21.38 10.12 13.60
C ALA C 82 20.36 9.07 14.00
N GLY C 83 19.54 8.67 13.03
CA GLY C 83 18.56 7.62 13.20
C GLY C 83 18.75 6.46 12.24
N LEU C 84 18.13 5.33 12.60
CA LEU C 84 18.13 4.11 11.82
C LEU C 84 16.75 3.44 11.95
N ALA C 85 16.14 3.12 10.81
CA ALA C 85 14.84 2.46 10.75
C ALA C 85 15.01 0.97 10.43
N LEU C 86 14.28 0.12 11.16
CA LEU C 86 14.39 -1.32 11.05
C LEU C 86 13.00 -1.96 11.07
N ALA C 87 12.96 -3.27 10.79
CA ALA C 87 11.71 -3.98 10.51
C ALA C 87 10.85 -4.20 11.76
N SER C 88 11.44 -4.08 12.95
CA SER C 88 10.72 -4.24 14.20
C SER C 88 11.53 -3.69 15.37
N GLY C 89 10.88 -3.54 16.53
CA GLY C 89 11.61 -3.20 17.76
C GLY C 89 12.70 -4.21 18.07
N MET C 90 12.40 -5.50 17.87
CA MET C 90 13.42 -6.56 18.07
C MET C 90 14.60 -6.40 17.08
N GLY C 91 14.30 -5.98 15.86
CA GLY C 91 15.32 -5.61 14.91
C GLY C 91 16.23 -4.50 15.38
N ALA C 92 15.66 -3.45 15.97
CA ALA C 92 16.46 -2.36 16.55
C ALA C 92 17.38 -2.83 17.69
N ILE C 93 16.82 -3.64 18.58
CA ILE C 93 17.50 -4.13 19.78
C ILE C 93 18.65 -5.08 19.39
N THR C 94 18.33 -6.08 18.56
CA THR C 94 19.33 -7.07 18.16
C THR C 94 20.40 -6.44 17.28
N SER C 95 20.03 -5.60 16.32
CA SER C 95 21.05 -4.96 15.47
C SER C 95 22.04 -4.13 16.33
N THR C 96 21.49 -3.43 17.30
CA THR C 96 22.28 -2.63 18.24
C THR C 96 23.24 -3.52 19.08
N LEU C 97 22.69 -4.54 19.74
CA LEU C 97 23.49 -5.32 20.64
C LEU C 97 24.50 -6.24 19.94
N TRP C 98 24.12 -6.78 18.78
CA TRP C 98 25.08 -7.58 18.00
C TRP C 98 26.26 -6.74 17.53
N THR C 99 26.05 -5.45 17.31
CA THR C 99 27.12 -4.57 16.90
C THR C 99 28.07 -4.26 18.04
N LEU C 100 27.51 -4.00 19.21
CA LEU C 100 28.25 -3.51 20.37
C LEU C 100 28.93 -4.57 21.22
N LEU C 101 28.49 -5.81 21.15
CA LEU C 101 28.99 -6.83 22.05
C LEU C 101 29.74 -7.95 21.34
N ARG C 102 30.73 -8.52 22.03
CA ARG C 102 31.50 -9.69 21.58
C ARG C 102 31.77 -10.64 22.75
N PRO C 103 32.18 -11.89 22.46
CA PRO C 103 32.36 -12.84 23.57
C PRO C 103 33.28 -12.28 24.64
N GLY C 104 32.89 -12.48 25.90
CA GLY C 104 33.60 -11.96 27.05
C GLY C 104 33.20 -10.55 27.49
N ASP C 105 32.56 -9.76 26.62
CA ASP C 105 31.96 -8.51 27.08
C ASP C 105 30.79 -8.83 28.02
N GLU C 106 30.48 -7.86 28.89
CA GLU C 106 29.34 -7.93 29.78
C GLU C 106 28.30 -6.86 29.42
N VAL C 107 27.03 -7.24 29.51
CA VAL C 107 25.94 -6.26 29.43
C VAL C 107 25.21 -6.27 30.76
N LEU C 108 25.09 -5.08 31.36
CA LEU C 108 24.33 -4.87 32.58
C LEU C 108 22.89 -4.48 32.18
N LEU C 109 21.93 -5.18 32.76
CA LEU C 109 20.53 -5.16 32.34
C LEU C 109 19.59 -4.72 33.43
N GLY C 110 18.56 -3.97 33.08
CA GLY C 110 17.47 -3.73 34.00
C GLY C 110 16.88 -5.05 34.48
N ASN C 111 16.38 -5.06 35.70
CA ASN C 111 15.83 -6.28 36.29
C ASN C 111 14.66 -6.88 35.54
N THR C 112 13.88 -6.04 34.87
CA THR C 112 12.67 -6.45 34.20
C THR C 112 12.79 -5.99 32.75
N LEU C 113 12.58 -6.91 31.83
CA LEU C 113 12.63 -6.62 30.41
C LEU C 113 11.48 -7.28 29.68
N TYR C 114 11.11 -6.68 28.56
CA TYR C 114 10.22 -7.31 27.56
C TYR C 114 10.65 -8.76 27.26
N GLY C 115 9.67 -9.66 27.21
CA GLY C 115 9.91 -11.09 27.09
C GLY C 115 10.91 -11.49 26.00
N HIS C 116 10.75 -10.95 24.78
CA HIS C 116 11.66 -11.37 23.72
C HIS C 116 13.04 -10.72 23.87
N THR C 117 13.12 -9.56 24.48
CA THR C 117 14.44 -8.97 24.78
C THR C 117 15.15 -9.90 25.75
N PHE C 118 14.45 -10.31 26.80
CA PHE C 118 14.98 -11.25 27.76
C PHE C 118 15.42 -12.55 27.08
N ALA C 119 14.56 -13.11 26.21
CA ALA C 119 14.90 -14.32 25.51
C ALA C 119 16.13 -14.12 24.58
N PHE C 120 16.19 -12.98 23.90
CA PHE C 120 17.35 -12.69 23.04
C PHE C 120 18.64 -12.73 23.86
N LEU C 121 18.60 -12.02 24.98
CA LEU C 121 19.77 -11.93 25.85
C LEU C 121 20.15 -13.29 26.45
N HIS C 122 19.22 -13.98 27.08
CA HIS C 122 19.55 -15.24 27.78
C HIS C 122 19.75 -16.46 26.88
N HIS C 123 18.97 -16.55 25.82
CA HIS C 123 18.98 -17.75 24.98
C HIS C 123 19.61 -17.51 23.61
N GLY C 124 19.92 -16.26 23.28
CA GLY C 124 20.52 -15.87 22.00
C GLY C 124 21.96 -15.44 22.21
N ILE C 125 22.20 -14.12 22.21
CA ILE C 125 23.56 -13.55 22.36
C ILE C 125 24.30 -14.09 23.60
N GLY C 126 23.60 -14.28 24.72
CA GLY C 126 24.19 -14.86 25.93
C GLY C 126 24.72 -16.27 25.76
N GLU C 127 24.20 -17.01 24.79
CA GLU C 127 24.75 -18.33 24.44
C GLU C 127 25.95 -18.29 23.46
N PHE C 128 26.34 -17.09 23.02
CA PHE C 128 27.54 -16.91 22.22
C PHE C 128 28.67 -16.24 23.02
N GLY C 129 28.69 -16.43 24.32
CA GLY C 129 29.78 -15.98 25.17
C GLY C 129 29.72 -14.57 25.74
N VAL C 130 28.60 -13.87 25.54
CA VAL C 130 28.41 -12.56 26.12
C VAL C 130 27.87 -12.77 27.53
N LYS C 131 28.43 -12.05 28.50
CA LYS C 131 28.00 -12.19 29.88
C LYS C 131 26.88 -11.21 30.21
N LEU C 132 25.94 -11.66 31.03
CA LEU C 132 24.75 -10.89 31.40
C LEU C 132 24.71 -10.72 32.91
N ARG C 133 24.34 -9.53 33.36
CA ARG C 133 23.95 -9.37 34.73
C ARG C 133 22.82 -8.36 34.86
N HIS C 134 21.80 -8.73 35.62
CA HIS C 134 20.66 -7.88 35.90
C HIS C 134 20.91 -7.08 37.18
N VAL C 135 20.62 -5.79 37.13
CA VAL C 135 20.80 -4.90 38.28
C VAL C 135 19.62 -3.96 38.37
N ASP C 136 19.27 -3.53 39.58
CA ASP C 136 18.24 -2.51 39.75
C ASP C 136 18.80 -1.17 39.29
N MET C 137 18.30 -0.67 38.15
CA MET C 137 18.84 0.56 37.53
C MET C 137 18.42 1.87 38.23
N ALA C 138 17.60 1.76 39.27
CA ALA C 138 17.29 2.90 40.17
C ALA C 138 18.30 2.99 41.34
N ASP C 139 18.93 1.86 41.66
CA ASP C 139 19.89 1.76 42.76
C ASP C 139 21.32 1.99 42.27
N LEU C 140 21.76 3.24 42.35
CA LEU C 140 23.08 3.65 41.82
C LEU C 140 24.30 3.01 42.53
N GLN C 141 24.16 2.70 43.81
CA GLN C 141 25.30 2.06 44.51
C GLN C 141 25.40 0.61 44.07
N ALA C 142 24.27 -0.07 43.88
CA ALA C 142 24.25 -1.42 43.33
C ALA C 142 24.81 -1.44 41.89
N LEU C 143 24.45 -0.44 41.08
CA LEU C 143 24.91 -0.37 39.70
C LEU C 143 26.41 -0.14 39.64
N GLU C 144 26.90 0.86 40.39
CA GLU C 144 28.34 1.12 40.49
C GLU C 144 29.14 -0.12 40.89
N ALA C 145 28.63 -0.88 41.86
CA ALA C 145 29.32 -2.07 42.36
C ALA C 145 29.24 -3.24 41.41
N ALA C 146 28.25 -3.25 40.52
CA ALA C 146 28.14 -4.26 39.44
C ALA C 146 29.08 -3.99 38.22
N MET C 147 29.58 -2.77 38.08
CA MET C 147 30.46 -2.43 36.99
C MET C 147 31.75 -3.25 37.06
N THR C 148 32.18 -3.79 35.92
CA THR C 148 33.41 -4.57 35.81
C THR C 148 34.15 -4.06 34.60
N PRO C 149 35.45 -4.39 34.46
CA PRO C 149 36.13 -4.07 33.21
C PRO C 149 35.50 -4.69 31.96
N ALA C 150 34.74 -5.77 32.11
CA ALA C 150 34.05 -6.34 30.96
C ALA C 150 32.79 -5.56 30.57
N THR C 151 32.30 -4.67 31.43
CA THR C 151 31.04 -3.97 31.19
C THR C 151 31.17 -3.03 30.00
N ARG C 152 30.45 -3.35 28.94
CA ARG C 152 30.50 -2.52 27.73
C ARG C 152 29.19 -1.85 27.42
N VAL C 153 28.08 -2.44 27.85
CA VAL C 153 26.76 -1.87 27.57
C VAL C 153 25.93 -1.96 28.82
N ILE C 154 25.16 -0.89 29.05
CA ILE C 154 24.13 -0.89 30.06
C ILE C 154 22.82 -0.72 29.29
N TYR C 155 21.88 -1.64 29.48
CA TYR C 155 20.64 -1.68 28.72
C TYR C 155 19.44 -1.84 29.63
N PHE C 156 18.44 -0.98 29.44
CA PHE C 156 17.20 -1.09 30.21
C PHE C 156 16.07 -0.33 29.54
N GLU C 157 14.86 -0.64 29.98
CA GLU C 157 13.66 0.11 29.64
C GLU C 157 13.33 1.00 30.83
N SER C 158 12.75 2.16 30.57
CA SER C 158 12.23 2.99 31.64
C SER C 158 11.09 3.85 31.08
N PRO C 159 9.86 3.69 31.58
CA PRO C 159 9.48 2.72 32.62
C PRO C 159 9.55 1.29 32.11
N ALA C 160 9.79 0.34 33.03
CA ALA C 160 10.01 -1.05 32.66
C ALA C 160 8.71 -1.82 32.57
N ASN C 161 8.46 -2.28 31.34
CA ASN C 161 7.42 -3.24 30.99
C ASN C 161 7.57 -4.56 31.77
N PRO C 162 6.58 -4.98 32.59
CA PRO C 162 5.22 -4.43 32.65
C PRO C 162 4.85 -3.78 34.01
N ASN C 163 5.83 -3.56 34.89
CA ASN C 163 5.58 -3.08 36.29
C ASN C 163 5.88 -1.55 36.55
N MET C 164 6.32 -0.87 35.51
CA MET C 164 6.58 0.58 35.50
C MET C 164 7.74 1.08 36.34
N HIS C 165 8.63 0.19 36.73
CA HIS C 165 9.82 0.58 37.47
C HIS C 165 10.68 1.50 36.61
N MET C 166 11.22 2.54 37.24
CA MET C 166 11.95 3.60 36.58
C MET C 166 13.43 3.41 36.86
N ALA C 167 14.25 3.83 35.91
CA ALA C 167 15.70 3.96 36.09
C ALA C 167 16.04 5.44 36.22
N ASP C 168 17.11 5.73 36.94
CA ASP C 168 17.67 7.07 37.00
C ASP C 168 18.68 7.22 35.85
N ILE C 169 18.18 7.67 34.71
CA ILE C 169 18.98 7.73 33.47
C ILE C 169 20.24 8.59 33.59
N ALA C 170 20.12 9.81 34.11
CA ALA C 170 21.32 10.64 34.34
C ALA C 170 22.31 9.99 35.32
N GLY C 171 21.80 9.33 36.37
CA GLY C 171 22.62 8.62 37.32
C GLY C 171 23.40 7.48 36.70
N VAL C 172 22.71 6.69 35.86
CA VAL C 172 23.33 5.60 35.11
C VAL C 172 24.41 6.12 34.19
N ALA C 173 24.12 7.19 33.45
CA ALA C 173 25.04 7.76 32.51
C ALA C 173 26.31 8.23 33.21
N LYS C 174 26.14 8.85 34.37
CA LYS C 174 27.29 9.28 35.18
C LYS C 174 28.20 8.11 35.54
N ILE C 175 27.62 6.99 35.98
CA ILE C 175 28.41 5.79 36.28
C ILE C 175 29.10 5.20 35.04
N ALA C 176 28.32 5.00 33.97
CA ALA C 176 28.86 4.49 32.70
C ALA C 176 30.04 5.29 32.19
N ARG C 177 29.98 6.61 32.34
CA ARG C 177 31.02 7.50 31.82
C ARG C 177 32.40 7.24 32.48
N LYS C 178 32.40 6.77 33.72
CA LYS C 178 33.67 6.42 34.40
C LYS C 178 34.38 5.24 33.77
N HIS C 179 33.64 4.38 33.04
CA HIS C 179 34.19 3.18 32.39
C HIS C 179 34.05 3.22 30.86
N GLY C 180 33.67 4.36 30.29
CA GLY C 180 33.38 4.43 28.85
C GLY C 180 32.24 3.56 28.30
N ALA C 181 31.38 3.01 29.18
CA ALA C 181 30.34 2.06 28.77
C ALA C 181 29.19 2.77 28.02
N THR C 182 28.56 2.04 27.10
CA THR C 182 27.51 2.60 26.25
C THR C 182 26.16 2.32 26.90
N VAL C 183 25.35 3.37 27.06
CA VAL C 183 24.05 3.27 27.71
C VAL C 183 22.95 3.29 26.65
N VAL C 184 22.15 2.23 26.64
CA VAL C 184 21.09 2.05 25.65
C VAL C 184 19.77 1.99 26.40
N VAL C 185 18.82 2.86 26.02
CA VAL C 185 17.55 2.91 26.66
C VAL C 185 16.42 2.59 25.69
N ASP C 186 15.60 1.62 26.04
CA ASP C 186 14.39 1.32 25.28
C ASP C 186 13.31 2.31 25.75
N ASN C 187 13.01 3.26 24.86
CA ASN C 187 12.10 4.39 25.13
C ASN C 187 10.73 4.20 24.52
N THR C 188 10.35 2.94 24.28
CA THR C 188 9.08 2.62 23.60
C THR C 188 7.86 3.21 24.30
N TYR C 189 7.78 2.96 25.60
CA TYR C 189 6.61 3.36 26.39
C TYR C 189 6.35 4.84 26.39
N CYS C 190 7.41 5.65 26.44
CA CYS C 190 7.27 7.09 26.58
C CYS C 190 7.15 7.82 25.27
N THR C 191 7.92 7.38 24.28
CA THR C 191 8.16 8.08 23.01
C THR C 191 8.97 9.32 23.28
N PRO C 192 9.57 9.91 22.21
CA PRO C 192 10.33 11.17 22.42
C PRO C 192 9.47 12.35 22.89
N TYR C 193 8.15 12.26 22.73
CA TYR C 193 7.27 13.31 23.20
C TYR C 193 7.23 13.41 24.73
N LEU C 194 7.36 12.28 25.43
CA LEU C 194 7.31 12.27 26.91
C LEU C 194 8.67 12.21 27.61
N GLN C 195 9.65 11.59 26.96
CA GLN C 195 10.97 11.39 27.55
C GLN C 195 12.04 11.32 26.45
N ARG C 196 13.17 11.98 26.67
CA ARG C 196 14.27 12.00 25.72
C ARG C 196 15.56 11.57 26.42
N PRO C 197 15.81 10.23 26.49
CA PRO C 197 16.96 9.70 27.24
C PRO C 197 18.31 10.23 26.78
N LEU C 198 18.45 10.63 25.51
CA LEU C 198 19.71 11.18 25.02
C LEU C 198 20.00 12.55 25.69
N GLU C 199 18.96 13.32 25.99
CA GLU C 199 19.09 14.60 26.72
C GLU C 199 19.48 14.40 28.20
N LEU C 200 19.24 13.20 28.74
CA LEU C 200 19.65 12.82 30.09
C LEU C 200 20.97 12.06 30.13
N GLY C 201 21.69 12.00 29.01
CA GLY C 201 23.00 11.39 28.97
C GLY C 201 23.12 10.00 28.37
N ALA C 202 22.02 9.35 28.00
CA ALA C 202 22.10 8.04 27.30
C ALA C 202 22.80 8.22 25.97
N ASP C 203 23.42 7.15 25.47
CA ASP C 203 24.09 7.14 24.17
C ASP C 203 23.18 6.75 23.02
N LEU C 204 22.29 5.80 23.26
CA LEU C 204 21.40 5.28 22.21
C LEU C 204 20.04 5.06 22.80
N VAL C 205 19.03 5.29 21.98
CA VAL C 205 17.65 4.92 22.32
C VAL C 205 17.13 3.98 21.25
N VAL C 206 16.35 3.00 21.70
CA VAL C 206 15.68 2.08 20.80
C VAL C 206 14.16 2.19 21.01
N HIS C 207 13.40 1.93 19.94
CA HIS C 207 11.93 1.93 20.00
C HIS C 207 11.37 0.75 19.24
N SER C 208 10.37 0.12 19.82
CA SER C 208 9.34 -0.55 19.03
C SER C 208 8.38 0.51 18.51
N ALA C 209 8.63 0.99 17.31
CA ALA C 209 7.76 1.97 16.65
C ALA C 209 6.41 1.34 16.26
N THR C 210 6.32 0.01 16.29
CA THR C 210 5.05 -0.75 16.24
C THR C 210 4.00 -0.19 17.23
N LYS C 211 4.46 0.37 18.33
CA LYS C 211 3.57 0.82 19.41
C LYS C 211 3.13 2.28 19.20
N TYR C 212 3.41 3.18 20.14
CA TYR C 212 2.86 4.54 20.07
C TYR C 212 3.28 5.36 18.87
N LEU C 213 4.51 5.20 18.39
CA LEU C 213 4.95 6.02 17.26
C LEU C 213 4.08 5.82 16.04
N SER C 214 3.83 4.57 15.69
CA SER C 214 2.82 4.24 14.68
C SER C 214 1.43 4.67 15.13
N GLY C 215 1.08 4.23 16.33
CA GLY C 215 -0.18 4.62 16.98
C GLY C 215 -1.44 3.89 16.55
N HIS C 216 -1.39 3.14 15.44
CA HIS C 216 -2.59 2.62 14.82
C HIS C 216 -2.60 1.10 14.61
N GLY C 217 -1.57 0.42 15.09
CA GLY C 217 -1.58 -1.03 15.15
C GLY C 217 -1.48 -1.72 13.82
N ASP C 218 -1.04 -1.01 12.78
CA ASP C 218 -1.02 -1.57 11.43
C ASP C 218 0.38 -1.80 10.85
N ILE C 219 1.45 -1.51 11.58
CA ILE C 219 2.78 -1.79 11.05
C ILE C 219 3.62 -2.34 12.15
N THR C 220 4.70 -3.00 11.77
CA THR C 220 5.74 -3.41 12.70
C THR C 220 6.99 -2.63 12.28
N ALA C 221 7.67 -2.01 13.23
CA ALA C 221 8.88 -1.22 12.91
C ALA C 221 9.68 -0.94 14.18
N GLY C 222 10.95 -0.68 13.95
CA GLY C 222 11.89 -0.33 14.99
C GLY C 222 12.68 0.90 14.62
N ILE C 223 13.16 1.61 15.64
CA ILE C 223 13.99 2.79 15.47
C ILE C 223 15.16 2.73 16.46
N VAL C 224 16.35 3.10 15.99
CA VAL C 224 17.50 3.42 16.84
C VAL C 224 17.84 4.89 16.60
N VAL C 225 18.13 5.63 17.67
CA VAL C 225 18.64 7.02 17.53
C VAL C 225 19.86 7.19 18.46
N GLY C 226 20.87 7.90 17.99
CA GLY C 226 22.09 8.11 18.75
C GLY C 226 23.13 8.90 18.01
N SER C 227 24.37 8.82 18.49
CA SER C 227 25.49 9.49 17.84
C SER C 227 25.81 8.85 16.50
N GLN C 228 26.35 9.66 15.61
CA GLN C 228 26.60 9.25 14.25
C GLN C 228 27.49 8.02 14.16
N ALA C 229 28.52 7.97 14.99
CA ALA C 229 29.48 6.89 14.90
C ALA C 229 28.89 5.54 15.32
N LEU C 230 28.10 5.52 16.38
CA LEU C 230 27.44 4.31 16.82
C LEU C 230 26.36 3.87 15.81
N VAL C 231 25.53 4.80 15.38
CA VAL C 231 24.42 4.47 14.45
C VAL C 231 24.99 3.95 13.11
N ASP C 232 26.02 4.60 12.57
CA ASP C 232 26.69 4.09 11.36
C ASP C 232 27.12 2.62 11.49
N ARG C 233 27.72 2.25 12.61
CA ARG C 233 28.17 0.89 12.82
C ARG C 233 26.97 -0.08 12.93
N ILE C 234 25.90 0.36 13.57
CA ILE C 234 24.71 -0.49 13.71
C ILE C 234 24.04 -0.68 12.35
N ARG C 235 24.07 0.36 11.51
CA ARG C 235 23.58 0.27 10.13
C ARG C 235 24.42 -0.74 9.32
N LEU C 236 25.74 -0.51 9.32
CA LEU C 236 26.63 -1.21 8.40
C LEU C 236 26.95 -2.61 8.82
N GLN C 237 26.89 -2.90 10.11
CA GLN C 237 27.20 -4.21 10.63
C GLN C 237 25.90 -4.88 11.15
N GLY C 238 25.29 -4.30 12.17
CA GLY C 238 24.11 -4.90 12.81
C GLY C 238 22.96 -5.20 11.83
N LEU C 239 22.58 -4.19 11.07
CA LEU C 239 21.47 -4.31 10.15
C LEU C 239 21.92 -5.05 8.89
N LYS C 240 22.94 -4.53 8.23
CA LYS C 240 23.36 -5.04 6.93
C LYS C 240 23.79 -6.50 6.93
N ASP C 241 24.54 -6.89 7.94
CA ASP C 241 25.18 -8.19 8.01
C ASP C 241 24.55 -9.13 9.04
N MET C 242 24.11 -8.63 10.19
CA MET C 242 23.79 -9.55 11.29
C MET C 242 22.29 -9.85 11.50
N THR C 243 21.39 -9.00 10.99
CA THR C 243 19.94 -9.24 11.15
C THR C 243 19.13 -9.15 9.86
N GLY C 244 19.55 -8.30 8.92
CA GLY C 244 18.73 -8.05 7.72
C GLY C 244 17.32 -7.56 8.03
N ALA C 245 17.14 -6.90 9.16
CA ALA C 245 15.81 -6.41 9.59
C ALA C 245 15.45 -5.11 8.89
N VAL C 246 15.18 -5.22 7.59
CA VAL C 246 14.95 -4.11 6.69
C VAL C 246 13.49 -3.69 6.80
N LEU C 247 13.26 -2.40 7.03
CA LEU C 247 11.91 -1.82 7.05
C LEU C 247 11.36 -1.52 5.65
N SER C 248 10.14 -1.96 5.38
CA SER C 248 9.47 -1.60 4.14
C SER C 248 9.25 -0.08 4.01
N PRO C 249 9.52 0.52 2.83
CA PRO C 249 9.22 1.94 2.65
C PRO C 249 7.72 2.28 2.84
N HIS C 250 6.86 1.34 2.47
CA HIS C 250 5.42 1.45 2.72
C HIS C 250 5.13 1.65 4.21
N ASP C 251 5.72 0.78 5.02
CA ASP C 251 5.51 0.83 6.47
C ASP C 251 6.19 2.07 7.06
N ALA C 252 7.37 2.42 6.53
CA ALA C 252 8.05 3.64 6.95
C ALA C 252 7.20 4.88 6.72
N ALA C 253 6.55 4.95 5.55
CA ALA C 253 5.68 6.08 5.22
C ALA C 253 4.47 6.13 6.17
N LEU C 254 3.88 4.97 6.48
CA LEU C 254 2.78 4.90 7.44
C LEU C 254 3.23 5.35 8.83
N LEU C 255 4.44 4.98 9.20
CA LEU C 255 4.97 5.37 10.50
C LEU C 255 5.12 6.90 10.57
N MET C 256 5.64 7.50 9.50
CA MET C 256 5.73 8.96 9.43
C MET C 256 4.32 9.57 9.51
N ARG C 257 3.34 8.93 8.90
CA ARG C 257 1.96 9.39 9.01
C ARG C 257 1.49 9.38 10.48
N GLY C 258 1.76 8.30 11.21
CA GLY C 258 1.46 8.23 12.63
C GLY C 258 2.18 9.28 13.46
N ILE C 259 3.45 9.53 13.15
CA ILE C 259 4.25 10.48 13.93
C ILE C 259 3.67 11.90 13.89
N LYS C 260 3.02 12.27 12.79
CA LYS C 260 2.39 13.57 12.64
C LYS C 260 1.29 13.87 13.68
N THR C 261 0.70 12.85 14.30
CA THR C 261 -0.25 13.07 15.40
C THR C 261 0.25 12.61 16.75
N LEU C 262 1.55 12.35 16.88
CA LEU C 262 2.09 11.75 18.10
C LEU C 262 1.74 12.57 19.33
N ASN C 263 2.02 13.87 19.27
CA ASN C 263 1.72 14.74 20.42
C ASN C 263 0.23 14.67 20.84
N LEU C 264 -0.68 14.74 19.88
CA LEU C 264 -2.10 14.79 20.16
C LEU C 264 -2.56 13.46 20.75
N ARG C 265 -2.08 12.37 20.16
CA ARG C 265 -2.38 11.02 20.65
C ARG C 265 -1.86 10.77 22.03
N MET C 266 -0.61 11.13 22.27
CA MET C 266 -0.04 10.90 23.59
C MET C 266 -0.76 11.74 24.66
N ASP C 267 -1.15 12.97 24.32
CA ASP C 267 -1.90 13.80 25.30
C ASP C 267 -3.18 13.09 25.73
N ARG C 268 -3.87 12.47 24.78
CA ARG C 268 -5.11 11.75 25.03
C ARG C 268 -4.93 10.43 25.73
N HIS C 269 -3.92 9.63 25.32
CA HIS C 269 -3.60 8.42 26.05
C HIS C 269 -3.36 8.75 27.53
N CYS C 270 -2.58 9.79 27.77
CA CYS C 270 -2.22 10.18 29.12
C CYS C 270 -3.43 10.68 29.91
N ALA C 271 -4.25 11.51 29.30
CA ALA C 271 -5.43 12.08 29.97
C ALA C 271 -6.36 10.93 30.35
N ASN C 272 -6.61 10.01 29.41
CA ASN C 272 -7.45 8.84 29.69
C ASN C 272 -6.90 7.92 30.77
N ALA C 273 -5.59 7.63 30.71
CA ALA C 273 -4.97 6.75 31.71
C ALA C 273 -4.97 7.39 33.12
N GLN C 274 -4.77 8.71 33.20
CA GLN C 274 -4.87 9.43 34.46
CA GLN C 274 -4.83 9.37 34.50
C GLN C 274 -6.22 9.20 35.13
N VAL C 275 -7.29 9.31 34.35
CA VAL C 275 -8.65 9.11 34.89
C VAL C 275 -8.84 7.66 35.34
N LEU C 276 -8.47 6.70 34.48
CA LEU C 276 -8.61 5.28 34.83
C LEU C 276 -7.79 4.90 36.07
N ALA C 277 -6.60 5.48 36.21
CA ALA C 277 -5.74 5.19 37.35
C ALA C 277 -6.37 5.72 38.65
N GLU C 278 -6.84 6.96 38.63
CA GLU C 278 -7.59 7.58 39.76
C GLU C 278 -8.75 6.69 40.16
N PHE C 279 -9.49 6.21 39.19
CA PHE C 279 -10.62 5.33 39.43
C PHE C 279 -10.18 3.98 40.02
N LEU C 280 -9.28 3.29 39.36
CA LEU C 280 -8.83 1.95 39.82
C LEU C 280 -8.19 1.97 41.22
N ALA C 281 -7.41 3.01 41.52
CA ALA C 281 -6.75 3.13 42.83
C ALA C 281 -7.72 3.14 44.04
N ARG C 282 -8.98 3.54 43.80
CA ARG C 282 -10.05 3.60 44.81
C ARG C 282 -10.92 2.37 44.90
N GLN C 283 -10.80 1.42 43.98
CA GLN C 283 -11.73 0.30 43.93
C GLN C 283 -11.34 -0.81 44.92
N PRO C 284 -12.36 -1.47 45.52
CA PRO C 284 -12.11 -2.48 46.55
C PRO C 284 -11.42 -3.72 46.01
N GLN C 285 -11.79 -4.12 44.80
CA GLN C 285 -11.20 -5.26 44.10
C GLN C 285 -9.68 -5.11 43.85
N VAL C 286 -9.16 -3.88 43.87
CA VAL C 286 -7.77 -3.58 43.49
C VAL C 286 -6.82 -3.54 44.67
N GLU C 287 -5.86 -4.47 44.68
CA GLU C 287 -4.89 -4.60 45.75
C GLU C 287 -3.79 -3.57 45.66
N LEU C 288 -3.18 -3.47 44.49
CA LEU C 288 -2.05 -2.56 44.24
C LEU C 288 -2.20 -1.99 42.82
N ILE C 289 -1.67 -0.79 42.60
CA ILE C 289 -1.65 -0.23 41.26
C ILE C 289 -0.29 0.45 40.99
N HIS C 290 0.16 0.32 39.73
CA HIS C 290 1.38 0.95 39.26
C HIS C 290 1.01 1.89 38.13
N TYR C 291 1.02 3.17 38.45
CA TYR C 291 0.79 4.20 37.46
C TYR C 291 1.62 5.38 37.89
N PRO C 292 2.56 5.84 37.02
CA PRO C 292 3.48 6.92 37.43
C PRO C 292 2.84 8.24 37.86
N GLY C 293 1.62 8.52 37.40
CA GLY C 293 0.92 9.75 37.74
C GLY C 293 0.24 9.76 39.09
N LEU C 294 0.17 8.63 39.77
CA LEU C 294 -0.40 8.59 41.13
C LEU C 294 0.63 9.09 42.13
N ALA C 295 0.19 9.96 43.03
CA ALA C 295 1.06 10.56 44.06
C ALA C 295 1.76 9.50 44.90
N SER C 296 1.09 8.36 45.09
CA SER C 296 1.64 7.24 45.82
C SER C 296 2.63 6.35 45.04
N PHE C 297 2.87 6.61 43.75
CA PHE C 297 3.81 5.82 42.95
C PHE C 297 5.17 5.95 43.62
N PRO C 298 5.85 4.82 43.94
CA PRO C 298 7.09 4.94 44.74
C PRO C 298 8.16 5.85 44.15
N GLN C 299 8.29 5.86 42.81
CA GLN C 299 9.24 6.73 42.14
C GLN C 299 8.58 7.95 41.49
N TYR C 300 7.56 8.49 42.15
CA TYR C 300 6.85 9.68 41.67
C TYR C 300 7.77 10.82 41.29
N THR C 301 8.72 11.15 42.17
CA THR C 301 9.61 12.30 41.94
C THR C 301 10.56 12.07 40.74
N LEU C 302 11.20 10.92 40.70
CA LEU C 302 12.09 10.54 39.59
C LEU C 302 11.32 10.49 38.27
N ALA C 303 10.13 9.89 38.30
CA ALA C 303 9.28 9.83 37.10
C ALA C 303 9.05 11.22 36.51
N ARG C 304 8.70 12.17 37.37
CA ARG C 304 8.45 13.54 36.93
C ARG C 304 9.67 14.33 36.52
N GLN C 305 10.87 13.92 36.96
CA GLN C 305 12.10 14.50 36.45
C GLN C 305 12.38 14.07 35.01
N GLN C 306 11.99 12.85 34.65
CA GLN C 306 12.31 12.29 33.33
C GLN C 306 11.21 12.37 32.27
N MET C 307 9.96 12.29 32.73
CA MET C 307 8.79 12.15 31.86
C MET C 307 7.94 13.41 31.99
N SER C 308 7.55 14.03 30.87
CA SER C 308 6.69 15.22 30.92
C SER C 308 5.22 14.89 31.24
N GLN C 309 4.82 13.64 31.04
CA GLN C 309 3.49 13.17 31.39
C GLN C 309 3.61 11.71 31.78
N PRO C 310 2.68 11.19 32.60
CA PRO C 310 2.87 9.86 33.21
C PRO C 310 2.52 8.64 32.35
N GLY C 311 2.12 8.87 31.09
CA GLY C 311 2.03 7.78 30.12
C GLY C 311 0.63 7.19 29.99
N GLY C 312 0.48 6.30 29.00
CA GLY C 312 -0.79 5.64 28.73
C GLY C 312 -0.94 4.24 29.28
N MET C 313 0.05 3.74 30.02
CA MET C 313 0.04 2.38 30.56
C MET C 313 -0.27 2.33 32.04
N ILE C 314 -1.08 1.36 32.44
CA ILE C 314 -1.41 1.09 33.83
C ILE C 314 -1.24 -0.41 34.08
N ALA C 315 -0.63 -0.75 35.21
CA ALA C 315 -0.64 -2.13 35.69
C ALA C 315 -1.25 -2.14 37.08
N PHE C 316 -2.04 -3.15 37.37
CA PHE C 316 -2.64 -3.26 38.70
C PHE C 316 -2.86 -4.73 39.03
N GLU C 317 -3.14 -4.99 40.30
CA GLU C 317 -3.41 -6.36 40.72
C GLU C 317 -4.68 -6.46 41.53
N LEU C 318 -5.46 -7.47 41.20
CA LEU C 318 -6.74 -7.69 41.84
C LEU C 318 -6.52 -8.56 43.08
N LYS C 319 -7.27 -8.31 44.14
CA LYS C 319 -7.17 -9.12 45.37
C LYS C 319 -7.46 -10.60 45.12
N GLY C 320 -8.44 -10.91 44.28
CA GLY C 320 -8.76 -12.32 43.98
C GLY C 320 -7.74 -13.13 43.19
N GLY C 321 -6.55 -12.59 42.96
CA GLY C 321 -5.46 -13.31 42.34
C GLY C 321 -5.67 -13.63 40.87
N ILE C 322 -5.23 -14.82 40.48
CA ILE C 322 -5.27 -15.25 39.10
C ILE C 322 -6.68 -15.42 38.56
N GLY C 323 -7.57 -15.98 39.38
CA GLY C 323 -8.95 -16.23 38.98
C GLY C 323 -9.71 -14.93 38.73
N ALA C 324 -9.49 -13.94 39.61
CA ALA C 324 -10.11 -12.64 39.47
C ALA C 324 -9.57 -11.93 38.20
N GLY C 325 -8.26 -11.99 38.03
CA GLY C 325 -7.58 -11.52 36.82
C GLY C 325 -8.23 -12.05 35.56
N ARG C 326 -8.41 -13.36 35.48
CA ARG C 326 -9.10 -14.03 34.36
C ARG C 326 -10.53 -13.54 34.17
N ARG C 327 -11.30 -13.50 35.25
CA ARG C 327 -12.71 -13.11 35.16
C ARG C 327 -12.85 -11.64 34.68
N PHE C 328 -12.00 -10.77 35.21
CA PHE C 328 -11.93 -9.35 34.76
C PHE C 328 -11.66 -9.29 33.25
N MET C 329 -10.63 -10.00 32.79
CA MET C 329 -10.27 -10.02 31.36
C MET C 329 -11.37 -10.50 30.48
N ASN C 330 -11.99 -11.59 30.90
CA ASN C 330 -13.04 -12.20 30.10
C ASN C 330 -14.33 -11.38 30.00
N ALA C 331 -14.59 -10.53 30.99
CA ALA C 331 -15.79 -9.70 30.98
C ALA C 331 -15.65 -8.42 30.14
N LEU C 332 -14.42 -8.02 29.81
CA LEU C 332 -14.18 -6.79 29.05
C LEU C 332 -14.86 -6.86 27.70
N GLN C 333 -15.53 -5.78 27.32
CA GLN C 333 -16.24 -5.68 26.06
C GLN C 333 -15.72 -4.60 25.12
N LEU C 334 -14.99 -3.60 25.62
CA LEU C 334 -14.50 -2.51 24.79
C LEU C 334 -13.00 -2.64 24.64
N PHE C 335 -12.30 -2.72 25.77
CA PHE C 335 -10.90 -3.19 25.81
C PHE C 335 -10.83 -4.54 25.10
N SER C 336 -9.78 -4.76 24.30
CA SER C 336 -9.55 -6.06 23.67
C SER C 336 -8.51 -6.82 24.47
N ARG C 337 -8.66 -8.14 24.50
CA ARG C 337 -7.69 -9.06 25.10
C ARG C 337 -6.60 -9.29 24.06
N ALA C 338 -5.45 -8.69 24.29
CA ALA C 338 -4.36 -8.75 23.33
C ALA C 338 -3.08 -8.31 23.95
N VAL C 339 -1.99 -8.76 23.36
CA VAL C 339 -0.71 -8.16 23.63
C VAL C 339 -0.64 -6.91 22.76
N SER C 340 0.45 -6.18 22.93
CA SER C 340 0.71 -4.94 22.25
C SER C 340 0.13 -3.78 23.05
N LEU C 341 0.49 -2.58 22.62
CA LEU C 341 0.20 -1.39 23.33
C LEU C 341 0.38 -0.24 22.38
N GLY C 342 -0.09 0.93 22.79
CA GLY C 342 0.12 2.13 22.01
C GLY C 342 -0.74 2.26 20.78
N ASP C 343 -1.87 1.56 20.77
CA ASP C 343 -2.83 1.58 19.69
C ASP C 343 -3.98 2.55 20.02
N ALA C 344 -4.72 3.00 19.00
CA ALA C 344 -5.94 3.78 19.22
C ALA C 344 -6.96 2.98 20.08
N GLU C 345 -7.00 1.66 19.86
CA GLU C 345 -7.83 0.72 20.60
C GLU C 345 -7.21 0.38 21.94
N SER C 346 -8.02 0.42 23.00
CA SER C 346 -7.57 0.07 24.33
C SER C 346 -7.34 -1.44 24.41
N LEU C 347 -6.25 -1.86 25.04
CA LEU C 347 -5.90 -3.29 25.16
C LEU C 347 -5.60 -3.66 26.60
N ALA C 348 -5.81 -4.94 26.90
CA ALA C 348 -5.58 -5.49 28.22
C ALA C 348 -4.94 -6.85 28.09
N GLN C 349 -4.02 -7.13 28.99
CA GLN C 349 -3.48 -8.46 29.15
C GLN C 349 -3.23 -8.78 30.63
N HIS C 350 -3.37 -10.07 30.95
CA HIS C 350 -3.22 -10.58 32.31
C HIS C 350 -2.17 -11.69 32.19
N PRO C 351 -0.86 -11.33 32.32
CA PRO C 351 0.17 -12.36 32.10
C PRO C 351 0.07 -13.65 32.91
N ALA C 352 -0.68 -13.70 34.02
CA ALA C 352 -0.89 -14.97 34.74
C ALA C 352 -1.74 -15.98 33.93
N SER C 353 -2.38 -15.49 32.86
CA SER C 353 -2.64 -16.32 31.67
C SER C 353 -1.50 -16.09 30.61
N MET C 354 -0.31 -16.58 30.98
CA MET C 354 1.04 -16.40 30.35
C MET C 354 1.19 -15.72 28.99
N THR C 355 1.77 -14.52 29.04
CA THR C 355 2.20 -13.81 27.82
C THR C 355 3.51 -12.97 27.94
N HIS C 356 4.05 -12.80 29.16
CA HIS C 356 5.50 -12.60 29.37
C HIS C 356 6.16 -14.01 29.44
N SER C 357 5.85 -14.84 28.44
CA SER C 357 6.01 -16.31 28.54
C SER C 357 7.43 -16.81 28.28
N SER C 358 8.29 -15.95 27.73
CA SER C 358 9.72 -16.25 27.52
C SER C 358 10.47 -16.54 28.83
N TYR C 359 10.00 -15.94 29.93
CA TYR C 359 10.48 -16.23 31.27
C TYR C 359 9.91 -17.57 31.77
N THR C 360 10.69 -18.32 32.54
CA THR C 360 10.16 -19.45 33.33
C THR C 360 9.43 -18.87 34.57
N PRO C 361 8.56 -19.67 35.24
CA PRO C 361 7.88 -19.21 36.49
C PRO C 361 8.80 -18.56 37.55
N GLU C 362 9.99 -19.13 37.74
CA GLU C 362 10.97 -18.69 38.77
C GLU C 362 11.68 -17.37 38.40
N GLU C 363 11.92 -17.19 37.09
CA GLU C 363 12.47 -15.93 36.55
C GLU C 363 11.43 -14.80 36.64
N ARG C 364 10.17 -15.10 36.33
CA ARG C 364 9.05 -14.16 36.53
C ARG C 364 8.94 -13.71 37.98
N ALA C 365 9.11 -14.64 38.94
CA ALA C 365 9.09 -14.29 40.36
C ALA C 365 10.31 -13.46 40.79
N HIS C 366 11.52 -13.91 40.43
CA HIS C 366 12.78 -13.20 40.75
C HIS C 366 12.82 -11.78 40.14
N TYR C 367 12.48 -11.69 38.85
CA TYR C 367 12.27 -10.40 38.18
C TYR C 367 10.79 -10.02 38.45
N GLY C 368 10.37 -8.78 38.19
CA GLY C 368 9.09 -8.28 38.76
C GLY C 368 7.76 -8.59 38.07
N ILE C 369 7.43 -9.88 37.84
CA ILE C 369 6.20 -10.27 37.07
C ILE C 369 5.29 -11.29 37.83
N SER C 370 4.05 -10.86 38.14
CA SER C 370 3.19 -11.45 39.22
C SER C 370 2.04 -12.46 38.86
N GLU C 371 0.76 -12.17 39.23
CA GLU C 371 -0.29 -13.20 39.45
C GLU C 371 -1.76 -12.74 39.32
N GLY C 372 -2.10 -11.68 40.04
CA GLY C 372 -3.36 -10.97 39.80
C GLY C 372 -3.09 -9.73 38.93
N LEU C 373 -1.93 -9.71 38.27
CA LEU C 373 -1.39 -8.52 37.61
C LEU C 373 -1.98 -8.40 36.22
N VAL C 374 -2.67 -7.29 35.99
CA VAL C 374 -3.31 -6.97 34.72
C VAL C 374 -2.64 -5.71 34.19
N ARG C 375 -2.31 -5.68 32.90
CA ARG C 375 -1.71 -4.48 32.28
C ARG C 375 -2.70 -3.94 31.28
N LEU C 376 -2.96 -2.62 31.32
CA LEU C 376 -3.84 -1.94 30.38
C LEU C 376 -3.03 -0.96 29.53
N SER C 377 -3.25 -1.03 28.22
CA SER C 377 -2.81 0.02 27.30
C SER C 377 -4.04 0.84 27.04
N VAL C 378 -4.09 2.03 27.63
CA VAL C 378 -5.30 2.86 27.56
C VAL C 378 -5.27 3.58 26.21
N GLY C 379 -6.34 3.42 25.45
CA GLY C 379 -6.45 3.94 24.09
C GLY C 379 -7.08 5.32 24.04
N LEU C 380 -7.63 5.66 22.87
CA LEU C 380 -8.11 7.00 22.57
C LEU C 380 -9.63 7.10 22.63
N GLU C 381 -10.30 6.02 23.00
CA GLU C 381 -11.77 6.02 23.08
C GLU C 381 -12.27 7.02 24.15
N ASP C 382 -13.57 7.31 24.10
CA ASP C 382 -14.19 8.21 25.07
C ASP C 382 -14.01 7.63 26.47
N ILE C 383 -13.47 8.43 27.37
CA ILE C 383 -13.18 7.97 28.73
C ILE C 383 -14.42 7.42 29.43
N ASP C 384 -15.58 8.01 29.19
CA ASP C 384 -16.79 7.48 29.84
C ASP C 384 -17.11 6.05 29.43
N ASP C 385 -16.83 5.70 28.17
CA ASP C 385 -17.02 4.32 27.71
C ASP C 385 -15.99 3.34 28.29
N LEU C 386 -14.74 3.77 28.38
CA LEU C 386 -13.67 2.96 28.98
C LEU C 386 -13.92 2.74 30.47
N LEU C 387 -14.35 3.78 31.17
CA LEU C 387 -14.70 3.66 32.59
C LEU C 387 -15.82 2.65 32.81
N ALA C 388 -16.87 2.73 31.99
CA ALA C 388 -18.00 1.79 32.09
C ALA C 388 -17.57 0.36 31.85
N ASP C 389 -16.67 0.17 30.89
CA ASP C 389 -16.20 -1.17 30.59
C ASP C 389 -15.38 -1.73 31.75
N VAL C 390 -14.43 -0.94 32.26
CA VAL C 390 -13.61 -1.35 33.42
C VAL C 390 -14.52 -1.62 34.65
N GLN C 391 -15.48 -0.73 34.90
CA GLN C 391 -16.45 -0.88 36.02
C GLN C 391 -17.18 -2.22 36.03
N GLN C 392 -17.82 -2.58 34.93
CA GLN C 392 -18.56 -3.85 34.87
C GLN C 392 -17.64 -5.09 34.92
N ALA C 393 -16.43 -4.95 34.35
CA ALA C 393 -15.46 -6.04 34.41
C ALA C 393 -15.01 -6.26 35.85
N LEU C 394 -14.76 -5.18 36.57
CA LEU C 394 -14.41 -5.28 38.00
C LEU C 394 -15.50 -6.00 38.80
N LYS C 395 -16.76 -5.66 38.55
CA LYS C 395 -17.90 -6.35 39.18
C LYS C 395 -17.92 -7.84 38.85
N ALA C 396 -17.73 -8.17 37.57
CA ALA C 396 -17.61 -9.56 37.13
C ALA C 396 -16.45 -10.33 37.75
N SER C 397 -15.40 -9.65 38.20
CA SER C 397 -14.23 -10.32 38.80
C SER C 397 -14.44 -10.88 40.21
N ALA C 398 -15.60 -10.61 40.83
CA ALA C 398 -16.03 -11.37 42.01
C ALA C 398 -16.56 -12.74 41.59
N GLY D 3 -6.73 -39.30 -11.57
CA GLY D 3 -7.63 -38.83 -10.46
C GLY D 3 -7.10 -37.66 -9.64
N SER D 4 -7.64 -37.50 -8.43
CA SER D 4 -7.42 -36.32 -7.59
C SER D 4 -6.16 -36.32 -6.76
N ASN D 5 -5.38 -37.41 -6.78
CA ASN D 5 -4.11 -37.43 -6.05
C ASN D 5 -2.95 -36.88 -6.92
N LYS D 6 -3.24 -36.41 -8.14
CA LYS D 6 -2.23 -35.78 -8.99
C LYS D 6 -1.91 -34.39 -8.42
N LEU D 7 -0.63 -34.05 -8.38
CA LEU D 7 -0.22 -32.73 -7.88
C LEU D 7 -0.59 -31.70 -8.97
N PRO D 8 -1.28 -30.60 -8.62
CA PRO D 8 -1.53 -29.54 -9.62
C PRO D 8 -0.19 -29.00 -10.14
N GLY D 9 -0.18 -28.48 -11.37
CA GLY D 9 1.06 -28.01 -11.93
C GLY D 9 1.62 -26.81 -11.16
N PHE D 10 2.89 -26.50 -11.43
CA PHE D 10 3.56 -25.41 -10.78
C PHE D 10 2.81 -24.06 -10.90
N ALA D 11 2.39 -23.72 -12.11
CA ALA D 11 1.69 -22.45 -12.32
C ALA D 11 0.35 -22.41 -11.55
N THR D 12 -0.35 -23.54 -11.52
CA THR D 12 -1.60 -23.64 -10.75
C THR D 12 -1.37 -23.36 -9.27
N ARG D 13 -0.34 -24.01 -8.71
CA ARG D 13 0.01 -23.82 -7.31
C ARG D 13 0.50 -22.42 -6.98
N ALA D 14 1.33 -21.84 -7.87
CA ALA D 14 1.82 -20.45 -7.68
C ALA D 14 0.67 -19.43 -7.57
N ILE D 15 -0.45 -19.74 -8.20
CA ILE D 15 -1.62 -18.87 -8.21
C ILE D 15 -2.60 -19.22 -7.09
N HIS D 16 -2.80 -20.49 -6.82
CA HIS D 16 -3.92 -20.93 -5.96
C HIS D 16 -3.56 -21.59 -4.62
N HIS D 17 -2.35 -22.14 -4.50
CA HIS D 17 -2.09 -23.05 -3.40
C HIS D 17 -2.37 -22.41 -2.06
N GLY D 18 -3.15 -23.11 -1.23
CA GLY D 18 -3.39 -22.68 0.14
C GLY D 18 -4.53 -21.72 0.36
N TYR D 19 -5.26 -21.34 -0.68
CA TYR D 19 -6.27 -20.29 -0.56
C TYR D 19 -7.51 -20.67 -1.34
N ASP D 20 -8.65 -20.61 -0.67
CA ASP D 20 -9.95 -20.84 -1.28
C ASP D 20 -10.78 -19.60 -0.97
N PRO D 21 -11.15 -18.84 -2.00
CA PRO D 21 -11.95 -17.61 -1.78
C PRO D 21 -13.17 -17.80 -0.87
N GLN D 22 -13.80 -18.98 -0.92
CA GLN D 22 -14.94 -19.29 -0.04
C GLN D 22 -14.72 -19.06 1.46
N ASP D 23 -13.47 -19.18 1.94
CA ASP D 23 -13.21 -19.00 3.36
C ASP D 23 -12.93 -17.56 3.75
N HIS D 24 -13.06 -16.61 2.82
CA HIS D 24 -12.82 -15.18 3.08
C HIS D 24 -13.87 -14.33 2.37
N GLY D 25 -15.13 -14.73 2.51
CA GLY D 25 -16.26 -14.01 1.95
C GLY D 25 -16.26 -13.94 0.44
N GLY D 26 -15.61 -14.92 -0.20
CA GLY D 26 -15.44 -14.91 -1.63
C GLY D 26 -14.37 -13.99 -2.20
N ALA D 27 -13.56 -13.33 -1.38
CA ALA D 27 -12.51 -12.46 -1.93
C ALA D 27 -11.62 -13.27 -2.86
N LEU D 28 -11.55 -12.87 -4.14
CA LEU D 28 -10.71 -13.61 -5.09
C LEU D 28 -9.21 -13.49 -4.75
N VAL D 29 -8.77 -12.28 -4.41
CA VAL D 29 -7.43 -12.00 -3.91
C VAL D 29 -7.56 -12.01 -2.38
N PRO D 30 -6.66 -12.70 -1.65
CA PRO D 30 -6.80 -12.78 -0.20
C PRO D 30 -6.65 -11.36 0.42
N PRO D 31 -7.44 -11.01 1.43
CA PRO D 31 -7.27 -9.69 2.06
C PRO D 31 -5.91 -9.55 2.73
N VAL D 32 -5.37 -8.34 2.77
CA VAL D 32 -4.07 -8.10 3.37
C VAL D 32 -4.22 -7.81 4.85
N TYR D 33 -3.67 -8.71 5.68
CA TYR D 33 -3.73 -8.54 7.13
C TYR D 33 -2.65 -7.57 7.65
N GLN D 34 -2.84 -6.30 7.37
CA GLN D 34 -1.93 -5.28 7.80
C GLN D 34 -2.33 -4.88 9.24
N THR D 35 -1.96 -5.76 10.16
CA THR D 35 -2.26 -5.63 11.59
C THR D 35 -1.05 -6.18 12.35
N ALA D 36 -0.57 -5.43 13.34
CA ALA D 36 0.54 -5.88 14.18
C ALA D 36 0.07 -6.96 15.15
N THR D 37 -1.18 -6.89 15.60
CA THR D 37 -1.64 -7.81 16.64
C THR D 37 -3.00 -8.43 16.38
N PHE D 38 -3.22 -9.56 17.05
CA PHE D 38 -4.45 -10.31 16.98
C PHE D 38 -5.03 -10.45 18.41
N THR D 39 -6.35 -10.41 18.55
CA THR D 39 -7.03 -10.47 19.87
C THR D 39 -7.60 -11.84 20.17
N PHE D 40 -7.94 -12.04 21.44
CA PHE D 40 -8.41 -13.34 21.94
C PHE D 40 -9.86 -13.30 22.43
N PRO D 41 -10.64 -14.39 22.19
CA PRO D 41 -12.03 -14.44 22.71
C PRO D 41 -12.10 -14.60 24.23
N THR D 42 -11.12 -15.29 24.81
CA THR D 42 -10.98 -15.40 26.27
C THR D 42 -9.51 -15.35 26.60
N VAL D 43 -9.19 -15.12 27.87
CA VAL D 43 -7.80 -15.10 28.32
C VAL D 43 -7.16 -16.52 28.20
N GLU D 44 -7.99 -17.57 28.26
CA GLU D 44 -7.54 -18.96 28.18
C GLU D 44 -7.11 -19.36 26.75
N TYR D 45 -7.95 -19.04 25.76
CA TYR D 45 -7.54 -19.02 24.35
C TYR D 45 -6.60 -17.83 24.20
N GLY D 46 -5.30 -18.05 24.35
CA GLY D 46 -4.35 -16.93 24.45
C GLY D 46 -3.15 -17.32 25.27
N ALA D 47 -3.41 -17.95 26.42
CA ALA D 47 -2.38 -18.72 27.12
C ALA D 47 -2.06 -19.97 26.31
N ALA D 48 -3.09 -20.60 25.74
CA ALA D 48 -2.96 -21.74 24.80
C ALA D 48 -2.02 -21.50 23.60
N CYS D 49 -2.00 -20.27 23.08
CA CYS D 49 -1.12 -19.91 21.95
C CYS D 49 0.33 -19.64 22.41
N PHE D 50 0.49 -18.82 23.46
CA PHE D 50 1.83 -18.46 23.97
C PHE D 50 2.48 -19.57 24.81
N ALA D 51 1.72 -20.20 25.69
CA ALA D 51 2.12 -21.49 26.29
C ALA D 51 1.72 -22.57 25.28
N GLY D 52 2.71 -23.04 24.53
CA GLY D 52 2.49 -23.81 23.29
C GLY D 52 3.56 -23.41 22.28
N GLU D 53 3.68 -22.10 22.09
CA GLU D 53 4.82 -21.48 21.37
C GLU D 53 6.16 -21.70 22.09
N GLN D 54 6.13 -21.64 23.43
CA GLN D 54 7.32 -21.82 24.26
C GLN D 54 7.88 -23.27 24.25
N ALA D 55 7.00 -24.27 24.12
CA ALA D 55 7.40 -25.69 24.18
C ALA D 55 8.18 -26.20 22.95
N GLY D 56 7.97 -25.58 21.79
CA GLY D 56 8.62 -26.00 20.53
C GLY D 56 7.77 -25.80 19.28
N HIS D 57 6.45 -25.91 19.44
CA HIS D 57 5.51 -25.83 18.30
C HIS D 57 5.25 -24.40 17.83
N PHE D 58 5.14 -24.24 16.51
CA PHE D 58 4.45 -23.10 15.91
C PHE D 58 3.12 -23.57 15.34
N TYR D 59 2.06 -23.29 16.08
CA TYR D 59 0.83 -22.81 15.47
C TYR D 59 0.09 -21.93 16.47
N SER D 60 0.72 -20.79 16.74
CA SER D 60 0.06 -19.65 17.33
C SER D 60 -0.94 -19.18 16.26
N ARG D 61 -2.23 -19.36 16.54
CA ARG D 61 -3.30 -18.93 15.64
C ARG D 61 -3.35 -17.40 15.54
N ILE D 62 -2.61 -16.72 16.44
CA ILE D 62 -2.11 -15.36 16.20
C ILE D 62 -0.81 -15.34 15.36
N SER D 63 -0.83 -16.07 14.23
CA SER D 63 0.15 -15.91 13.16
C SER D 63 -0.55 -15.14 12.06
N ASN D 64 0.21 -14.33 11.32
CA ASN D 64 -0.37 -13.44 10.32
C ASN D 64 -0.76 -14.23 9.07
N PRO D 65 -2.08 -14.32 8.77
CA PRO D 65 -2.54 -15.09 7.63
C PRO D 65 -1.92 -14.71 6.28
N THR D 66 -1.59 -13.44 6.07
CA THR D 66 -0.96 -13.06 4.80
C THR D 66 0.42 -13.74 4.67
N LEU D 67 1.23 -13.60 5.72
CA LEU D 67 2.53 -14.25 5.75
C LEU D 67 2.38 -15.77 5.67
N ASN D 68 1.40 -16.33 6.37
CA ASN D 68 1.21 -17.76 6.38
C ASN D 68 0.90 -18.32 4.99
N LEU D 69 0.07 -17.63 4.21
CA LEU D 69 -0.23 -18.06 2.87
C LEU D 69 1.02 -18.01 1.99
N LEU D 70 1.77 -16.90 2.07
CA LEU D 70 3.04 -16.81 1.32
C LEU D 70 3.98 -18.00 1.65
N GLU D 71 4.08 -18.29 2.92
CA GLU D 71 4.95 -19.36 3.41
C GLU D 71 4.51 -20.73 2.90
N ALA D 72 3.21 -20.99 2.96
CA ALA D 72 2.67 -22.25 2.49
C ALA D 72 2.82 -22.40 1.00
N ARG D 73 2.63 -21.30 0.26
CA ARG D 73 2.83 -21.33 -1.16
C ARG D 73 4.30 -21.56 -1.57
N MET D 74 5.25 -20.89 -0.92
CA MET D 74 6.67 -21.13 -1.19
C MET D 74 7.09 -22.54 -0.79
N ALA D 75 6.49 -23.08 0.26
CA ALA D 75 6.79 -24.45 0.68
C ALA D 75 6.34 -25.44 -0.39
N SER D 76 5.14 -25.24 -0.91
CA SER D 76 4.63 -26.09 -1.99
C SER D 76 5.55 -26.01 -3.23
N LEU D 77 5.99 -24.80 -3.60
CA LEU D 77 6.80 -24.65 -4.79
C LEU D 77 8.17 -25.29 -4.64
N GLU D 78 8.78 -25.24 -3.44
CA GLU D 78 10.09 -25.85 -3.22
C GLU D 78 10.00 -27.36 -2.87
N GLY D 79 8.80 -27.88 -2.66
CA GLY D 79 8.63 -29.23 -2.11
C GLY D 79 9.11 -29.41 -0.70
N GLY D 80 8.95 -28.40 0.15
CA GLY D 80 9.25 -28.51 1.57
C GLY D 80 8.00 -28.58 2.43
N GLU D 81 8.17 -28.96 3.68
CA GLU D 81 7.06 -29.07 4.63
C GLU D 81 6.55 -27.69 5.09
N ALA D 82 7.46 -26.74 5.28
CA ALA D 82 7.10 -25.46 5.90
C ALA D 82 7.92 -24.29 5.37
N GLY D 83 7.34 -23.10 5.43
CA GLY D 83 8.00 -21.89 5.01
C GLY D 83 7.99 -20.82 6.07
N LEU D 84 8.92 -19.89 5.95
CA LEU D 84 8.98 -18.72 6.81
C LEU D 84 9.33 -17.51 5.97
N ALA D 85 8.60 -16.44 6.16
CA ALA D 85 8.82 -15.19 5.42
C ALA D 85 9.51 -14.17 6.33
N LEU D 86 10.51 -13.46 5.77
CA LEU D 86 11.34 -12.51 6.53
C LEU D 86 11.56 -11.22 5.73
N ALA D 87 12.13 -10.22 6.40
CA ALA D 87 12.27 -8.87 5.83
C ALA D 87 13.24 -8.74 4.69
N SER D 88 14.17 -9.67 4.56
CA SER D 88 15.21 -9.63 3.52
C SER D 88 15.84 -10.99 3.38
N GLY D 89 16.57 -11.18 2.28
CA GLY D 89 17.42 -12.36 2.10
C GLY D 89 18.40 -12.51 3.25
N MET D 90 19.05 -11.41 3.64
CA MET D 90 19.93 -11.45 4.81
C MET D 90 19.17 -11.83 6.08
N GLY D 91 17.93 -11.36 6.23
CA GLY D 91 17.07 -11.84 7.32
C GLY D 91 16.92 -13.34 7.32
N ALA D 92 16.64 -13.92 6.15
CA ALA D 92 16.50 -15.39 6.07
C ALA D 92 17.82 -16.13 6.43
N ILE D 93 18.94 -15.64 5.92
CA ILE D 93 20.26 -16.27 6.12
C ILE D 93 20.67 -16.18 7.60
N THR D 94 20.60 -14.98 8.16
CA THR D 94 21.04 -14.75 9.53
C THR D 94 20.09 -15.45 10.52
N SER D 95 18.77 -15.32 10.32
CA SER D 95 17.84 -16.02 11.22
C SER D 95 18.13 -17.52 11.25
N THR D 96 18.44 -18.09 10.08
CA THR D 96 18.72 -19.53 9.95
C THR D 96 20.02 -19.91 10.70
N LEU D 97 21.09 -19.20 10.38
CA LEU D 97 22.41 -19.57 10.93
C LEU D 97 22.54 -19.25 12.40
N TRP D 98 21.94 -18.14 12.87
CA TRP D 98 21.93 -17.84 14.31
C TRP D 98 21.18 -18.92 15.10
N THR D 99 20.20 -19.56 14.48
CA THR D 99 19.45 -20.61 15.13
C THR D 99 20.24 -21.92 15.19
N LEU D 100 20.93 -22.24 14.10
CA LEU D 100 21.52 -23.55 13.92
C LEU D 100 22.96 -23.69 14.48
N LEU D 101 23.62 -22.57 14.76
CA LEU D 101 25.02 -22.63 15.19
C LEU D 101 25.23 -22.02 16.58
N ARG D 102 26.17 -22.63 17.31
CA ARG D 102 26.63 -22.14 18.60
C ARG D 102 28.17 -22.24 18.67
N PRO D 103 28.81 -21.51 19.61
CA PRO D 103 30.28 -21.56 19.71
C PRO D 103 30.80 -22.98 19.75
N GLY D 104 31.88 -23.23 19.02
CA GLY D 104 32.46 -24.58 18.91
C GLY D 104 31.92 -25.37 17.71
N ASP D 105 30.79 -24.97 17.13
CA ASP D 105 30.30 -25.60 15.91
C ASP D 105 31.13 -25.08 14.77
N GLU D 106 31.24 -25.90 13.72
CA GLU D 106 31.88 -25.49 12.48
C GLU D 106 30.81 -25.43 11.41
N VAL D 107 30.93 -24.44 10.54
CA VAL D 107 30.14 -24.35 9.32
C VAL D 107 31.10 -24.48 8.13
N LEU D 108 30.79 -25.39 7.22
CA LEU D 108 31.51 -25.50 5.95
C LEU D 108 30.79 -24.72 4.91
N LEU D 109 31.54 -23.89 4.18
CA LEU D 109 31.03 -22.88 3.29
C LEU D 109 31.48 -23.05 1.85
N GLY D 110 30.62 -22.68 0.92
CA GLY D 110 31.01 -22.65 -0.47
C GLY D 110 32.10 -21.62 -0.67
N ASN D 111 32.95 -21.85 -1.66
CA ASN D 111 34.10 -20.97 -1.87
C ASN D 111 33.75 -19.52 -2.19
N THR D 112 32.65 -19.30 -2.90
CA THR D 112 32.22 -17.96 -3.33
C THR D 112 30.86 -17.68 -2.70
N LEU D 113 30.72 -16.55 -2.01
CA LEU D 113 29.44 -16.15 -1.40
C LEU D 113 29.11 -14.72 -1.72
N TYR D 114 27.81 -14.42 -1.71
CA TYR D 114 27.34 -13.04 -1.77
C TYR D 114 28.07 -12.23 -0.68
N GLY D 115 28.45 -11.01 -1.01
CA GLY D 115 29.31 -10.19 -0.16
C GLY D 115 28.84 -10.03 1.27
N HIS D 116 27.56 -9.70 1.47
CA HIS D 116 27.09 -9.58 2.84
C HIS D 116 26.93 -10.90 3.57
N THR D 117 26.71 -12.00 2.86
CA THR D 117 26.76 -13.31 3.52
C THR D 117 28.19 -13.59 4.02
N PHE D 118 29.17 -13.33 3.17
CA PHE D 118 30.59 -13.48 3.55
C PHE D 118 30.90 -12.63 4.77
N ALA D 119 30.48 -11.36 4.75
CA ALA D 119 30.73 -10.46 5.89
C ALA D 119 30.05 -10.90 7.18
N PHE D 120 28.81 -11.39 7.07
CA PHE D 120 28.12 -11.96 8.21
C PHE D 120 28.93 -13.08 8.83
N LEU D 121 29.35 -14.02 8.00
CA LEU D 121 30.06 -15.18 8.47
C LEU D 121 31.40 -14.78 9.12
N HIS D 122 32.21 -14.00 8.41
CA HIS D 122 33.57 -13.71 8.86
C HIS D 122 33.68 -12.66 9.92
N HIS D 123 32.86 -11.62 9.79
CA HIS D 123 32.90 -10.49 10.73
C HIS D 123 31.71 -10.47 11.69
N GLY D 124 30.79 -11.43 11.60
CA GLY D 124 29.62 -11.48 12.46
C GLY D 124 29.66 -12.73 13.30
N ILE D 125 28.92 -13.74 12.87
CA ILE D 125 28.82 -14.98 13.64
C ILE D 125 30.19 -15.68 13.88
N GLY D 126 31.10 -15.59 12.91
CA GLY D 126 32.46 -16.11 13.10
C GLY D 126 33.25 -15.45 14.21
N GLU D 127 32.90 -14.21 14.58
CA GLU D 127 33.50 -13.56 15.75
C GLU D 127 32.83 -13.91 17.08
N PHE D 128 31.84 -14.78 17.05
CA PHE D 128 31.20 -15.25 18.25
C PHE D 128 31.50 -16.72 18.52
N GLY D 129 32.65 -17.20 18.05
CA GLY D 129 33.10 -18.55 18.41
C GLY D 129 32.71 -19.68 17.47
N VAL D 130 32.07 -19.33 16.35
CA VAL D 130 31.68 -20.33 15.35
C VAL D 130 32.84 -20.44 14.37
N LYS D 131 33.26 -21.67 14.09
CA LYS D 131 34.39 -21.89 13.23
C LYS D 131 33.92 -21.98 11.76
N LEU D 132 34.66 -21.34 10.86
CA LEU D 132 34.33 -21.30 9.43
C LEU D 132 35.38 -22.03 8.62
N ARG D 133 34.97 -22.79 7.61
CA ARG D 133 35.91 -23.23 6.59
C ARG D 133 35.26 -23.27 5.21
N HIS D 134 35.98 -22.75 4.22
CA HIS D 134 35.55 -22.71 2.84
C HIS D 134 36.06 -23.94 2.13
N VAL D 135 35.19 -24.56 1.32
CA VAL D 135 35.52 -25.77 0.57
C VAL D 135 34.85 -25.67 -0.79
N ASP D 136 35.46 -26.26 -1.82
CA ASP D 136 34.85 -26.27 -3.14
C ASP D 136 33.75 -27.31 -3.10
N MET D 137 32.50 -26.86 -3.10
CA MET D 137 31.35 -27.77 -2.94
C MET D 137 31.05 -28.60 -4.19
N ALA D 138 31.80 -28.35 -5.27
CA ALA D 138 31.81 -29.19 -6.47
C ALA D 138 32.78 -30.37 -6.37
N ASP D 139 33.73 -30.30 -5.43
CA ASP D 139 34.73 -31.34 -5.23
C ASP D 139 34.29 -32.19 -4.02
N LEU D 140 33.61 -33.29 -4.30
CA LEU D 140 33.02 -34.13 -3.23
C LEU D 140 34.07 -34.82 -2.37
N GLN D 141 35.23 -35.07 -2.94
CA GLN D 141 36.32 -35.68 -2.21
C GLN D 141 36.89 -34.69 -1.22
N ALA D 142 37.07 -33.43 -1.63
CA ALA D 142 37.51 -32.37 -0.72
C ALA D 142 36.50 -32.11 0.41
N LEU D 143 35.21 -32.07 0.08
CA LEU D 143 34.18 -31.90 1.09
C LEU D 143 34.24 -33.02 2.11
N GLU D 144 34.24 -34.26 1.64
CA GLU D 144 34.37 -35.43 2.52
C GLU D 144 35.58 -35.28 3.45
N ALA D 145 36.71 -34.88 2.88
CA ALA D 145 37.95 -34.72 3.62
C ALA D 145 37.88 -33.62 4.68
N ALA D 146 37.03 -32.62 4.46
CA ALA D 146 36.90 -31.47 5.36
C ALA D 146 35.90 -31.69 6.49
N MET D 147 35.09 -32.75 6.43
CA MET D 147 34.10 -33.00 7.46
C MET D 147 34.81 -33.33 8.75
N THR D 148 34.39 -32.71 9.85
CA THR D 148 34.92 -33.00 11.19
C THR D 148 33.75 -33.32 12.09
N PRO D 149 34.00 -33.89 13.28
CA PRO D 149 32.87 -34.09 14.19
C PRO D 149 32.17 -32.78 14.60
N ALA D 150 32.85 -31.64 14.58
CA ALA D 150 32.22 -30.36 14.91
C ALA D 150 31.39 -29.77 13.74
N THR D 151 31.46 -30.36 12.55
CA THR D 151 30.72 -29.79 11.39
C THR D 151 29.21 -29.90 11.59
N ARG D 152 28.56 -28.77 11.75
CA ARG D 152 27.13 -28.71 12.08
C ARG D 152 26.29 -28.32 10.85
N VAL D 153 26.81 -27.39 10.05
CA VAL D 153 26.11 -26.86 8.91
C VAL D 153 27.02 -26.84 7.71
N ILE D 154 26.45 -27.16 6.57
CA ILE D 154 27.05 -26.92 5.29
C ILE D 154 26.19 -25.89 4.56
N TYR D 155 26.80 -24.75 4.17
CA TYR D 155 26.04 -23.66 3.59
C TYR D 155 26.67 -23.26 2.26
N PHE D 156 25.87 -23.15 1.20
CA PHE D 156 26.37 -22.66 -0.06
C PHE D 156 25.27 -22.11 -0.97
N GLU D 157 25.69 -21.36 -1.98
CA GLU D 157 24.82 -20.91 -3.05
C GLU D 157 25.09 -21.80 -4.25
N SER D 158 24.07 -22.09 -5.06
CA SER D 158 24.32 -22.76 -6.33
C SER D 158 23.24 -22.37 -7.34
N PRO D 159 23.60 -21.74 -8.46
CA PRO D 159 24.94 -21.23 -8.75
C PRO D 159 25.35 -20.08 -7.85
N ALA D 160 26.65 -19.86 -7.69
CA ALA D 160 27.16 -18.90 -6.72
C ALA D 160 27.27 -17.51 -7.31
N ASN D 161 27.01 -16.52 -6.46
CA ASN D 161 27.07 -15.11 -6.83
C ASN D 161 28.51 -14.66 -6.57
N PRO D 162 29.32 -14.26 -7.59
CA PRO D 162 28.88 -13.85 -8.93
C PRO D 162 29.39 -14.71 -10.09
N ASN D 163 30.27 -15.67 -9.82
CA ASN D 163 30.93 -16.48 -10.87
C ASN D 163 30.15 -17.72 -11.39
N MET D 164 29.01 -17.99 -10.76
CA MET D 164 28.12 -19.09 -11.12
C MET D 164 28.68 -20.52 -10.98
N HIS D 165 29.67 -20.64 -10.11
CA HIS D 165 30.14 -21.94 -9.68
C HIS D 165 28.99 -22.74 -9.06
N MET D 166 28.94 -24.02 -9.41
CA MET D 166 27.89 -24.96 -9.00
C MET D 166 28.38 -25.95 -7.96
N ALA D 167 27.48 -26.39 -7.10
CA ALA D 167 27.75 -27.49 -6.19
C ALA D 167 26.87 -28.64 -6.62
N ASP D 168 27.29 -29.89 -6.34
CA ASP D 168 26.43 -31.05 -6.55
C ASP D 168 25.64 -31.25 -5.27
N ILE D 169 24.38 -30.82 -5.29
CA ILE D 169 23.57 -30.75 -4.10
C ILE D 169 23.27 -32.14 -3.55
N ALA D 170 22.85 -33.06 -4.41
CA ALA D 170 22.59 -34.45 -3.96
C ALA D 170 23.84 -35.11 -3.41
N GLY D 171 24.98 -34.85 -4.04
CA GLY D 171 26.29 -35.31 -3.58
C GLY D 171 26.65 -34.78 -2.21
N VAL D 172 26.44 -33.47 -2.02
CA VAL D 172 26.67 -32.84 -0.73
C VAL D 172 25.73 -33.44 0.32
N ALA D 173 24.47 -33.62 -0.04
CA ALA D 173 23.46 -34.12 0.90
C ALA D 173 23.80 -35.54 1.36
N LYS D 174 24.34 -36.35 0.45
CA LYS D 174 24.72 -37.73 0.81
C LYS D 174 25.84 -37.72 1.87
N ILE D 175 26.86 -36.91 1.66
CA ILE D 175 27.93 -36.72 2.65
C ILE D 175 27.37 -36.22 3.99
N ALA D 176 26.47 -35.24 3.92
CA ALA D 176 25.85 -34.71 5.11
C ALA D 176 25.00 -35.76 5.83
N ARG D 177 24.35 -36.66 5.10
CA ARG D 177 23.58 -37.73 5.76
C ARG D 177 24.50 -38.72 6.54
N LYS D 178 25.64 -39.04 5.95
CA LYS D 178 26.61 -39.94 6.56
C LYS D 178 27.22 -39.37 7.84
N HIS D 179 27.54 -38.08 7.84
CA HIS D 179 28.18 -37.42 8.99
C HIS D 179 27.26 -36.77 9.99
N GLY D 180 26.10 -36.30 9.53
CA GLY D 180 25.13 -35.66 10.39
C GLY D 180 24.90 -34.17 10.27
N ALA D 181 25.36 -33.52 9.21
CA ALA D 181 25.30 -32.06 9.15
C ALA D 181 24.00 -31.58 8.49
N THR D 182 23.60 -30.36 8.80
CA THR D 182 22.43 -29.73 8.16
C THR D 182 22.87 -28.93 6.94
N VAL D 183 22.28 -29.24 5.79
CA VAL D 183 22.61 -28.59 4.53
C VAL D 183 21.63 -27.46 4.22
N VAL D 184 22.19 -26.28 4.03
CA VAL D 184 21.41 -25.06 3.76
C VAL D 184 21.85 -24.51 2.40
N VAL D 185 20.91 -24.38 1.45
CA VAL D 185 21.22 -23.91 0.09
C VAL D 185 20.50 -22.58 -0.19
N ASP D 186 21.28 -21.59 -0.58
CA ASP D 186 20.75 -20.33 -1.06
C ASP D 186 20.36 -20.53 -2.54
N ASN D 187 19.04 -20.54 -2.81
CA ASN D 187 18.44 -20.89 -4.10
C ASN D 187 17.89 -19.64 -4.84
N THR D 188 18.42 -18.47 -4.46
CA THR D 188 18.02 -17.19 -5.02
C THR D 188 18.08 -17.14 -6.52
N TYR D 189 19.23 -17.50 -7.08
CA TYR D 189 19.41 -17.41 -8.54
C TYR D 189 18.40 -18.23 -9.36
N CYS D 190 18.10 -19.46 -8.94
CA CYS D 190 17.26 -20.36 -9.73
C CYS D 190 15.77 -20.18 -9.50
N THR D 191 15.39 -19.97 -8.24
CA THR D 191 14.01 -20.10 -7.76
C THR D 191 13.58 -21.56 -7.78
N PRO D 192 12.50 -21.89 -7.05
CA PRO D 192 11.95 -23.23 -7.14
C PRO D 192 11.49 -23.63 -8.55
N TYR D 193 11.29 -22.67 -9.44
CA TYR D 193 10.86 -23.03 -10.79
C TYR D 193 11.97 -23.73 -11.56
N LEU D 194 13.24 -23.38 -11.30
CA LEU D 194 14.36 -23.99 -12.00
C LEU D 194 15.10 -25.06 -11.21
N GLN D 195 15.03 -25.02 -9.88
CA GLN D 195 15.86 -25.91 -9.05
C GLN D 195 15.25 -26.02 -7.68
N ARG D 196 15.13 -27.26 -7.19
CA ARG D 196 14.49 -27.51 -5.89
C ARG D 196 15.45 -28.31 -5.00
N PRO D 197 16.35 -27.61 -4.29
CA PRO D 197 17.38 -28.32 -3.52
C PRO D 197 16.86 -29.27 -2.46
N LEU D 198 15.69 -28.98 -1.88
CA LEU D 198 15.07 -29.88 -0.90
C LEU D 198 14.73 -31.24 -1.53
N GLU D 199 14.36 -31.24 -2.79
CA GLU D 199 14.07 -32.47 -3.50
C GLU D 199 15.34 -33.24 -3.86
N LEU D 200 16.50 -32.55 -3.82
CA LEU D 200 17.80 -33.21 -3.98
C LEU D 200 18.49 -33.60 -2.66
N GLY D 201 17.82 -33.41 -1.53
CA GLY D 201 18.30 -33.85 -0.22
C GLY D 201 18.76 -32.74 0.71
N ALA D 202 18.72 -31.48 0.28
CA ALA D 202 19.04 -30.37 1.21
C ALA D 202 18.02 -30.29 2.32
N ASP D 203 18.43 -29.76 3.47
CA ASP D 203 17.51 -29.65 4.60
C ASP D 203 16.73 -28.37 4.59
N LEU D 204 17.40 -27.30 4.17
CA LEU D 204 16.82 -25.96 4.17
C LEU D 204 17.23 -25.23 2.91
N VAL D 205 16.33 -24.39 2.42
CA VAL D 205 16.66 -23.46 1.36
C VAL D 205 16.32 -22.05 1.81
N VAL D 206 17.14 -21.09 1.39
CA VAL D 206 16.93 -19.69 1.66
C VAL D 206 16.87 -18.94 0.33
N HIS D 207 16.14 -17.84 0.32
CA HIS D 207 16.04 -16.94 -0.84
C HIS D 207 16.12 -15.51 -0.42
N SER D 208 16.72 -14.71 -1.31
CA SER D 208 16.44 -13.31 -1.35
C SER D 208 15.25 -13.19 -2.30
N ALA D 209 14.06 -13.08 -1.74
CA ALA D 209 12.84 -12.96 -2.51
C ALA D 209 12.72 -11.58 -3.17
N THR D 210 13.56 -10.65 -2.73
CA THR D 210 13.83 -9.38 -3.39
C THR D 210 14.11 -9.53 -4.89
N LYS D 211 14.63 -10.69 -5.30
CA LYS D 211 15.09 -10.90 -6.67
C LYS D 211 13.96 -11.49 -7.53
N TYR D 212 14.19 -12.64 -8.17
CA TYR D 212 13.22 -13.19 -9.10
C TYR D 212 11.84 -13.43 -8.51
N LEU D 213 11.74 -13.83 -7.24
CA LEU D 213 10.42 -14.24 -6.69
C LEU D 213 9.46 -13.06 -6.76
N SER D 214 9.93 -11.90 -6.27
CA SER D 214 9.23 -10.62 -6.46
C SER D 214 9.12 -10.26 -7.94
N GLY D 215 10.28 -10.25 -8.60
CA GLY D 215 10.37 -10.01 -10.03
C GLY D 215 10.33 -8.56 -10.48
N HIS D 216 9.92 -7.65 -9.60
CA HIS D 216 9.63 -6.29 -10.02
C HIS D 216 10.38 -5.22 -9.25
N GLY D 217 11.31 -5.64 -8.37
CA GLY D 217 12.27 -4.72 -7.74
C GLY D 217 11.70 -3.70 -6.80
N ASP D 218 10.53 -4.00 -6.25
CA ASP D 218 9.81 -3.04 -5.40
C ASP D 218 9.61 -3.50 -3.97
N ILE D 219 10.12 -4.64 -3.59
CA ILE D 219 10.08 -5.07 -2.20
C ILE D 219 11.42 -5.66 -1.84
N THR D 220 11.69 -5.70 -0.54
CA THR D 220 12.78 -6.46 -0.01
C THR D 220 12.15 -7.58 0.83
N ALA D 221 12.65 -8.80 0.67
CA ALA D 221 12.07 -9.95 1.35
C ALA D 221 12.97 -11.19 1.31
N GLY D 222 12.80 -12.06 2.32
CA GLY D 222 13.52 -13.32 2.41
C GLY D 222 12.55 -14.45 2.67
N ILE D 223 12.95 -15.64 2.26
CA ILE D 223 12.17 -16.85 2.52
C ILE D 223 13.14 -17.95 2.99
N VAL D 224 12.68 -18.74 3.95
CA VAL D 224 13.27 -20.02 4.30
C VAL D 224 12.23 -21.13 4.11
N VAL D 225 12.63 -22.23 3.50
CA VAL D 225 11.76 -23.42 3.39
C VAL D 225 12.53 -24.66 3.86
N GLY D 226 11.83 -25.54 4.53
CA GLY D 226 12.43 -26.80 4.95
C GLY D 226 11.46 -27.60 5.80
N SER D 227 12.01 -28.46 6.65
CA SER D 227 11.17 -29.26 7.54
C SER D 227 10.42 -28.41 8.55
N GLN D 228 9.24 -28.90 8.97
CA GLN D 228 8.48 -28.24 10.00
C GLN D 228 9.34 -27.97 11.23
N ALA D 229 10.10 -28.97 11.67
CA ALA D 229 10.89 -28.84 12.88
C ALA D 229 11.93 -27.72 12.75
N LEU D 230 12.66 -27.68 11.63
CA LEU D 230 13.74 -26.68 11.50
C LEU D 230 13.18 -25.30 11.28
N VAL D 231 12.15 -25.19 10.45
CA VAL D 231 11.53 -23.88 10.19
C VAL D 231 10.87 -23.32 11.45
N ASP D 232 10.19 -24.15 12.22
CA ASP D 232 9.63 -23.69 13.50
C ASP D 232 10.73 -23.14 14.43
N ARG D 233 11.85 -23.83 14.49
CA ARG D 233 12.96 -23.40 15.35
C ARG D 233 13.51 -22.05 14.95
N ILE D 234 13.67 -21.88 13.64
CA ILE D 234 14.16 -20.65 13.06
C ILE D 234 13.16 -19.51 13.29
N ARG D 235 11.88 -19.81 13.12
CA ARG D 235 10.83 -18.84 13.44
C ARG D 235 10.89 -18.38 14.88
N LEU D 236 10.95 -19.35 15.79
CA LEU D 236 10.77 -19.07 17.21
C LEU D 236 12.01 -18.58 17.93
N GLN D 237 13.19 -18.75 17.33
CA GLN D 237 14.42 -18.24 17.92
C GLN D 237 15.07 -17.21 17.00
N GLY D 238 15.48 -17.64 15.81
CA GLY D 238 16.17 -16.75 14.87
C GLY D 238 15.41 -15.48 14.53
N LEU D 239 14.17 -15.62 14.07
CA LEU D 239 13.37 -14.45 13.71
C LEU D 239 12.86 -13.72 14.97
N LYS D 240 12.19 -14.45 15.85
CA LYS D 240 11.51 -13.81 16.98
C LYS D 240 12.45 -13.12 17.99
N ASP D 241 13.61 -13.74 18.23
CA ASP D 241 14.55 -13.29 19.26
C ASP D 241 15.86 -12.69 18.71
N MET D 242 16.40 -13.24 17.63
CA MET D 242 17.78 -12.91 17.27
C MET D 242 17.94 -11.90 16.13
N THR D 243 16.91 -11.73 15.30
CA THR D 243 16.97 -10.74 14.24
C THR D 243 15.83 -9.75 14.19
N GLY D 244 14.61 -10.14 14.56
CA GLY D 244 13.44 -9.31 14.37
C GLY D 244 13.20 -8.90 12.90
N ALA D 245 13.61 -9.73 11.97
CA ALA D 245 13.54 -9.36 10.53
C ALA D 245 12.14 -9.72 10.01
N VAL D 246 11.16 -8.96 10.47
CA VAL D 246 9.73 -9.22 10.23
C VAL D 246 9.35 -8.68 8.85
N LEU D 247 8.67 -9.46 8.01
CA LEU D 247 8.21 -8.99 6.70
C LEU D 247 6.86 -8.28 6.82
N SER D 248 6.75 -7.12 6.19
CA SER D 248 5.48 -6.38 6.11
C SER D 248 4.41 -7.19 5.36
N PRO D 249 3.19 -7.29 5.91
CA PRO D 249 2.12 -7.94 5.13
C PRO D 249 1.86 -7.31 3.76
N HIS D 250 2.06 -5.98 3.67
CA HIS D 250 1.94 -5.29 2.39
C HIS D 250 2.95 -5.87 1.39
N ASP D 251 4.19 -6.05 1.82
CA ASP D 251 5.22 -6.59 0.92
C ASP D 251 5.03 -8.09 0.64
N ALA D 252 4.54 -8.83 1.62
CA ALA D 252 4.25 -10.23 1.43
C ALA D 252 3.19 -10.39 0.34
N ALA D 253 2.17 -9.52 0.32
CA ALA D 253 1.13 -9.56 -0.68
C ALA D 253 1.70 -9.23 -2.06
N LEU D 254 2.59 -8.24 -2.13
CA LEU D 254 3.26 -7.95 -3.39
C LEU D 254 4.14 -9.12 -3.89
N LEU D 255 4.77 -9.80 -2.95
CA LEU D 255 5.60 -10.96 -3.27
C LEU D 255 4.72 -12.06 -3.85
N MET D 256 3.60 -12.35 -3.20
CA MET D 256 2.64 -13.31 -3.77
C MET D 256 2.16 -12.93 -5.17
N ARG D 257 1.94 -11.64 -5.40
CA ARG D 257 1.50 -11.17 -6.70
C ARG D 257 2.58 -11.50 -7.74
N GLY D 258 3.85 -11.23 -7.40
CA GLY D 258 4.98 -11.54 -8.25
C GLY D 258 5.10 -13.03 -8.53
N ILE D 259 4.87 -13.87 -7.52
CA ILE D 259 4.99 -15.33 -7.66
C ILE D 259 3.97 -15.87 -8.67
N LYS D 260 2.81 -15.20 -8.80
CA LYS D 260 1.80 -15.62 -9.79
C LYS D 260 2.29 -15.63 -11.25
N THR D 261 3.32 -14.86 -11.57
CA THR D 261 3.93 -14.87 -12.90
C THR D 261 5.32 -15.44 -12.95
N LEU D 262 5.76 -16.09 -11.88
CA LEU D 262 7.14 -16.59 -11.80
C LEU D 262 7.51 -17.47 -12.99
N ASN D 263 6.68 -18.45 -13.32
CA ASN D 263 6.99 -19.35 -14.44
C ASN D 263 7.20 -18.59 -15.78
N LEU D 264 6.33 -17.63 -16.03
CA LEU D 264 6.34 -16.91 -17.30
C LEU D 264 7.55 -15.99 -17.33
N ARG D 265 7.85 -15.34 -16.22
CA ARG D 265 8.99 -14.44 -16.16
C ARG D 265 10.28 -15.22 -16.29
N MET D 266 10.44 -16.28 -15.51
CA MET D 266 11.69 -17.08 -15.61
C MET D 266 11.89 -17.63 -17.03
N ASP D 267 10.82 -18.07 -17.68
CA ASP D 267 10.94 -18.55 -19.06
C ASP D 267 11.55 -17.46 -19.96
N ARG D 268 11.11 -16.22 -19.77
CA ARG D 268 11.57 -15.12 -20.62
C ARG D 268 12.97 -14.66 -20.23
N HIS D 269 13.25 -14.60 -18.94
CA HIS D 269 14.63 -14.32 -18.47
C HIS D 269 15.61 -15.33 -19.10
N CYS D 270 15.27 -16.61 -19.04
CA CYS D 270 16.16 -17.66 -19.56
C CYS D 270 16.29 -17.62 -21.10
N ALA D 271 15.16 -17.45 -21.79
CA ALA D 271 15.18 -17.32 -23.26
C ALA D 271 16.03 -16.14 -23.70
N ASN D 272 15.86 -15.01 -23.04
CA ASN D 272 16.62 -13.82 -23.39
C ASN D 272 18.10 -13.99 -23.08
N ALA D 273 18.40 -14.59 -21.93
CA ALA D 273 19.81 -14.75 -21.53
C ALA D 273 20.51 -15.74 -22.47
N GLN D 274 19.80 -16.80 -22.89
CA GLN D 274 20.37 -17.76 -23.82
C GLN D 274 20.78 -17.08 -25.15
N VAL D 275 19.89 -16.26 -25.71
CA VAL D 275 20.19 -15.53 -26.94
C VAL D 275 21.35 -14.56 -26.74
N LEU D 276 21.35 -13.83 -25.63
CA LEU D 276 22.41 -12.87 -25.36
C LEU D 276 23.77 -13.56 -25.13
N ALA D 277 23.75 -14.68 -24.43
CA ALA D 277 24.98 -15.43 -24.16
C ALA D 277 25.59 -16.02 -25.45
N GLU D 278 24.74 -16.56 -26.32
CA GLU D 278 25.19 -17.08 -27.64
C GLU D 278 25.73 -15.96 -28.52
N PHE D 279 25.07 -14.81 -28.48
CA PHE D 279 25.55 -13.63 -29.17
C PHE D 279 26.89 -13.18 -28.62
N LEU D 280 27.01 -13.05 -27.29
CA LEU D 280 28.28 -12.59 -26.67
C LEU D 280 29.49 -13.52 -26.87
N ALA D 281 29.23 -14.81 -26.90
CA ALA D 281 30.29 -15.80 -27.11
C ALA D 281 30.95 -15.62 -28.48
N ARG D 282 30.23 -15.05 -29.46
CA ARG D 282 30.71 -14.86 -30.83
C ARG D 282 31.27 -13.46 -31.13
N GLN D 283 31.14 -12.49 -30.22
CA GLN D 283 31.66 -11.14 -30.47
C GLN D 283 33.16 -11.09 -30.17
N PRO D 284 33.95 -10.40 -31.05
CA PRO D 284 35.40 -10.23 -30.89
C PRO D 284 35.91 -9.79 -29.49
N GLN D 285 35.21 -8.85 -28.85
CA GLN D 285 35.73 -8.23 -27.61
C GLN D 285 35.69 -9.14 -26.36
N VAL D 286 34.91 -10.22 -26.40
CA VAL D 286 34.72 -11.07 -25.22
C VAL D 286 35.87 -12.05 -25.02
N GLU D 287 36.51 -12.02 -23.84
CA GLU D 287 37.59 -12.93 -23.50
C GLU D 287 37.01 -14.30 -23.17
N LEU D 288 36.25 -14.36 -22.06
CA LEU D 288 35.51 -15.55 -21.69
C LEU D 288 34.06 -15.19 -21.30
N ILE D 289 33.16 -16.16 -21.46
CA ILE D 289 31.77 -16.00 -21.00
C ILE D 289 31.38 -17.24 -20.21
N HIS D 290 30.75 -17.01 -19.07
CA HIS D 290 30.24 -18.06 -18.21
C HIS D 290 28.70 -17.94 -18.14
N TYR D 291 28.05 -18.80 -18.93
CA TYR D 291 26.60 -18.92 -18.90
C TYR D 291 26.28 -20.41 -18.89
N PRO D 292 25.48 -20.89 -17.91
CA PRO D 292 25.21 -22.32 -17.78
C PRO D 292 24.63 -23.02 -19.02
N GLY D 293 23.99 -22.27 -19.89
CA GLY D 293 23.43 -22.77 -21.13
C GLY D 293 24.40 -22.97 -22.28
N LEU D 294 25.67 -22.57 -22.14
CA LEU D 294 26.69 -22.81 -23.18
C LEU D 294 27.53 -24.00 -22.79
N ALA D 295 27.90 -24.81 -23.77
CA ALA D 295 28.71 -26.01 -23.50
C ALA D 295 30.13 -25.64 -23.01
N SER D 296 30.58 -24.41 -23.26
CA SER D 296 31.82 -23.89 -22.66
C SER D 296 31.77 -23.71 -21.16
N PHE D 297 30.58 -23.74 -20.56
CA PHE D 297 30.44 -23.51 -19.12
C PHE D 297 31.16 -24.63 -18.42
N PRO D 298 32.09 -24.31 -17.49
CA PRO D 298 32.92 -25.35 -16.91
C PRO D 298 32.18 -26.50 -16.22
N GLN D 299 31.00 -26.24 -15.66
CA GLN D 299 30.20 -27.31 -15.05
C GLN D 299 28.89 -27.54 -15.81
N TYR D 300 29.02 -27.56 -17.13
CA TYR D 300 27.87 -27.67 -18.02
C TYR D 300 26.94 -28.82 -17.66
N THR D 301 27.48 -30.02 -17.41
CA THR D 301 26.62 -31.19 -17.23
C THR D 301 25.95 -31.14 -15.85
N LEU D 302 26.65 -30.61 -14.85
CA LEU D 302 26.05 -30.45 -13.49
C LEU D 302 24.90 -29.44 -13.57
N ALA D 303 25.11 -28.37 -14.34
CA ALA D 303 24.06 -27.36 -14.52
C ALA D 303 22.83 -27.98 -15.20
N ARG D 304 23.04 -28.74 -16.27
CA ARG D 304 21.95 -29.45 -16.95
C ARG D 304 21.20 -30.43 -16.04
N GLN D 305 21.92 -31.07 -15.15
CA GLN D 305 21.34 -32.05 -14.26
C GLN D 305 20.48 -31.41 -13.17
N GLN D 306 20.93 -30.30 -12.59
CA GLN D 306 20.26 -29.68 -11.43
C GLN D 306 19.27 -28.60 -11.78
N MET D 307 19.47 -27.89 -12.89
CA MET D 307 18.65 -26.73 -13.25
C MET D 307 17.82 -27.05 -14.48
N SER D 308 16.50 -26.84 -14.42
CA SER D 308 15.66 -27.12 -15.60
C SER D 308 15.89 -26.16 -16.76
N GLN D 309 16.39 -24.96 -16.46
CA GLN D 309 16.79 -24.00 -17.46
C GLN D 309 18.00 -23.27 -16.93
N PRO D 310 18.81 -22.66 -17.83
CA PRO D 310 20.11 -22.15 -17.44
C PRO D 310 20.17 -20.78 -16.76
N GLY D 311 19.03 -20.13 -16.50
CA GLY D 311 18.97 -18.96 -15.65
C GLY D 311 19.05 -17.66 -16.43
N GLY D 312 18.91 -16.57 -15.70
CA GLY D 312 18.90 -15.24 -16.31
C GLY D 312 20.18 -14.46 -16.13
N MET D 313 21.20 -15.07 -15.54
CA MET D 313 22.45 -14.39 -15.20
C MET D 313 23.58 -14.77 -16.15
N ILE D 314 24.35 -13.77 -16.61
CA ILE D 314 25.52 -13.97 -17.43
C ILE D 314 26.69 -13.30 -16.70
N ALA D 315 27.80 -14.04 -16.55
CA ALA D 315 29.06 -13.47 -16.05
C ALA D 315 30.05 -13.59 -17.19
N PHE D 316 30.68 -12.48 -17.57
CA PHE D 316 31.67 -12.50 -18.65
C PHE D 316 32.79 -11.48 -18.42
N GLU D 317 33.79 -11.53 -19.31
CA GLU D 317 35.00 -10.74 -19.14
C GLU D 317 35.45 -10.26 -20.50
N LEU D 318 35.74 -8.96 -20.62
CA LEU D 318 36.16 -8.38 -21.89
C LEU D 318 37.68 -8.42 -22.00
N LYS D 319 38.14 -8.44 -23.25
CA LYS D 319 39.54 -8.15 -23.56
C LYS D 319 39.74 -6.66 -23.32
N GLY D 320 40.71 -6.33 -22.47
CA GLY D 320 40.86 -4.97 -21.92
C GLY D 320 40.81 -4.98 -20.40
N GLY D 321 40.44 -6.12 -19.81
CA GLY D 321 40.42 -6.30 -18.36
C GLY D 321 39.28 -5.54 -17.71
N ILE D 322 39.57 -4.93 -16.56
CA ILE D 322 38.64 -4.03 -15.89
C ILE D 322 38.45 -2.70 -16.65
N GLY D 323 39.49 -2.19 -17.31
CA GLY D 323 39.42 -0.93 -18.06
C GLY D 323 38.31 -0.88 -19.08
N ALA D 324 38.29 -1.89 -19.96
CA ALA D 324 37.24 -2.04 -20.97
C ALA D 324 35.87 -2.30 -20.34
N GLY D 325 35.85 -3.05 -19.25
CA GLY D 325 34.63 -3.33 -18.48
C GLY D 325 33.90 -2.06 -18.09
N ARG D 326 34.65 -1.10 -17.56
CA ARG D 326 34.09 0.20 -17.22
C ARG D 326 33.60 0.98 -18.45
N ARG D 327 34.32 0.95 -19.58
CA ARG D 327 33.84 1.66 -20.79
C ARG D 327 32.57 1.03 -21.40
N PHE D 328 32.49 -0.30 -21.35
CA PHE D 328 31.33 -1.03 -21.84
C PHE D 328 30.12 -0.64 -21.00
N MET D 329 30.23 -0.88 -19.70
CA MET D 329 29.14 -0.61 -18.76
C MET D 329 28.71 0.86 -18.82
N ASN D 330 29.65 1.78 -19.04
CA ASN D 330 29.32 3.19 -19.21
C ASN D 330 28.59 3.54 -20.49
N ALA D 331 28.75 2.77 -21.55
CA ALA D 331 28.01 3.05 -22.81
C ALA D 331 26.60 2.45 -22.88
N LEU D 332 26.24 1.57 -21.96
CA LEU D 332 24.90 0.98 -21.96
C LEU D 332 23.82 2.05 -21.83
N GLN D 333 22.79 1.94 -22.67
CA GLN D 333 21.65 2.85 -22.67
C GLN D 333 20.28 2.22 -22.31
N LEU D 334 20.17 0.89 -22.30
CA LEU D 334 18.91 0.21 -21.96
C LEU D 334 19.11 -0.62 -20.70
N PHE D 335 20.15 -1.44 -20.69
CA PHE D 335 20.70 -1.97 -19.44
C PHE D 335 20.99 -0.81 -18.48
N SER D 336 20.69 -0.97 -17.17
CA SER D 336 21.02 0.02 -16.17
C SER D 336 22.23 -0.45 -15.39
N ARG D 337 23.05 0.52 -14.97
CA ARG D 337 24.18 0.25 -14.08
C ARG D 337 23.66 0.20 -12.64
N ALA D 338 23.55 -1.01 -12.10
CA ALA D 338 22.95 -1.19 -10.79
C ALA D 338 23.26 -2.58 -10.28
N VAL D 339 23.26 -2.72 -8.96
CA VAL D 339 23.28 -4.04 -8.35
C VAL D 339 21.83 -4.57 -8.36
N SER D 340 21.64 -5.71 -7.70
CA SER D 340 20.40 -6.47 -7.74
C SER D 340 20.31 -7.32 -9.01
N LEU D 341 19.26 -8.12 -9.05
CA LEU D 341 19.06 -9.05 -10.14
C LEU D 341 17.63 -9.54 -10.03
N GLY D 342 17.19 -10.21 -11.07
CA GLY D 342 15.84 -10.75 -11.11
C GLY D 342 14.75 -9.72 -11.21
N ASP D 343 15.08 -8.58 -11.78
CA ASP D 343 14.16 -7.50 -12.05
C ASP D 343 13.64 -7.59 -13.50
N ALA D 344 12.52 -6.96 -13.78
CA ALA D 344 12.03 -6.85 -15.17
C ALA D 344 13.03 -6.06 -16.04
N GLU D 345 13.68 -5.08 -15.42
CA GLU D 345 14.72 -4.26 -16.05
C GLU D 345 16.06 -4.99 -16.09
N SER D 346 16.73 -4.95 -17.23
CA SER D 346 18.05 -5.54 -17.37
C SER D 346 19.09 -4.70 -16.64
N LEU D 347 19.99 -5.38 -15.93
CA LEU D 347 20.97 -4.70 -15.08
C LEU D 347 22.38 -5.24 -15.38
N ALA D 348 23.36 -4.37 -15.21
CA ALA D 348 24.77 -4.70 -15.38
C ALA D 348 25.58 -4.09 -14.22
N GLN D 349 26.47 -4.89 -13.62
CA GLN D 349 27.31 -4.44 -12.49
C GLN D 349 28.68 -5.05 -12.54
N HIS D 350 29.52 -4.60 -11.61
CA HIS D 350 30.92 -5.01 -11.50
C HIS D 350 31.09 -5.55 -10.07
N PRO D 351 31.03 -6.90 -9.89
CA PRO D 351 31.03 -7.47 -8.53
C PRO D 351 32.17 -7.00 -7.60
N ALA D 352 33.40 -6.91 -8.13
CA ALA D 352 34.56 -6.62 -7.29
C ALA D 352 34.52 -5.27 -6.56
N SER D 353 33.88 -4.25 -7.15
CA SER D 353 33.71 -2.93 -6.52
C SER D 353 32.30 -2.66 -6.00
N MET D 354 31.36 -3.60 -6.20
CA MET D 354 29.95 -3.37 -5.80
C MET D 354 29.41 -4.48 -4.85
N THR D 355 28.81 -5.55 -5.39
CA THR D 355 28.23 -6.64 -4.58
C THR D 355 29.23 -7.44 -3.71
N HIS D 356 30.51 -7.42 -4.09
CA HIS D 356 31.58 -8.12 -3.35
C HIS D 356 32.66 -7.14 -2.92
N SER D 357 32.23 -5.91 -2.61
CA SER D 357 33.09 -4.91 -1.96
C SER D 357 33.45 -5.27 -0.50
N SER D 358 32.61 -6.07 0.16
N SER D 358 32.63 -6.08 0.17
CA SER D 358 32.86 -6.55 1.52
CA SER D 358 32.91 -6.55 1.54
C SER D 358 34.14 -7.42 1.63
C SER D 358 34.20 -7.36 1.61
N TYR D 359 34.48 -8.13 0.55
CA TYR D 359 35.73 -8.87 0.44
C TYR D 359 36.90 -7.88 0.22
N THR D 360 38.07 -8.21 0.78
CA THR D 360 39.33 -7.49 0.42
C THR D 360 39.76 -7.91 -1.00
N PRO D 361 40.72 -7.16 -1.63
CA PRO D 361 41.25 -7.59 -2.95
C PRO D 361 41.84 -9.01 -2.99
N GLU D 362 42.70 -9.34 -2.02
CA GLU D 362 43.31 -10.68 -1.94
C GLU D 362 42.27 -11.79 -1.67
N GLU D 363 41.24 -11.48 -0.86
CA GLU D 363 40.10 -12.40 -0.64
C GLU D 363 39.29 -12.62 -1.94
N ARG D 364 39.08 -11.55 -2.70
CA ARG D 364 38.44 -11.66 -4.03
C ARG D 364 39.25 -12.56 -4.98
N ALA D 365 40.57 -12.35 -5.05
CA ALA D 365 41.45 -13.26 -5.81
C ALA D 365 41.39 -14.70 -5.25
N HIS D 366 41.34 -14.85 -3.92
CA HIS D 366 41.32 -16.19 -3.29
C HIS D 366 39.99 -16.96 -3.45
N TYR D 367 38.87 -16.24 -3.49
CA TYR D 367 37.53 -16.87 -3.56
C TYR D 367 36.85 -16.76 -4.95
N GLY D 368 37.66 -16.65 -6.00
CA GLY D 368 37.16 -16.72 -7.37
C GLY D 368 36.39 -15.51 -7.89
N ILE D 369 36.67 -14.32 -7.34
CA ILE D 369 36.04 -13.07 -7.80
C ILE D 369 37.09 -12.21 -8.52
N SER D 370 37.00 -12.17 -9.84
CA SER D 370 38.00 -11.56 -10.70
C SER D 370 37.77 -10.06 -10.81
N GLU D 371 38.87 -9.34 -11.00
CA GLU D 371 38.82 -8.00 -11.57
C GLU D 371 38.56 -8.24 -13.06
N GLY D 372 37.67 -7.46 -13.67
CA GLY D 372 37.29 -7.67 -15.08
C GLY D 372 35.96 -8.41 -15.28
N LEU D 373 35.47 -9.08 -14.25
CA LEU D 373 34.16 -9.73 -14.28
C LEU D 373 33.07 -8.65 -14.39
N VAL D 374 32.22 -8.81 -15.41
CA VAL D 374 30.99 -8.04 -15.62
C VAL D 374 29.85 -9.06 -15.47
N ARG D 375 28.87 -8.72 -14.63
CA ARG D 375 27.70 -9.56 -14.36
C ARG D 375 26.48 -8.88 -14.98
N LEU D 376 25.73 -9.63 -15.77
CA LEU D 376 24.47 -9.17 -16.34
C LEU D 376 23.30 -9.92 -15.70
N SER D 377 22.27 -9.16 -15.31
CA SER D 377 20.97 -9.73 -14.96
C SER D 377 20.09 -9.41 -16.15
N VAL D 378 19.77 -10.42 -16.94
CA VAL D 378 19.05 -10.23 -18.17
C VAL D 378 17.55 -10.12 -17.83
N GLY D 379 16.94 -9.01 -18.25
CA GLY D 379 15.56 -8.71 -17.94
C GLY D 379 14.58 -9.20 -18.98
N LEU D 380 13.43 -8.54 -19.00
CA LEU D 380 12.26 -9.02 -19.73
C LEU D 380 12.03 -8.20 -20.99
N GLU D 381 12.92 -7.27 -21.29
CA GLU D 381 12.77 -6.44 -22.50
C GLU D 381 12.87 -7.27 -23.78
N ASP D 382 12.46 -6.66 -24.88
CA ASP D 382 12.57 -7.28 -26.22
C ASP D 382 14.03 -7.60 -26.49
N ILE D 383 14.31 -8.85 -26.84
CA ILE D 383 15.69 -9.31 -27.00
C ILE D 383 16.44 -8.51 -28.08
N ASP D 384 15.74 -8.06 -29.11
CA ASP D 384 16.39 -7.25 -30.18
C ASP D 384 16.88 -5.92 -29.67
N ASP D 385 16.15 -5.34 -28.72
CA ASP D 385 16.59 -4.10 -28.08
C ASP D 385 17.79 -4.32 -27.18
N LEU D 386 17.79 -5.44 -26.43
CA LEU D 386 18.93 -5.79 -25.59
C LEU D 386 20.19 -6.12 -26.42
N LEU D 387 20.03 -6.90 -27.47
CA LEU D 387 21.15 -7.18 -28.40
C LEU D 387 21.74 -5.88 -28.98
N ALA D 388 20.88 -4.99 -29.47
CA ALA D 388 21.35 -3.69 -30.00
C ALA D 388 22.13 -2.91 -28.96
N ASP D 389 21.65 -2.90 -27.71
CA ASP D 389 22.33 -2.19 -26.64
C ASP D 389 23.69 -2.79 -26.32
N VAL D 390 23.77 -4.12 -26.20
CA VAL D 390 25.04 -4.76 -25.88
C VAL D 390 26.01 -4.58 -27.07
N GLN D 391 25.47 -4.64 -28.29
CA GLN D 391 26.22 -4.53 -29.55
C GLN D 391 26.91 -3.16 -29.62
N GLN D 392 26.15 -2.09 -29.44
CA GLN D 392 26.73 -0.73 -29.44
C GLN D 392 27.68 -0.47 -28.27
N ALA D 393 27.41 -1.04 -27.10
CA ALA D 393 28.31 -0.84 -25.94
C ALA D 393 29.67 -1.54 -26.11
N LEU D 394 29.64 -2.72 -26.75
CA LEU D 394 30.86 -3.45 -27.13
C LEU D 394 31.75 -2.60 -28.06
N LYS D 395 31.12 -2.00 -29.06
CA LYS D 395 31.77 -1.09 -30.01
C LYS D 395 32.49 0.06 -29.30
N ALA D 396 31.77 0.72 -28.40
CA ALA D 396 32.33 1.80 -27.57
C ALA D 396 33.43 1.35 -26.59
N SER D 397 33.44 0.08 -26.21
CA SER D 397 34.51 -0.44 -25.33
C SER D 397 35.82 -0.76 -26.07
N ALA D 398 35.75 -0.84 -27.40
CA ALA D 398 36.87 -1.19 -28.25
C ALA D 398 37.97 -0.14 -28.16
C 3LM E . -9.91 23.43 -2.09
N 3LM E . -11.39 21.53 -2.20
O1 3LM E . -8.94 24.13 -2.47
P 3LM E . -12.23 16.49 -4.22
N1 3LM E . -16.22 20.38 -1.68
C2 3LM E . -15.42 21.17 -0.95
C3 3LM E . -14.06 21.12 -1.21
O3 3LM E . -13.25 21.92 -0.48
C4 3LM E . -13.52 20.29 -2.22
C5 3LM E . -14.37 19.47 -2.97
C6 3LM E . -15.75 19.53 -2.68
CA 3LM E . -10.28 22.13 -2.74
CB 3LM E . -9.64 21.57 -3.87
SD 3LM E . -7.80 21.30 -6.03
CE 3LM E . -8.09 22.50 -7.33
CG 3LM E . -8.44 22.18 -4.61
C2A 3LM E . -15.99 22.10 0.13
C4A 3LM E . -12.04 20.23 -2.53
C5A 3LM E . -13.88 18.51 -4.10
OP1 3LM E . -12.91 15.99 -5.45
OP2 3LM E . -11.01 17.26 -4.52
OP3 3LM E . -11.94 15.34 -3.31
OP4 3LM E . -13.28 17.47 -3.37
O2 3LM E . -10.60 23.85 -1.14
C 3LM F . -17.11 -8.21 -16.53
N 3LM F . -16.45 -5.97 -17.01
O1 3LM F . -16.78 -8.48 -17.69
P 3LM F . -15.02 -1.34 -14.53
N1 3LM F . -15.79 -2.42 -20.49
C2 3LM F . -15.74 -3.76 -20.54
C3 3LM F . -15.87 -4.47 -19.35
O3 3LM F . -15.80 -5.84 -19.40
C4 3LM F . -16.04 -3.83 -18.12
C5 3LM F . -16.11 -2.42 -18.10
C6 3LM F . -15.95 -1.75 -19.29
CA 3LM F . -16.98 -6.81 -16.08
CB 3LM F . -17.41 -6.30 -14.84
SD 3LM F . -18.52 -6.25 -12.26
CE 3LM F . -20.29 -6.26 -12.54
CG 3LM F . -18.02 -7.10 -13.72
C2A 3LM F . -15.55 -4.44 -21.89
C4A 3LM F . -16.23 -4.53 -16.82
C5A 3LM F . -16.30 -1.61 -16.79
OP1 3LM F . -13.55 -1.17 -14.26
OP2 3LM F . -15.58 -2.46 -13.72
OP3 3LM F . -15.79 -0.10 -14.27
OP4 3LM F . -15.09 -1.75 -16.12
O2 3LM F . -17.48 -9.16 -15.81
C 3LM G . 3.92 -6.02 24.09
N 3LM G . 5.85 -5.12 22.91
O1 3LM G . 2.96 -6.78 24.26
P 3LM G . 8.61 -5.42 18.22
N1 3LM G . 10.45 -3.20 23.60
C2 3LM G . 9.29 -2.97 24.24
C3 3LM G . 8.13 -3.53 23.70
O3 3LM G . 6.95 -3.27 24.33
C4 3LM G . 8.16 -4.34 22.54
C5 3LM G . 9.38 -4.59 21.91
C6 3LM G . 10.51 -3.98 22.46
CA 3LM G . 4.85 -6.06 22.91
CB 3LM G . 4.81 -7.05 21.91
SD 3LM G . 3.88 -9.24 20.44
CE 3LM G . 4.40 -10.71 21.31
CG 3LM G . 3.77 -8.14 21.81
C2A 3LM G . 9.27 -2.09 25.50
C4A 3LM G . 6.95 -4.98 21.90
C5A 3LM G . 9.58 -5.44 20.64
OP1 3LM G . 9.70 -6.34 17.73
OP2 3LM G . 7.43 -6.25 18.55
OP3 3LM G . 8.32 -4.30 17.28
OP4 3LM G . 9.11 -4.65 19.59
O2 3LM G . 4.10 -5.17 24.98
C 3LM H . 23.14 -8.61 -5.66
N 3LM H . 22.05 -9.85 -3.93
O1 3LM H . 23.33 -9.66 -6.27
P 3LM H . 18.73 -9.23 0.50
N1 3LM H . 21.71 -14.20 -1.42
C2 3LM H . 21.98 -13.95 -2.70
C3 3LM H . 21.86 -12.64 -3.14
O3 3LM H . 22.16 -12.38 -4.43
C4 3LM H . 21.46 -11.59 -2.29
C5 3LM H . 21.18 -11.89 -0.95
C6 3LM H . 21.29 -13.20 -0.54
CA 3LM H . 22.44 -8.61 -4.34
CB 3LM H . 22.33 -7.49 -3.49
SD 3LM H . 22.50 -4.73 -2.68
CE 3LM H . 24.21 -4.52 -2.18
CG 3LM H . 22.75 -6.06 -3.87
C2A 3LM H . 22.44 -15.09 -3.59
C4A 3LM H . 21.34 -10.16 -2.67
C5A 3LM H . 20.74 -10.81 0.11
OP1 3LM H . 19.29 -8.04 -0.23
OP2 3LM H . 19.07 -9.16 1.96
OP3 3LM H . 17.28 -9.30 0.23
OP4 3LM H . 19.39 -10.56 -0.15
O2 3LM H . 23.51 -7.58 -6.24
#